data_6WW0
#
_entry.id   6WW0
#
_cell.length_a   85.722
_cell.length_b   151.182
_cell.length_c   169.944
_cell.angle_alpha   90.000
_cell.angle_beta   90.000
_cell.angle_gamma   90.000
#
_symmetry.space_group_name_H-M   'P 21 21 21'
#
loop_
_entity.id
_entity.type
_entity.pdbx_description
1 polymer 'Steroid 17-alpha-hydroxylase/17,20 lyase'
2 non-polymer 'PROTOPORPHYRIN IX CONTAINING FE'
3 non-polymer (5alpha,8alpha)-17-(pyridin-3-yl)androst-16-en-3-one
4 non-polymer 'CHLORIDE ION'
5 water water
#
_entity_poly.entity_id   1
_entity_poly.type   'polypeptide(L)'
_entity_poly.pdbx_seq_one_letter_code
;MAKKTGAKYPKSLLSLPLVGSLPFLPRHGHMHNNFFKLQKKYGPIYSVRMGTKTTVIVGHHQLAKEVLIKKGKDFSGRPQ
MATLDIASNNRKGIAFADSGAHWQLHRRLAMATFALFKDGDQKLEKIICQEISTLCDMLATHNGQSIDISFPVFVAVTNV
ISLICFNTSYKNGDPELNVIQNYNEGIIDNLSKDSLVDLVPWLKIFPNKTLEKLKSHVKIRNDLLNKILENYKEKFRSDS
ITNMLDTLMQAKMNSDNGNAGPDQDSELLSDNHILTTIGDIFGAGVETTTSVVKWTLAFLLHNPQVKKKLYEEIDQNVGF
SRTPTISDRNRLLLLEATIREVLRLRPVAPMLIPHKANVDSSIGEFAVDKGTEVIINLWALHHNEKEWHQPDQFMPERFL
NPAGTQLISPSVSYLPFGAGPRSCIGEILARQELFLIMAWLLQRFDLEVPDDGQLPSLEGIPKVVFLIDSFKVKIKVRQA
WREAQAEGSTHHHH
;
_entity_poly.pdbx_strand_id   A,B,C,D
#
# COMPACT_ATOMS: atom_id res chain seq x y z
N LEU A 13 -13.55 -11.53 -44.91
CA LEU A 13 -13.60 -11.19 -43.48
C LEU A 13 -14.44 -9.93 -43.29
N LEU A 14 -15.03 -9.77 -42.11
CA LEU A 14 -15.99 -8.74 -41.83
C LEU A 14 -15.74 -8.20 -40.43
N SER A 15 -16.09 -6.95 -40.22
CA SER A 15 -15.96 -6.45 -38.84
C SER A 15 -17.10 -6.96 -37.96
N LEU A 16 -16.70 -7.25 -36.71
CA LEU A 16 -17.54 -7.83 -35.68
C LEU A 16 -18.77 -6.99 -35.38
N PRO A 17 -19.92 -7.63 -35.13
CA PRO A 17 -21.05 -6.87 -34.61
C PRO A 17 -20.58 -6.19 -33.34
N LEU A 18 -20.95 -4.92 -33.21
CA LEU A 18 -20.60 -4.07 -32.07
C LEU A 18 -21.84 -3.77 -31.24
N VAL A 19 -21.81 -4.14 -29.96
CA VAL A 19 -22.96 -3.94 -29.11
C VAL A 19 -22.79 -2.71 -28.24
N GLY A 20 -21.56 -2.23 -28.05
CA GLY A 20 -21.29 -1.11 -27.20
C GLY A 20 -19.89 -0.59 -27.45
N SER A 21 -19.73 0.70 -27.19
CA SER A 21 -18.48 1.41 -27.40
C SER A 21 -18.40 2.57 -26.43
N LEU A 22 -17.30 2.66 -25.68
CA LEU A 22 -17.02 3.82 -24.88
C LEU A 22 -15.67 4.38 -25.27
N PRO A 23 -15.51 5.72 -25.26
CA PRO A 23 -14.28 6.32 -25.82
C PRO A 23 -13.05 6.18 -24.93
N PHE A 24 -13.20 5.89 -23.65
CA PHE A 24 -12.04 5.63 -22.80
C PHE A 24 -12.42 4.54 -21.83
N LEU A 25 -11.41 4.04 -21.17
CA LEU A 25 -11.60 2.92 -20.25
C LEU A 25 -12.22 3.39 -18.93
N PRO A 26 -13.22 2.70 -18.41
CA PRO A 26 -13.82 3.13 -17.13
C PRO A 26 -12.89 2.89 -15.96
N ARG A 27 -12.95 3.80 -14.99
CA ARG A 27 -12.16 3.75 -13.76
C ARG A 27 -10.67 3.77 -14.03
N HIS A 28 -10.27 4.53 -15.03
CA HIS A 28 -8.86 4.69 -15.37
C HIS A 28 -8.64 6.18 -15.58
N GLY A 29 -7.91 6.81 -14.69
CA GLY A 29 -7.77 8.25 -14.72
C GLY A 29 -8.99 8.93 -14.15
N HIS A 30 -8.88 10.24 -13.98
CA HIS A 30 -10.00 11.01 -13.49
C HIS A 30 -10.97 11.33 -14.62
N MET A 31 -12.25 11.15 -14.32
CA MET A 31 -13.28 11.33 -15.33
C MET A 31 -13.22 12.73 -15.95
N HIS A 32 -12.98 13.75 -15.12
CA HIS A 32 -13.00 15.10 -15.66
C HIS A 32 -11.84 15.32 -16.60
N ASN A 33 -10.69 14.71 -16.33
CA ASN A 33 -9.58 14.80 -17.24
C ASN A 33 -9.78 13.94 -18.48
N ASN A 34 -10.37 12.75 -18.33
CA ASN A 34 -10.62 11.94 -19.50
C ASN A 34 -11.53 12.67 -20.48
N PHE A 35 -12.61 13.31 -19.97
CA PHE A 35 -13.51 14.07 -20.84
C PHE A 35 -12.77 15.21 -21.53
N PHE A 36 -11.91 15.89 -20.78
CA PHE A 36 -11.12 16.98 -21.33
C PHE A 36 -10.22 16.51 -22.45
N LYS A 37 -9.53 15.40 -22.24
CA LYS A 37 -8.66 14.84 -23.24
C LYS A 37 -9.43 14.52 -24.53
N LEU A 38 -10.67 14.10 -24.43
CA LEU A 38 -11.46 13.82 -25.62
C LEU A 38 -11.74 15.01 -26.54
N GLN A 39 -11.76 16.22 -26.00
CA GLN A 39 -12.00 17.45 -26.75
C GLN A 39 -11.02 17.66 -27.90
N LYS A 40 -9.81 17.13 -27.80
CA LYS A 40 -8.83 17.21 -28.86
C LYS A 40 -9.36 16.48 -30.10
N LYS A 41 -10.13 15.46 -29.89
CA LYS A 41 -10.65 14.66 -30.97
C LYS A 41 -12.07 15.03 -31.45
N TYR A 42 -12.97 15.37 -30.55
CA TYR A 42 -14.38 15.58 -30.86
C TYR A 42 -14.85 17.00 -30.68
N GLY A 43 -14.00 17.88 -30.21
CA GLY A 43 -14.40 19.23 -29.94
C GLY A 43 -14.93 19.39 -28.51
N PRO A 44 -15.40 20.59 -28.19
CA PRO A 44 -15.72 20.93 -26.80
C PRO A 44 -17.08 20.48 -26.31
N ILE A 45 -17.88 19.85 -27.15
CA ILE A 45 -19.21 19.39 -26.78
C ILE A 45 -19.52 18.13 -27.56
N TYR A 46 -19.89 17.08 -26.83
CA TYR A 46 -20.18 15.79 -27.41
C TYR A 46 -21.10 15.06 -26.46
N SER A 47 -21.60 13.92 -26.91
CA SER A 47 -22.58 13.19 -26.14
C SER A 47 -22.23 11.73 -26.05
N VAL A 48 -22.80 11.08 -25.05
CA VAL A 48 -22.68 9.65 -24.81
C VAL A 48 -24.06 9.13 -24.42
N ARG A 49 -24.39 7.95 -24.86
CA ARG A 49 -25.70 7.37 -24.59
C ARG A 49 -25.53 6.06 -23.84
N MET A 50 -26.15 5.94 -22.66
CA MET A 50 -26.16 4.70 -21.88
C MET A 50 -27.62 4.27 -21.80
N GLY A 51 -27.94 3.14 -22.38
CA GLY A 51 -29.31 2.69 -22.49
C GLY A 51 -30.15 3.76 -23.17
N THR A 52 -31.15 4.25 -22.46
CA THR A 52 -32.02 5.26 -23.05
C THR A 52 -31.60 6.69 -22.68
N LYS A 53 -30.66 6.84 -21.75
CA LYS A 53 -30.26 8.15 -21.24
C LYS A 53 -29.08 8.73 -22.03
N THR A 54 -29.17 10.02 -22.35
CA THR A 54 -28.11 10.70 -23.09
C THR A 54 -27.48 11.74 -22.18
N THR A 55 -26.16 11.78 -22.18
CA THR A 55 -25.42 12.79 -21.43
C THR A 55 -24.58 13.61 -22.39
N VAL A 56 -24.63 14.93 -22.21
CA VAL A 56 -23.86 15.89 -22.99
C VAL A 56 -22.82 16.49 -22.06
N ILE A 57 -21.57 16.51 -22.52
CA ILE A 57 -20.44 17.08 -21.83
C ILE A 57 -19.99 18.34 -22.57
N VAL A 58 -19.82 19.42 -21.79
CA VAL A 58 -19.49 20.75 -22.29
C VAL A 58 -18.15 21.21 -21.71
N GLY A 59 -17.21 21.55 -22.59
CA GLY A 59 -15.85 21.81 -22.14
C GLY A 59 -15.21 23.10 -22.61
N HIS A 60 -16.03 24.10 -22.94
CA HIS A 60 -15.58 25.42 -23.36
C HIS A 60 -16.43 26.50 -22.66
N HIS A 61 -15.81 27.60 -22.27
CA HIS A 61 -16.51 28.57 -21.43
C HIS A 61 -17.72 29.23 -22.12
N GLN A 62 -17.74 29.52 -23.40
CA GLN A 62 -18.89 30.02 -24.12
C GLN A 62 -20.08 29.07 -24.07
N LEU A 63 -19.87 27.77 -24.29
CA LEU A 63 -21.00 26.86 -24.21
C LEU A 63 -21.49 26.70 -22.78
N ALA A 64 -20.55 26.70 -21.83
CA ALA A 64 -20.93 26.58 -20.42
C ALA A 64 -21.74 27.79 -19.95
N LYS A 65 -21.34 28.99 -20.34
CA LYS A 65 -22.13 30.15 -19.94
C LYS A 65 -23.48 30.14 -20.64
N GLU A 66 -23.58 29.51 -21.82
CA GLU A 66 -24.89 29.36 -22.42
C GLU A 66 -25.78 28.47 -21.57
N VAL A 67 -25.23 27.34 -21.10
CA VAL A 67 -25.99 26.43 -20.25
C VAL A 67 -26.28 27.07 -18.91
N LEU A 68 -25.32 27.72 -18.30
CA LEU A 68 -25.51 28.15 -16.92
C LEU A 68 -26.19 29.50 -16.80
N ILE A 69 -26.02 30.41 -17.78
CA ILE A 69 -26.49 31.79 -17.63
C ILE A 69 -27.54 32.07 -18.69
N LYS A 70 -27.11 32.12 -19.96
CA LYS A 70 -27.97 32.61 -21.03
C LYS A 70 -29.24 31.77 -21.15
N LYS A 71 -29.11 30.45 -21.09
CA LYS A 71 -30.26 29.57 -21.05
C LYS A 71 -30.32 28.86 -19.70
N GLY A 72 -29.88 29.56 -18.64
CA GLY A 72 -29.73 28.93 -17.34
C GLY A 72 -30.99 28.22 -16.92
N LYS A 73 -32.14 28.81 -17.25
CA LYS A 73 -33.34 28.22 -16.70
C LYS A 73 -33.83 27.05 -17.57
N ASP A 74 -33.32 26.92 -18.82
CA ASP A 74 -33.58 25.70 -19.59
C ASP A 74 -32.84 24.47 -19.00
N PHE A 75 -31.68 24.67 -18.37
CA PHE A 75 -30.79 23.57 -17.96
C PHE A 75 -30.60 23.51 -16.46
N SER A 76 -31.56 24.00 -15.70
CA SER A 76 -31.49 24.07 -14.25
C SER A 76 -32.01 22.83 -13.55
N GLY A 77 -32.38 21.80 -14.27
CA GLY A 77 -32.82 20.56 -13.63
C GLY A 77 -31.64 19.76 -13.08
N ARG A 78 -31.96 18.76 -12.24
CA ARG A 78 -31.01 17.80 -11.74
C ARG A 78 -31.43 16.40 -12.17
N PRO A 79 -30.51 15.57 -12.64
CA PRO A 79 -30.90 14.19 -12.95
C PRO A 79 -31.17 13.42 -11.67
N GLN A 80 -32.00 12.41 -11.78
CA GLN A 80 -32.30 11.55 -10.68
C GLN A 80 -31.29 10.41 -10.64
N MET A 81 -30.76 10.09 -9.47
CA MET A 81 -29.81 9.02 -9.30
C MET A 81 -30.13 8.30 -8.00
N ALA A 82 -29.95 7.00 -7.98
CA ALA A 82 -30.32 6.21 -6.81
C ALA A 82 -29.59 6.68 -5.56
N THR A 83 -28.28 6.94 -5.65
CA THR A 83 -27.58 7.35 -4.43
C THR A 83 -28.03 8.74 -4.00
N LEU A 84 -28.19 9.65 -4.96
CA LEU A 84 -28.59 11.00 -4.62
C LEU A 84 -29.99 11.01 -4.03
N ASP A 85 -30.87 10.09 -4.47
CA ASP A 85 -32.19 10.00 -3.87
C ASP A 85 -32.08 9.76 -2.37
N ILE A 86 -31.16 8.88 -1.96
CA ILE A 86 -31.02 8.54 -0.55
C ILE A 86 -30.47 9.73 0.23
N ALA A 87 -29.43 10.37 -0.29
CA ALA A 87 -28.86 11.47 0.50
C ALA A 87 -29.84 12.64 0.63
N SER A 88 -30.69 12.84 -0.38
CA SER A 88 -31.59 13.98 -0.46
C SER A 88 -33.02 13.64 -0.02
N ASN A 89 -33.20 12.46 0.60
CA ASN A 89 -34.52 12.01 1.05
C ASN A 89 -35.53 12.16 -0.08
N ASN A 90 -35.14 11.62 -1.24
CA ASN A 90 -35.90 11.63 -2.48
C ASN A 90 -36.08 13.03 -3.06
N ARG A 91 -34.95 13.71 -3.29
CA ARG A 91 -34.87 14.92 -4.12
C ARG A 91 -35.52 16.13 -3.45
N LYS A 92 -35.47 16.15 -2.14
CA LYS A 92 -35.73 17.33 -1.34
C LYS A 92 -34.42 18.08 -1.24
N GLY A 93 -34.40 19.12 -0.42
CA GLY A 93 -33.22 19.93 -0.24
C GLY A 93 -33.02 20.94 -1.37
N ILE A 94 -31.77 21.24 -1.66
CA ILE A 94 -31.45 22.23 -2.68
C ILE A 94 -30.59 21.58 -3.76
N ALA A 95 -29.43 21.07 -3.36
CA ALA A 95 -28.40 20.73 -4.33
C ALA A 95 -28.84 19.63 -5.28
N PHE A 96 -29.55 18.61 -4.75
CA PHE A 96 -29.97 17.45 -5.53
C PHE A 96 -31.45 17.47 -5.87
N ALA A 97 -32.16 18.53 -5.49
CA ALA A 97 -33.55 18.70 -5.90
C ALA A 97 -33.65 19.16 -7.36
N ASP A 98 -34.60 18.61 -8.07
CA ASP A 98 -34.89 19.04 -9.43
C ASP A 98 -35.50 20.44 -9.37
N SER A 99 -35.38 21.14 -10.47
CA SER A 99 -35.98 22.46 -10.58
C SER A 99 -37.48 22.31 -10.40
N GLY A 100 -38.06 23.21 -9.66
CA GLY A 100 -39.43 23.07 -9.23
C GLY A 100 -39.66 23.96 -8.03
N ALA A 101 -40.91 23.98 -7.57
CA ALA A 101 -41.31 24.92 -6.55
C ALA A 101 -40.55 24.69 -5.25
N HIS A 102 -40.35 23.44 -4.85
CA HIS A 102 -39.66 23.17 -3.59
C HIS A 102 -38.23 23.68 -3.61
N TRP A 103 -37.53 23.40 -4.71
CA TRP A 103 -36.15 23.88 -4.79
C TRP A 103 -36.08 25.39 -4.77
N GLN A 104 -36.93 26.03 -5.56
CA GLN A 104 -36.85 27.48 -5.67
C GLN A 104 -37.10 28.15 -4.33
N LEU A 105 -38.11 27.67 -3.60
CA LEU A 105 -38.40 28.25 -2.29
C LEU A 105 -37.27 28.01 -1.29
N HIS A 106 -36.78 26.78 -1.19
CA HIS A 106 -35.75 26.52 -0.18
C HIS A 106 -34.44 27.24 -0.51
N ARG A 107 -34.08 27.31 -1.79
CA ARG A 107 -32.90 28.07 -2.19
C ARG A 107 -33.07 29.54 -1.83
N ARG A 108 -34.24 30.10 -2.11
CA ARG A 108 -34.45 31.50 -1.79
C ARG A 108 -34.36 31.74 -0.29
N LEU A 109 -34.99 30.87 0.51
CA LEU A 109 -34.97 31.06 1.97
C LEU A 109 -33.57 30.88 2.53
N ALA A 110 -32.78 29.97 1.94
CA ALA A 110 -31.41 29.83 2.37
C ALA A 110 -30.62 31.08 2.06
N MET A 111 -30.78 31.59 0.86
CA MET A 111 -30.10 32.81 0.47
C MET A 111 -30.46 33.97 1.39
N ALA A 112 -31.74 34.12 1.68
CA ALA A 112 -32.22 35.17 2.57
C ALA A 112 -31.60 35.04 3.96
N THR A 113 -31.34 33.80 4.41
CA THR A 113 -30.72 33.65 5.72
C THR A 113 -29.35 34.32 5.74
N PHE A 114 -28.58 34.18 4.67
CA PHE A 114 -27.25 34.81 4.67
C PHE A 114 -27.33 36.33 4.79
N ALA A 115 -28.47 36.94 4.44
CA ALA A 115 -28.63 38.38 4.64
C ALA A 115 -28.76 38.73 6.12
N LEU A 116 -29.28 37.81 6.93
CA LEU A 116 -29.35 38.08 8.36
C LEU A 116 -27.96 38.19 8.99
N PHE A 117 -26.90 37.84 8.26
CA PHE A 117 -25.53 37.84 8.77
C PHE A 117 -24.69 38.91 8.08
N LYS A 118 -25.34 39.99 7.64
CA LYS A 118 -24.64 41.07 6.99
C LYS A 118 -23.98 42.04 7.95
N ASP A 119 -24.69 42.42 8.99
CA ASP A 119 -24.11 43.37 9.90
C ASP A 119 -24.70 43.25 11.27
N GLY A 120 -24.03 43.86 12.20
CA GLY A 120 -24.48 43.81 13.56
C GLY A 120 -23.40 43.14 14.33
N ASP A 121 -23.78 42.49 15.42
CA ASP A 121 -22.82 41.77 16.25
C ASP A 121 -22.74 40.29 15.84
N GLN A 122 -23.84 39.73 15.33
CA GLN A 122 -23.84 38.41 14.74
C GLN A 122 -23.27 38.44 13.30
N LYS A 123 -22.55 39.48 12.95
CA LYS A 123 -21.96 39.57 11.62
C LYS A 123 -21.14 38.34 11.30
N LEU A 124 -21.11 37.97 10.03
CA LEU A 124 -20.47 36.72 9.63
C LEU A 124 -19.01 36.67 10.10
N GLU A 125 -18.26 37.75 9.87
CA GLU A 125 -16.87 37.82 10.25
C GLU A 125 -16.66 37.52 11.73
N LYS A 126 -17.60 37.96 12.58
CA LYS A 126 -17.43 37.77 14.02
C LYS A 126 -17.61 36.30 14.39
N ILE A 127 -18.59 35.64 13.78
CA ILE A 127 -18.82 34.21 14.05
C ILE A 127 -17.62 33.41 13.58
N ILE A 128 -17.12 33.70 12.38
CA ILE A 128 -15.98 32.98 11.84
C ILE A 128 -14.76 33.21 12.70
N CYS A 129 -14.49 34.48 13.03
CA CYS A 129 -13.24 34.75 13.72
C CYS A 129 -13.22 34.14 15.12
N GLN A 130 -14.39 33.97 15.75
CA GLN A 130 -14.37 33.39 17.08
C GLN A 130 -14.09 31.90 17.01
N GLU A 131 -14.58 31.22 15.97
CA GLU A 131 -14.23 29.82 15.84
C GLU A 131 -12.78 29.65 15.38
N ILE A 132 -12.25 30.57 14.57
CA ILE A 132 -10.83 30.46 14.18
C ILE A 132 -9.92 30.70 15.39
N SER A 133 -10.31 31.59 16.30
CA SER A 133 -9.49 31.83 17.49
C SER A 133 -9.35 30.56 18.32
N THR A 134 -10.44 29.81 18.51
CA THR A 134 -10.37 28.53 19.19
C THR A 134 -9.52 27.53 18.41
N LEU A 135 -9.71 27.46 17.09
CA LEU A 135 -8.88 26.57 16.30
C LEU A 135 -7.40 26.87 16.53
N CYS A 136 -7.03 28.15 16.49
CA CYS A 136 -5.61 28.49 16.63
C CYS A 136 -5.06 28.13 18.00
N ASP A 137 -5.86 28.37 19.05
CA ASP A 137 -5.47 28.00 20.41
C ASP A 137 -5.28 26.50 20.46
N MET A 138 -6.12 25.77 19.81
CA MET A 138 -5.95 24.37 19.80
C MET A 138 -4.69 23.94 19.07
N LEU A 139 -4.45 24.44 17.89
CA LEU A 139 -3.28 24.04 17.13
C LEU A 139 -2.01 24.45 17.84
N ALA A 140 -2.03 25.60 18.53
CA ALA A 140 -0.84 26.05 19.23
C ALA A 140 -0.38 25.03 20.26
N THR A 141 -1.31 24.26 20.83
CA THR A 141 -0.84 23.26 21.78
C THR A 141 0.05 22.21 21.10
N HIS A 142 -0.06 22.05 19.77
CA HIS A 142 0.71 21.06 19.04
C HIS A 142 2.03 21.61 18.54
N ASN A 143 2.46 22.74 19.11
CA ASN A 143 3.73 23.34 18.74
C ASN A 143 4.84 22.31 18.72
N GLY A 144 5.53 22.22 17.59
CA GLY A 144 6.61 21.29 17.38
C GLY A 144 6.20 19.92 16.89
N GLN A 145 4.91 19.67 16.72
CA GLN A 145 4.44 18.36 16.27
C GLN A 145 3.91 18.39 14.84
N SER A 146 3.88 17.22 14.22
CA SER A 146 3.28 17.02 12.91
C SER A 146 1.92 16.39 13.09
N ILE A 147 0.92 17.03 12.54
CA ILE A 147 -0.44 16.61 12.75
C ILE A 147 -1.20 16.67 11.42
N ASP A 148 -2.30 15.92 11.39
CA ASP A 148 -3.32 16.07 10.37
C ASP A 148 -4.28 17.15 10.86
N ILE A 149 -4.38 18.26 10.11
CA ILE A 149 -5.24 19.34 10.57
C ILE A 149 -6.70 19.16 10.18
N SER A 150 -7.07 18.04 9.56
CA SER A 150 -8.45 17.89 9.08
C SER A 150 -9.49 18.11 10.19
N PHE A 151 -9.33 17.38 11.28
CA PHE A 151 -10.43 17.43 12.30
C PHE A 151 -10.49 18.74 12.98
N PRO A 152 -9.41 19.38 13.48
CA PRO A 152 -9.51 20.72 14.04
C PRO A 152 -10.20 21.71 13.08
N VAL A 153 -9.92 21.67 11.78
CA VAL A 153 -10.59 22.57 10.82
C VAL A 153 -12.06 22.23 10.70
N PHE A 154 -12.37 20.93 10.55
CA PHE A 154 -13.74 20.44 10.46
C PHE A 154 -14.56 20.93 11.65
N VAL A 155 -13.95 20.96 12.85
CA VAL A 155 -14.72 21.37 14.02
C VAL A 155 -15.06 22.86 13.94
N ALA A 156 -14.09 23.69 13.56
CA ALA A 156 -14.33 25.13 13.50
C ALA A 156 -15.41 25.47 12.47
N VAL A 157 -15.34 24.89 11.27
CA VAL A 157 -16.34 25.17 10.23
C VAL A 157 -17.67 24.51 10.55
N THR A 158 -17.66 23.37 11.29
CA THR A 158 -18.93 22.80 11.72
C THR A 158 -19.64 23.75 12.68
N ASN A 159 -18.86 24.40 13.54
CA ASN A 159 -19.42 25.34 14.52
C ASN A 159 -19.90 26.60 13.84
N VAL A 160 -19.17 27.05 12.81
CA VAL A 160 -19.67 28.21 12.05
C VAL A 160 -21.05 27.91 11.46
N ILE A 161 -21.18 26.76 10.78
CA ILE A 161 -22.45 26.49 10.12
C ILE A 161 -23.55 26.12 11.12
N SER A 162 -23.19 25.47 12.21
CA SER A 162 -24.18 25.18 13.24
C SER A 162 -24.75 26.48 13.81
N LEU A 163 -23.90 27.50 13.97
CA LEU A 163 -24.35 28.80 14.45
C LEU A 163 -25.27 29.47 13.45
N ILE A 164 -24.96 29.33 12.16
CA ILE A 164 -25.77 29.87 11.09
C ILE A 164 -27.08 29.12 11.00
N CYS A 165 -27.08 27.83 11.27
CA CYS A 165 -28.32 27.09 11.10
C CYS A 165 -29.23 27.18 12.31
N PHE A 166 -28.62 27.14 13.48
CA PHE A 166 -29.36 26.96 14.70
C PHE A 166 -28.98 27.87 15.84
N ASN A 167 -27.96 28.70 15.68
CA ASN A 167 -27.40 29.49 16.78
C ASN A 167 -26.90 28.59 17.92
N THR A 168 -26.31 27.44 17.59
CA THR A 168 -25.66 26.58 18.57
C THR A 168 -24.28 26.17 18.06
N SER A 169 -23.39 25.86 18.98
CA SER A 169 -22.08 25.37 18.62
C SER A 169 -21.70 24.25 19.58
N TYR A 170 -20.71 23.47 19.20
CA TYR A 170 -20.30 22.32 20.00
C TYR A 170 -19.11 22.68 20.86
N LYS A 171 -19.10 22.20 22.09
CA LYS A 171 -17.96 22.43 22.94
C LYS A 171 -16.90 21.47 22.55
N ASN A 172 -15.66 21.83 22.81
CA ASN A 172 -14.55 20.98 22.46
C ASN A 172 -14.69 19.68 23.18
N GLY A 173 -14.63 18.57 22.47
CA GLY A 173 -14.77 17.29 23.10
C GLY A 173 -16.14 16.68 22.98
N ASP A 174 -17.10 17.43 22.50
CA ASP A 174 -18.43 16.90 22.31
C ASP A 174 -18.37 15.72 21.33
N PRO A 175 -18.75 14.51 21.75
CA PRO A 175 -18.63 13.36 20.85
C PRO A 175 -19.49 13.45 19.60
N GLU A 176 -20.48 14.36 19.55
CA GLU A 176 -21.30 14.49 18.34
C GLU A 176 -20.47 14.87 17.11
N LEU A 177 -19.42 15.66 17.32
CA LEU A 177 -18.54 16.02 16.21
C LEU A 177 -17.90 14.78 15.57
N ASN A 178 -17.56 13.79 16.40
CA ASN A 178 -16.99 12.55 15.87
C ASN A 178 -18.05 11.72 15.16
N VAL A 179 -19.29 11.77 15.64
CA VAL A 179 -20.40 11.10 14.98
C VAL A 179 -20.64 11.68 13.60
N ILE A 180 -20.65 13.02 13.50
CA ILE A 180 -20.87 13.70 12.23
C ILE A 180 -19.72 13.41 11.25
N GLN A 181 -18.50 13.48 11.73
CA GLN A 181 -17.34 13.20 10.92
C GLN A 181 -17.44 11.81 10.31
N ASN A 182 -17.92 10.88 11.12
CA ASN A 182 -18.02 9.49 10.70
C ASN A 182 -19.08 9.33 9.62
N TYR A 183 -20.26 9.87 9.80
CA TYR A 183 -21.26 9.71 8.75
C TYR A 183 -20.96 10.56 7.52
N ASN A 184 -20.30 11.68 7.68
CA ASN A 184 -19.90 12.52 6.56
C ASN A 184 -18.98 11.71 5.66
N GLU A 185 -17.98 11.09 6.27
CA GLU A 185 -17.03 10.27 5.52
C GLU A 185 -17.74 9.10 4.86
N GLY A 186 -18.68 8.48 5.57
CA GLY A 186 -19.35 7.31 5.00
C GLY A 186 -20.27 7.65 3.85
N ILE A 187 -20.96 8.78 3.94
CA ILE A 187 -21.84 9.21 2.86
C ILE A 187 -21.01 9.60 1.64
N ILE A 188 -19.96 10.38 1.84
CA ILE A 188 -19.08 10.74 0.73
C ILE A 188 -18.49 9.50 0.09
N ASP A 189 -18.08 8.53 0.90
CA ASP A 189 -17.46 7.36 0.31
C ASP A 189 -18.46 6.58 -0.53
N ASN A 190 -19.72 6.50 -0.09
CA ASN A 190 -20.67 5.63 -0.77
C ASN A 190 -21.56 6.35 -1.77
N LEU A 191 -21.59 7.68 -1.75
CA LEU A 191 -22.43 8.41 -2.70
C LEU A 191 -22.00 8.19 -4.14
N SER A 192 -20.72 8.03 -4.38
CA SER A 192 -20.19 7.72 -5.69
C SER A 192 -18.80 7.11 -5.44
N LYS A 193 -18.39 6.24 -6.33
CA LYS A 193 -17.08 5.65 -6.15
C LYS A 193 -16.02 6.68 -6.50
N ASP A 194 -16.24 7.40 -7.59
CA ASP A 194 -15.36 8.48 -8.00
C ASP A 194 -16.30 9.68 -8.06
N SER A 195 -16.26 10.45 -9.14
CA SER A 195 -17.18 11.54 -9.39
C SER A 195 -18.65 11.08 -9.48
N LEU A 196 -19.55 12.05 -9.37
CA LEU A 196 -20.97 11.75 -9.56
C LEU A 196 -21.28 11.30 -10.97
N VAL A 197 -20.43 11.61 -11.94
CA VAL A 197 -20.63 11.15 -13.30
C VAL A 197 -20.00 9.78 -13.48
N ASP A 198 -20.81 8.81 -13.87
CA ASP A 198 -20.39 7.44 -14.15
C ASP A 198 -20.92 7.03 -15.52
N LEU A 199 -20.05 6.54 -16.40
CA LEU A 199 -20.56 6.07 -17.70
C LEU A 199 -21.38 4.79 -17.55
N VAL A 200 -20.90 3.83 -16.77
CA VAL A 200 -21.59 2.53 -16.63
C VAL A 200 -22.28 2.48 -15.30
N PRO A 201 -23.59 2.07 -15.22
CA PRO A 201 -24.28 1.98 -13.92
C PRO A 201 -23.96 0.70 -13.17
N TRP A 202 -22.75 0.67 -12.60
CA TRP A 202 -22.26 -0.55 -11.95
C TRP A 202 -23.15 -0.99 -10.80
N LEU A 203 -23.76 -0.05 -10.11
CA LEU A 203 -24.62 -0.36 -9.00
C LEU A 203 -25.75 -1.28 -9.37
N LYS A 204 -26.16 -1.25 -10.60
CA LYS A 204 -27.33 -1.99 -11.02
C LYS A 204 -26.98 -3.27 -11.77
N ILE A 205 -25.70 -3.50 -12.05
CA ILE A 205 -25.25 -4.64 -12.86
C ILE A 205 -24.74 -5.79 -12.00
N PHE A 206 -24.03 -5.48 -10.91
CA PHE A 206 -23.40 -6.47 -10.06
C PHE A 206 -23.94 -6.33 -8.65
N PRO A 207 -23.96 -7.42 -7.87
CA PRO A 207 -24.48 -7.33 -6.50
C PRO A 207 -23.50 -6.59 -5.61
N ASN A 208 -24.03 -5.73 -4.74
CA ASN A 208 -23.19 -4.87 -3.92
C ASN A 208 -24.04 -4.29 -2.78
N LYS A 209 -23.39 -3.71 -1.80
CA LYS A 209 -24.13 -3.18 -0.67
C LYS A 209 -24.03 -1.67 -0.58
N THR A 210 -23.70 -0.99 -1.69
CA THR A 210 -23.46 0.44 -1.65
C THR A 210 -24.67 1.20 -1.15
N LEU A 211 -25.84 0.93 -1.70
CA LEU A 211 -27.06 1.60 -1.28
C LEU A 211 -27.43 1.29 0.16
N GLU A 212 -27.20 0.07 0.62
CA GLU A 212 -27.49 -0.30 2.00
C GLU A 212 -26.57 0.46 2.94
N LYS A 213 -25.31 0.58 2.59
CA LYS A 213 -24.42 1.31 3.46
C LYS A 213 -24.78 2.80 3.49
N LEU A 214 -25.08 3.38 2.34
CA LEU A 214 -25.47 4.78 2.29
C LEU A 214 -26.69 5.04 3.16
N LYS A 215 -27.70 4.17 3.08
CA LYS A 215 -28.90 4.36 3.87
C LYS A 215 -28.59 4.34 5.36
N SER A 216 -27.68 3.47 5.78
CA SER A 216 -27.37 3.39 7.20
C SER A 216 -26.64 4.65 7.65
N HIS A 217 -25.73 5.24 6.79
CA HIS A 217 -25.11 6.52 7.16
C HIS A 217 -26.13 7.67 7.16
N VAL A 218 -27.04 7.70 6.17
CA VAL A 218 -28.03 8.78 6.09
C VAL A 218 -29.05 8.68 7.24
N LYS A 219 -29.35 7.48 7.68
CA LYS A 219 -30.26 7.32 8.81
C LYS A 219 -29.69 7.98 10.06
N ILE A 220 -28.39 7.83 10.30
CA ILE A 220 -27.79 8.46 11.47
C ILE A 220 -27.83 9.98 11.33
N ARG A 221 -27.49 10.48 10.14
CA ARG A 221 -27.57 11.93 9.89
C ARG A 221 -28.98 12.42 10.11
N ASN A 222 -29.95 11.72 9.51
CA ASN A 222 -31.34 12.11 9.61
C ASN A 222 -31.81 12.06 11.06
N ASP A 223 -31.46 11.00 11.78
CA ASP A 223 -31.87 10.89 13.17
C ASP A 223 -31.32 12.03 14.00
N LEU A 224 -30.05 12.39 13.77
CA LEU A 224 -29.45 13.51 14.50
C LEU A 224 -30.13 14.85 14.17
N LEU A 225 -30.37 15.09 12.88
CA LEU A 225 -31.03 16.32 12.47
C LEU A 225 -32.46 16.33 12.95
N ASN A 226 -33.13 15.17 12.97
CA ASN A 226 -34.50 15.14 13.47
C ASN A 226 -34.57 15.54 14.95
N LYS A 227 -33.63 15.07 15.77
CA LYS A 227 -33.62 15.41 17.19
C LYS A 227 -33.48 16.92 17.39
N ILE A 228 -32.54 17.54 16.69
CA ILE A 228 -32.36 18.98 16.76
C ILE A 228 -33.64 19.70 16.33
N LEU A 229 -34.20 19.30 15.18
CA LEU A 229 -35.37 19.99 14.63
C LEU A 229 -36.56 19.92 15.59
N GLU A 230 -36.82 18.73 16.12
CA GLU A 230 -37.91 18.58 17.08
C GLU A 230 -37.66 19.41 18.34
N ASN A 231 -36.45 19.35 18.90
CA ASN A 231 -36.14 20.16 20.08
C ASN A 231 -36.23 21.65 19.77
N TYR A 232 -35.95 22.05 18.53
CA TYR A 232 -36.01 23.49 18.21
C TYR A 232 -37.47 23.99 18.13
N LYS A 233 -38.46 23.10 17.96
CA LYS A 233 -39.87 23.52 17.84
C LYS A 233 -40.38 24.18 19.11
N GLU A 234 -39.70 23.88 20.21
CA GLU A 234 -39.94 24.43 21.49
C GLU A 234 -39.23 25.74 21.68
N LYS A 235 -38.17 25.97 20.94
CA LYS A 235 -37.46 27.20 21.09
C LYS A 235 -37.85 28.30 20.13
N PHE A 236 -38.39 27.94 18.97
CA PHE A 236 -38.69 28.89 17.90
C PHE A 236 -39.64 29.96 18.38
N ARG A 237 -39.34 31.21 18.05
CA ARG A 237 -40.16 32.37 18.38
C ARG A 237 -40.31 33.29 17.18
N SER A 238 -41.57 33.56 16.81
CA SER A 238 -41.91 34.48 15.72
C SER A 238 -41.15 35.80 15.82
N ASP A 239 -40.84 36.23 17.03
CA ASP A 239 -40.22 37.52 17.32
C ASP A 239 -38.69 37.47 17.23
N SER A 240 -38.09 36.29 16.91
CA SER A 240 -36.63 36.12 16.86
C SER A 240 -36.24 35.25 15.66
N ILE A 241 -35.89 35.91 14.55
CA ILE A 241 -35.45 35.27 13.32
C ILE A 241 -33.97 35.59 13.17
N THR A 242 -33.11 34.64 13.56
CA THR A 242 -31.68 34.87 13.62
C THR A 242 -30.86 33.77 12.95
N ASN A 243 -31.50 32.74 12.40
CA ASN A 243 -30.77 31.65 11.79
C ASN A 243 -31.60 30.98 10.71
N MET A 244 -31.00 29.98 10.07
CA MET A 244 -31.63 29.34 8.93
C MET A 244 -32.90 28.60 9.33
N LEU A 245 -32.89 27.92 10.49
CA LEU A 245 -34.08 27.17 10.90
C LEU A 245 -35.22 28.11 11.23
N ASP A 246 -34.93 29.24 11.90
CA ASP A 246 -35.95 30.25 12.14
C ASP A 246 -36.59 30.67 10.83
N THR A 247 -35.75 30.92 9.81
CA THR A 247 -36.25 31.41 8.53
C THR A 247 -37.20 30.40 7.89
N LEU A 248 -36.85 29.13 7.93
CA LEU A 248 -37.71 28.10 7.33
C LEU A 248 -38.99 27.93 8.13
N MET A 249 -38.89 27.91 9.47
CA MET A 249 -40.10 27.74 10.26
C MET A 249 -41.01 28.95 10.14
N GLN A 250 -40.45 30.15 9.99
CA GLN A 250 -41.28 31.33 9.78
C GLN A 250 -42.09 31.18 8.50
N ALA A 251 -41.43 30.74 7.41
CA ALA A 251 -42.13 30.56 6.14
C ALA A 251 -43.22 29.51 6.26
N LYS A 252 -42.94 28.42 6.95
CA LYS A 252 -43.97 27.44 7.25
C LYS A 252 -45.11 28.06 8.04
N MET A 253 -44.78 28.89 9.03
CA MET A 253 -45.81 29.45 9.90
C MET A 253 -46.76 30.32 9.09
N ASN A 254 -46.20 31.16 8.21
CA ASN A 254 -46.96 32.05 7.33
C ASN A 254 -47.56 31.34 6.13
N SER A 255 -47.43 30.02 6.05
CA SER A 255 -48.06 29.25 4.96
C SER A 255 -49.38 28.62 5.42
N ASP A 265 -45.71 27.71 0.12
CA ASP A 265 -46.87 26.87 0.46
C ASP A 265 -46.56 25.80 1.54
N SER A 266 -47.61 25.40 2.26
CA SER A 266 -47.44 24.53 3.43
C SER A 266 -46.83 23.18 3.05
N GLU A 267 -47.30 22.60 1.94
CA GLU A 267 -46.83 21.27 1.54
C GLU A 267 -45.34 21.26 1.24
N LEU A 268 -44.80 22.37 0.73
CA LEU A 268 -43.40 22.47 0.36
C LEU A 268 -42.47 22.70 1.55
N LEU A 269 -43.01 22.83 2.77
CA LEU A 269 -42.19 23.08 3.95
C LEU A 269 -42.45 22.04 5.03
N SER A 270 -42.69 20.80 4.59
CA SER A 270 -42.81 19.68 5.51
C SER A 270 -41.54 19.53 6.34
N ASP A 271 -41.67 18.80 7.44
CA ASP A 271 -40.52 18.57 8.30
C ASP A 271 -39.36 17.99 7.50
N ASN A 272 -39.66 17.01 6.64
CA ASN A 272 -38.62 16.36 5.85
C ASN A 272 -37.97 17.31 4.87
N HIS A 273 -38.74 18.26 4.33
CA HIS A 273 -38.20 19.26 3.43
C HIS A 273 -37.23 20.18 4.14
N ILE A 274 -37.61 20.66 5.32
CA ILE A 274 -36.75 21.52 6.13
C ILE A 274 -35.51 20.75 6.57
N LEU A 275 -35.68 19.51 7.00
CA LEU A 275 -34.53 18.73 7.47
C LEU A 275 -33.50 18.57 6.34
N THR A 276 -33.95 18.23 5.15
CA THR A 276 -33.03 17.97 4.04
C THR A 276 -32.33 19.25 3.61
N THR A 277 -33.07 20.37 3.58
CA THR A 277 -32.40 21.62 3.23
C THR A 277 -31.32 21.96 4.24
N ILE A 278 -31.60 21.79 5.53
CA ILE A 278 -30.60 22.05 6.56
C ILE A 278 -29.39 21.14 6.36
N GLY A 279 -29.64 19.87 6.11
CA GLY A 279 -28.56 18.93 5.89
C GLY A 279 -27.71 19.29 4.68
N ASP A 280 -28.33 19.83 3.66
CA ASP A 280 -27.54 20.28 2.51
C ASP A 280 -26.63 21.43 2.91
N ILE A 281 -27.17 22.40 3.66
CA ILE A 281 -26.34 23.54 4.07
C ILE A 281 -25.27 23.09 5.04
N PHE A 282 -25.68 22.32 6.05
CA PHE A 282 -24.73 21.83 7.03
C PHE A 282 -23.64 21.03 6.37
N GLY A 283 -24.03 20.12 5.47
CA GLY A 283 -23.05 19.29 4.78
C GLY A 283 -22.12 20.08 3.89
N ALA A 284 -22.70 21.00 3.09
CA ALA A 284 -21.87 21.80 2.20
C ALA A 284 -20.95 22.74 2.96
N GLY A 285 -21.45 23.33 4.04
CA GLY A 285 -20.63 24.27 4.78
C GLY A 285 -19.40 23.65 5.44
N VAL A 286 -19.42 22.34 5.66
CA VAL A 286 -18.33 21.68 6.34
C VAL A 286 -17.37 21.05 5.34
N GLU A 287 -17.89 20.28 4.39
CA GLU A 287 -16.97 19.50 3.57
C GLU A 287 -16.24 20.36 2.55
N THR A 288 -16.91 21.39 1.99
CA THR A 288 -16.27 22.19 0.94
C THR A 288 -15.11 22.99 1.50
N THR A 289 -15.37 23.72 2.59
CA THR A 289 -14.37 24.61 3.16
C THR A 289 -13.18 23.85 3.73
N THR A 290 -13.44 22.74 4.42
CA THR A 290 -12.33 21.94 4.95
C THR A 290 -11.42 21.43 3.85
N SER A 291 -12.02 20.95 2.75
CA SER A 291 -11.20 20.46 1.64
C SER A 291 -10.36 21.59 1.05
N VAL A 292 -10.96 22.77 0.83
CA VAL A 292 -10.17 23.82 0.19
C VAL A 292 -9.01 24.25 1.10
N VAL A 293 -9.25 24.28 2.43
CA VAL A 293 -8.17 24.62 3.34
C VAL A 293 -7.04 23.60 3.23
N LYS A 294 -7.38 22.32 3.18
CA LYS A 294 -6.34 21.30 3.08
C LYS A 294 -5.57 21.44 1.77
N TRP A 295 -6.27 21.67 0.66
CA TRP A 295 -5.58 21.86 -0.61
C TRP A 295 -4.63 23.05 -0.54
N THR A 296 -5.09 24.16 0.04
CA THR A 296 -4.26 25.36 0.09
C THR A 296 -2.99 25.09 0.88
N LEU A 297 -3.11 24.45 2.04
CA LEU A 297 -1.92 24.12 2.80
C LEU A 297 -1.00 23.20 2.03
N ALA A 298 -1.58 22.24 1.31
CA ALA A 298 -0.76 21.29 0.56
C ALA A 298 0.01 22.00 -0.56
N PHE A 299 -0.65 22.88 -1.30
CA PHE A 299 0.08 23.61 -2.32
C PHE A 299 1.19 24.44 -1.69
N LEU A 300 0.93 25.05 -0.53
CA LEU A 300 1.95 25.87 0.12
C LEU A 300 3.13 25.04 0.61
N LEU A 301 2.90 23.79 1.05
CA LEU A 301 4.04 22.94 1.38
C LEU A 301 4.85 22.62 0.13
N HIS A 302 4.20 22.57 -1.03
CA HIS A 302 4.95 22.34 -2.26
C HIS A 302 5.59 23.60 -2.84
N ASN A 303 5.22 24.80 -2.37
CA ASN A 303 5.68 26.05 -2.97
C ASN A 303 6.14 26.99 -1.86
N PRO A 304 7.28 26.67 -1.22
CA PRO A 304 7.74 27.49 -0.08
C PRO A 304 8.03 28.94 -0.47
N GLN A 305 8.37 29.20 -1.73
CA GLN A 305 8.61 30.57 -2.15
C GLN A 305 7.33 31.40 -2.06
N VAL A 306 6.19 30.79 -2.42
CA VAL A 306 4.93 31.49 -2.26
C VAL A 306 4.59 31.68 -0.78
N LYS A 307 4.79 30.65 0.03
CA LYS A 307 4.47 30.73 1.45
C LYS A 307 5.28 31.85 2.11
N LYS A 308 6.57 31.93 1.78
CA LYS A 308 7.42 33.00 2.31
C LYS A 308 6.85 34.39 1.97
N LYS A 309 6.38 34.58 0.76
CA LYS A 309 5.85 35.89 0.43
C LYS A 309 4.55 36.16 1.16
N LEU A 310 3.77 35.11 1.49
CA LEU A 310 2.52 35.34 2.22
C LEU A 310 2.80 35.76 3.67
N TYR A 311 3.82 35.18 4.29
CA TYR A 311 4.26 35.67 5.60
C TYR A 311 4.67 37.14 5.50
N GLU A 312 5.48 37.50 4.50
CA GLU A 312 5.92 38.90 4.38
C GLU A 312 4.74 39.83 4.18
N GLU A 313 3.78 39.44 3.33
CA GLU A 313 2.62 40.28 3.08
C GLU A 313 1.80 40.50 4.35
N ILE A 314 1.57 39.44 5.12
CA ILE A 314 0.75 39.63 6.32
C ILE A 314 1.55 40.38 7.40
N ASP A 315 2.85 40.10 7.53
CA ASP A 315 3.64 40.80 8.53
C ASP A 315 3.67 42.30 8.24
N GLN A 316 3.62 42.67 6.96
CA GLN A 316 3.73 44.09 6.61
C GLN A 316 2.40 44.82 6.67
N ASN A 317 1.31 44.12 6.38
CA ASN A 317 0.01 44.75 6.24
C ASN A 317 -0.90 44.60 7.44
N VAL A 318 -0.73 43.54 8.21
CA VAL A 318 -1.51 43.32 9.41
C VAL A 318 -0.64 43.45 10.66
N GLY A 319 0.55 42.86 10.62
CA GLY A 319 1.42 42.83 11.79
C GLY A 319 0.88 41.88 12.86
N PHE A 320 1.21 42.20 14.12
CA PHE A 320 0.80 41.40 15.26
C PHE A 320 0.08 42.21 16.32
N SER A 321 -0.22 43.48 16.04
CA SER A 321 -1.02 44.30 16.95
C SER A 321 -2.43 43.77 17.10
N ARG A 322 -2.93 43.05 16.09
CA ARG A 322 -4.31 42.61 16.02
C ARG A 322 -4.40 41.37 15.14
N THR A 323 -5.57 40.73 15.16
CA THR A 323 -5.82 39.57 14.32
C THR A 323 -6.39 40.03 12.96
N PRO A 324 -6.29 39.19 11.92
CA PRO A 324 -6.80 39.60 10.61
C PRO A 324 -8.30 39.74 10.59
N THR A 325 -8.78 40.60 9.70
CA THR A 325 -10.17 40.90 9.54
C THR A 325 -10.55 40.81 8.07
N ILE A 326 -11.81 40.77 7.73
CA ILE A 326 -12.29 40.74 6.35
C ILE A 326 -11.79 41.94 5.57
N SER A 327 -11.73 43.11 6.22
CA SER A 327 -11.20 44.30 5.55
C SER A 327 -9.78 44.06 5.04
N ASP A 328 -9.03 43.14 5.64
CA ASP A 328 -7.67 42.92 5.19
C ASP A 328 -7.59 42.26 3.81
N ARG A 329 -8.72 41.85 3.23
CA ARG A 329 -8.69 41.34 1.87
C ARG A 329 -8.21 42.40 0.88
N ASN A 330 -8.41 43.69 1.21
CA ASN A 330 -7.93 44.82 0.41
C ASN A 330 -6.41 44.91 0.41
N ARG A 331 -5.75 44.31 1.39
CA ARG A 331 -4.31 44.42 1.51
C ARG A 331 -3.58 43.11 1.30
N LEU A 332 -4.16 41.96 1.70
CA LEU A 332 -3.46 40.67 1.54
C LEU A 332 -3.77 40.05 0.17
N LEU A 333 -3.26 40.75 -0.85
CA LEU A 333 -3.64 40.43 -2.21
C LEU A 333 -3.11 39.07 -2.64
N LEU A 334 -1.87 38.75 -2.27
CA LEU A 334 -1.28 37.48 -2.66
C LEU A 334 -2.05 36.34 -2.02
N LEU A 335 -2.59 36.55 -0.83
CA LEU A 335 -3.40 35.52 -0.18
C LEU A 335 -4.71 35.31 -0.93
N GLU A 336 -5.37 36.40 -1.34
CA GLU A 336 -6.58 36.26 -2.15
C GLU A 336 -6.29 35.58 -3.49
N ALA A 337 -5.16 35.89 -4.10
CA ALA A 337 -4.77 35.26 -5.36
C ALA A 337 -4.45 33.79 -5.15
N THR A 338 -3.82 33.44 -4.03
CA THR A 338 -3.52 32.04 -3.76
C THR A 338 -4.79 31.22 -3.70
N ILE A 339 -5.81 31.75 -3.02
CA ILE A 339 -7.08 31.07 -2.88
C ILE A 339 -7.78 30.95 -4.22
N ARG A 340 -7.74 32.01 -5.02
CA ARG A 340 -8.30 31.96 -6.37
C ARG A 340 -7.60 30.89 -7.19
N GLU A 341 -6.28 30.79 -7.06
CA GLU A 341 -5.52 29.81 -7.83
C GLU A 341 -5.76 28.39 -7.32
N VAL A 342 -6.01 28.20 -6.03
CA VAL A 342 -6.38 26.85 -5.58
C VAL A 342 -7.71 26.45 -6.20
N LEU A 343 -8.69 27.34 -6.16
CA LEU A 343 -10.00 27.04 -6.73
C LEU A 343 -9.97 26.93 -8.25
N ARG A 344 -8.97 27.48 -8.92
CA ARG A 344 -8.85 27.17 -10.35
C ARG A 344 -8.25 25.79 -10.56
N LEU A 345 -7.10 25.55 -9.92
CA LEU A 345 -6.31 24.35 -10.20
C LEU A 345 -6.99 23.08 -9.69
N ARG A 346 -7.63 23.15 -8.51
CA ARG A 346 -8.27 21.99 -7.89
C ARG A 346 -9.68 22.38 -7.51
N PRO A 347 -10.56 22.54 -8.50
CA PRO A 347 -11.92 22.99 -8.15
C PRO A 347 -12.63 21.99 -7.25
N VAL A 348 -13.40 22.54 -6.32
CA VAL A 348 -14.16 21.75 -5.38
C VAL A 348 -15.04 20.76 -6.12
N ALA A 349 -15.64 21.23 -7.20
CA ALA A 349 -16.53 20.45 -8.04
C ALA A 349 -16.05 20.55 -9.47
N PRO A 350 -15.14 19.68 -9.89
CA PRO A 350 -14.54 19.80 -11.24
C PRO A 350 -15.53 19.61 -12.36
N MET A 351 -16.69 19.00 -12.12
CA MET A 351 -17.76 18.92 -13.12
C MET A 351 -19.06 19.47 -12.54
N LEU A 352 -18.94 20.45 -11.65
CA LEU A 352 -20.08 21.05 -10.96
C LEU A 352 -20.94 19.93 -10.37
N ILE A 353 -22.25 20.08 -10.36
CA ILE A 353 -23.21 19.02 -10.10
C ILE A 353 -23.92 18.84 -11.44
N PRO A 354 -24.27 17.60 -11.79
CA PRO A 354 -24.92 17.37 -13.09
C PRO A 354 -26.17 18.24 -13.23
N HIS A 355 -26.32 18.81 -14.41
CA HIS A 355 -27.51 19.56 -14.81
C HIS A 355 -28.39 18.67 -15.70
N LYS A 356 -29.59 19.16 -15.96
CA LYS A 356 -30.53 18.46 -16.81
C LYS A 356 -31.39 19.47 -17.54
N ALA A 357 -31.66 19.20 -18.82
CA ALA A 357 -32.49 20.04 -19.65
C ALA A 357 -33.93 19.95 -19.16
N ASN A 358 -34.51 21.09 -18.79
CA ASN A 358 -35.91 21.05 -18.38
C ASN A 358 -36.86 20.98 -19.57
N VAL A 359 -36.41 21.40 -20.74
CA VAL A 359 -37.22 21.50 -21.94
C VAL A 359 -36.33 21.20 -23.15
N ASP A 360 -36.93 21.03 -24.32
CA ASP A 360 -36.13 21.00 -25.54
C ASP A 360 -35.40 22.34 -25.68
N SER A 361 -34.11 22.27 -25.97
CA SER A 361 -33.34 23.50 -26.05
C SER A 361 -32.16 23.25 -26.98
N SER A 362 -31.10 24.01 -26.80
CA SER A 362 -29.94 23.86 -27.66
C SER A 362 -28.73 24.39 -26.92
N ILE A 363 -27.57 23.89 -27.31
CA ILE A 363 -26.29 24.39 -26.84
C ILE A 363 -25.40 24.54 -28.04
N GLY A 364 -24.86 25.74 -28.22
CA GLY A 364 -24.02 26.01 -29.39
C GLY A 364 -24.68 25.62 -30.71
N GLU A 365 -26.00 25.75 -30.79
CA GLU A 365 -26.82 25.51 -32.00
C GLU A 365 -27.19 24.04 -32.19
N PHE A 366 -26.74 23.17 -31.31
CA PHE A 366 -26.99 21.75 -31.39
C PHE A 366 -28.22 21.46 -30.54
N ALA A 367 -29.10 20.61 -31.05
CA ALA A 367 -30.32 20.30 -30.33
C ALA A 367 -30.03 19.47 -29.09
N VAL A 368 -30.74 19.78 -28.00
CA VAL A 368 -30.68 19.01 -26.75
C VAL A 368 -32.09 18.71 -26.30
N ASP A 369 -32.47 17.47 -26.23
CA ASP A 369 -33.80 17.12 -25.88
C ASP A 369 -34.04 17.35 -24.39
N LYS A 370 -35.28 17.56 -24.02
CA LYS A 370 -35.70 17.60 -22.63
C LYS A 370 -35.29 16.29 -21.95
N GLY A 371 -34.78 16.40 -20.72
CA GLY A 371 -34.36 15.25 -19.97
C GLY A 371 -32.91 14.85 -20.14
N THR A 372 -32.19 15.43 -21.10
CA THR A 372 -30.78 15.12 -21.28
C THR A 372 -29.98 15.64 -20.09
N GLU A 373 -29.09 14.81 -19.56
CA GLU A 373 -28.15 15.25 -18.54
C GLU A 373 -27.08 16.09 -19.20
N VAL A 374 -26.75 17.22 -18.60
CA VAL A 374 -25.74 18.12 -19.15
C VAL A 374 -24.67 18.35 -18.12
N ILE A 375 -23.44 18.03 -18.48
CA ILE A 375 -22.30 18.13 -17.58
C ILE A 375 -21.43 19.29 -18.03
N ILE A 376 -21.14 20.21 -17.12
CA ILE A 376 -20.14 21.22 -17.37
C ILE A 376 -18.79 20.75 -16.85
N ASN A 377 -17.83 20.59 -17.76
CA ASN A 377 -16.50 20.18 -17.37
C ASN A 377 -15.73 21.42 -16.95
N LEU A 378 -15.87 21.77 -15.66
CA LEU A 378 -15.17 22.96 -15.17
C LEU A 378 -13.66 22.78 -15.22
N TRP A 379 -13.19 21.56 -15.01
CA TRP A 379 -11.75 21.28 -15.13
C TRP A 379 -11.21 21.72 -16.47
N ALA A 380 -11.94 21.39 -17.52
CA ALA A 380 -11.56 21.76 -18.89
C ALA A 380 -11.50 23.28 -19.06
N LEU A 381 -12.43 24.01 -18.44
CA LEU A 381 -12.42 25.48 -18.51
C LEU A 381 -11.20 26.06 -17.82
N HIS A 382 -10.84 25.49 -16.65
CA HIS A 382 -9.75 25.96 -15.80
C HIS A 382 -8.37 25.53 -16.30
N HIS A 383 -8.29 24.56 -17.25
CA HIS A 383 -7.02 24.10 -17.79
C HIS A 383 -6.89 24.37 -19.29
N ASN A 384 -7.82 25.14 -19.87
CA ASN A 384 -7.79 25.50 -21.29
C ASN A 384 -6.51 26.29 -21.60
N GLU A 385 -5.68 25.73 -22.49
CA GLU A 385 -4.34 26.25 -22.78
C GLU A 385 -4.37 27.63 -23.42
N LYS A 386 -5.41 27.90 -24.20
CA LYS A 386 -5.59 29.17 -24.86
C LYS A 386 -6.06 30.25 -23.90
N GLU A 387 -6.64 29.87 -22.78
CA GLU A 387 -7.18 30.85 -21.85
C GLU A 387 -6.23 31.14 -20.71
N TRP A 388 -5.27 30.26 -20.47
CA TRP A 388 -4.39 30.35 -19.34
C TRP A 388 -2.95 30.03 -19.70
N HIS A 389 -2.01 30.64 -19.00
CA HIS A 389 -0.62 30.41 -19.23
C HIS A 389 -0.19 29.31 -18.26
N GLN A 390 0.45 28.25 -18.74
CA GLN A 390 0.90 27.10 -17.95
C GLN A 390 -0.21 26.65 -16.99
N PRO A 391 -1.34 26.17 -17.51
CA PRO A 391 -2.49 25.84 -16.64
C PRO A 391 -2.24 24.75 -15.62
N ASP A 392 -1.27 23.89 -15.86
CA ASP A 392 -0.92 22.83 -14.93
C ASP A 392 -0.19 23.34 -13.72
N GLN A 393 0.30 24.59 -13.76
CA GLN A 393 1.16 25.09 -12.72
C GLN A 393 0.38 25.94 -11.75
N PHE A 394 0.72 25.79 -10.47
CA PHE A 394 0.23 26.62 -9.38
C PHE A 394 0.98 27.93 -9.40
N MET A 395 0.28 28.99 -9.82
CA MET A 395 0.90 30.30 -9.96
C MET A 395 -0.05 31.36 -9.47
N PRO A 396 -0.10 31.61 -8.16
CA PRO A 396 -1.00 32.66 -7.66
C PRO A 396 -0.81 34.01 -8.35
N GLU A 397 0.39 34.29 -8.85
CA GLU A 397 0.64 35.58 -9.48
C GLU A 397 -0.17 35.80 -10.76
N ARG A 398 -0.79 34.75 -11.32
CA ARG A 398 -1.64 34.97 -12.50
C ARG A 398 -2.86 35.81 -12.17
N PHE A 399 -3.24 35.85 -10.90
CA PHE A 399 -4.38 36.67 -10.51
C PHE A 399 -3.97 38.06 -9.98
N LEU A 400 -2.73 38.45 -10.16
CA LEU A 400 -2.27 39.78 -9.80
C LEU A 400 -1.67 40.48 -11.02
N ASN A 401 -1.60 41.78 -10.97
CA ASN A 401 -0.92 42.50 -12.03
C ASN A 401 0.60 42.29 -11.90
N PRO A 402 1.40 42.71 -12.88
CA PRO A 402 2.85 42.47 -12.75
C PRO A 402 3.51 43.08 -11.53
N ALA A 403 3.04 44.22 -11.08
CA ALA A 403 3.51 44.86 -9.87
C ALA A 403 3.09 44.17 -8.60
N GLY A 404 2.04 43.38 -8.65
CA GLY A 404 1.52 42.73 -7.47
C GLY A 404 0.71 43.68 -6.60
N THR A 405 0.15 44.72 -7.19
CA THR A 405 -0.64 45.71 -6.45
C THR A 405 -2.15 45.68 -6.63
N GLN A 406 -2.61 44.88 -7.55
CA GLN A 406 -4.03 44.70 -7.84
C GLN A 406 -4.35 43.26 -8.22
N LEU A 407 -5.52 42.81 -7.76
CA LEU A 407 -6.08 41.55 -8.23
C LEU A 407 -6.66 41.76 -9.61
N ILE A 408 -6.51 40.76 -10.47
CA ILE A 408 -7.02 40.80 -11.83
C ILE A 408 -7.77 39.50 -12.11
N SER A 409 -8.57 39.54 -13.17
CA SER A 409 -9.23 38.37 -13.74
C SER A 409 -8.56 37.99 -15.04
N PRO A 410 -7.58 37.08 -15.03
CA PRO A 410 -6.81 36.83 -16.25
C PRO A 410 -7.63 36.16 -17.34
N SER A 411 -8.75 35.56 -17.01
CA SER A 411 -9.46 34.81 -18.02
C SER A 411 -10.93 34.79 -17.65
N VAL A 412 -11.77 34.78 -18.68
CA VAL A 412 -13.20 34.59 -18.46
C VAL A 412 -13.55 33.13 -18.27
N SER A 413 -12.63 32.20 -18.56
CA SER A 413 -12.90 30.77 -18.42
C SER A 413 -12.60 30.31 -17.00
N TYR A 414 -13.33 30.93 -16.05
CA TYR A 414 -13.10 30.73 -14.61
C TYR A 414 -14.43 30.83 -13.89
N LEU A 415 -14.92 29.69 -13.36
CA LEU A 415 -16.25 29.61 -12.73
C LEU A 415 -16.29 28.68 -11.52
N PRO A 416 -15.40 28.91 -10.56
CA PRO A 416 -15.29 27.99 -9.42
C PRO A 416 -16.60 27.83 -8.66
N PHE A 417 -17.47 28.84 -8.63
CA PHE A 417 -18.75 28.78 -7.93
C PHE A 417 -19.92 28.59 -8.87
N GLY A 418 -19.67 28.24 -10.12
CA GLY A 418 -20.75 28.08 -11.07
C GLY A 418 -21.26 29.46 -11.46
N ALA A 419 -22.49 29.46 -11.97
CA ALA A 419 -23.15 30.68 -12.44
C ALA A 419 -24.60 30.34 -12.70
N GLY A 420 -25.46 31.37 -12.68
CA GLY A 420 -26.85 31.19 -13.04
C GLY A 420 -27.70 30.58 -11.95
N PRO A 421 -28.81 29.95 -12.35
CA PRO A 421 -29.81 29.48 -11.36
C PRO A 421 -29.31 28.47 -10.37
N ARG A 422 -28.34 27.61 -10.72
CA ARG A 422 -27.83 26.61 -9.79
C ARG A 422 -26.51 26.99 -9.14
N SER A 423 -26.10 28.25 -9.25
CA SER A 423 -24.81 28.68 -8.74
C SER A 423 -24.72 28.43 -7.23
N CYS A 424 -23.49 28.40 -6.73
CA CYS A 424 -23.30 28.19 -5.30
C CYS A 424 -23.95 29.30 -4.47
N ILE A 425 -24.76 28.93 -3.49
CA ILE A 425 -25.35 29.94 -2.61
C ILE A 425 -24.50 30.18 -1.37
N GLY A 426 -23.42 29.39 -1.19
CA GLY A 426 -22.58 29.57 -0.04
C GLY A 426 -21.30 30.32 -0.34
N GLU A 427 -21.25 30.98 -1.50
CA GLU A 427 -20.00 31.59 -1.99
C GLU A 427 -19.46 32.65 -1.02
N ILE A 428 -20.32 33.53 -0.51
CA ILE A 428 -19.86 34.58 0.40
C ILE A 428 -19.27 33.98 1.65
N LEU A 429 -19.97 33.01 2.25
CA LEU A 429 -19.44 32.33 3.40
C LEU A 429 -18.09 31.70 3.09
N ALA A 430 -18.02 30.98 1.96
CA ALA A 430 -16.80 30.24 1.63
C ALA A 430 -15.62 31.18 1.51
N ARG A 431 -15.81 32.28 0.77
CA ARG A 431 -14.70 33.20 0.54
C ARG A 431 -14.23 33.83 1.84
N GLN A 432 -15.16 34.16 2.73
CA GLN A 432 -14.73 34.76 4.00
C GLN A 432 -14.05 33.73 4.88
N GLU A 433 -14.61 32.51 4.97
CA GLU A 433 -14.00 31.47 5.79
C GLU A 433 -12.58 31.16 5.31
N LEU A 434 -12.42 30.92 4.00
CA LEU A 434 -11.11 30.51 3.50
C LEU A 434 -10.10 31.60 3.79
N PHE A 435 -10.46 32.84 3.46
CA PHE A 435 -9.51 33.95 3.67
C PHE A 435 -9.13 34.09 5.14
N LEU A 436 -10.13 34.06 6.03
CA LEU A 436 -9.81 34.31 7.44
C LEU A 436 -9.02 33.17 8.07
N ILE A 437 -9.39 31.92 7.78
CA ILE A 437 -8.64 30.80 8.30
C ILE A 437 -7.18 30.90 7.89
N MET A 438 -6.93 31.15 6.60
CA MET A 438 -5.55 31.16 6.12
C MET A 438 -4.77 32.34 6.68
N ALA A 439 -5.41 33.53 6.81
CA ALA A 439 -4.73 34.70 7.37
C ALA A 439 -4.40 34.49 8.85
N TRP A 440 -5.33 33.95 9.63
CA TRP A 440 -5.02 33.69 11.02
C TRP A 440 -3.92 32.65 11.17
N LEU A 441 -3.95 31.60 10.35
CA LEU A 441 -2.94 30.56 10.43
C LEU A 441 -1.57 31.08 10.06
N LEU A 442 -1.49 31.87 8.97
CA LEU A 442 -0.20 32.38 8.56
C LEU A 442 0.33 33.44 9.54
N GLN A 443 -0.54 34.21 10.18
CA GLN A 443 -0.02 35.17 11.15
C GLN A 443 0.70 34.45 12.31
N ARG A 444 0.20 33.30 12.72
CA ARG A 444 0.62 32.69 13.98
C ARG A 444 1.54 31.49 13.83
N PHE A 445 1.51 30.78 12.69
CA PHE A 445 2.17 29.48 12.61
C PHE A 445 3.14 29.37 11.46
N ASP A 446 4.31 28.80 11.73
CA ASP A 446 5.10 28.19 10.67
C ASP A 446 4.46 26.82 10.38
N LEU A 447 4.21 26.55 9.11
CA LEU A 447 3.60 25.32 8.62
C LEU A 447 4.60 24.70 7.66
N GLU A 448 5.15 23.55 8.04
CA GLU A 448 6.31 22.99 7.36
C GLU A 448 6.09 21.52 7.06
N VAL A 449 6.92 21.01 6.17
CA VAL A 449 6.95 19.57 5.88
C VAL A 449 7.24 18.84 7.18
N PRO A 450 6.54 17.75 7.48
CA PRO A 450 6.82 16.95 8.68
C PRO A 450 8.21 16.34 8.65
N ASP A 451 8.64 15.78 9.78
CA ASP A 451 10.06 15.47 9.91
C ASP A 451 10.52 14.33 8.99
N ASP A 452 9.63 13.38 8.65
CA ASP A 452 10.00 12.33 7.68
C ASP A 452 10.01 12.80 6.21
N GLY A 453 9.79 14.09 5.93
CA GLY A 453 10.00 14.64 4.61
C GLY A 453 8.94 14.37 3.57
N GLN A 454 7.81 13.81 3.98
CA GLN A 454 6.74 13.45 3.07
C GLN A 454 5.92 14.70 2.70
N LEU A 455 5.70 14.88 1.48
CA LEU A 455 4.85 15.93 0.96
C LEU A 455 3.47 15.37 0.63
N PRO A 456 2.40 16.17 0.67
CA PRO A 456 1.09 15.64 0.26
C PRO A 456 1.03 15.35 -1.25
N SER A 457 0.26 14.34 -1.63
CA SER A 457 -0.01 14.10 -3.05
C SER A 457 -0.98 15.16 -3.55
N LEU A 458 -0.69 15.80 -4.67
CA LEU A 458 -1.61 16.80 -5.21
C LEU A 458 -2.53 16.26 -6.30
N GLU A 459 -2.53 14.93 -6.49
CA GLU A 459 -3.35 14.34 -7.54
C GLU A 459 -4.83 14.39 -7.18
N GLY A 460 -5.16 14.21 -5.92
CA GLY A 460 -6.52 14.33 -5.48
C GLY A 460 -7.32 13.05 -5.66
N ILE A 461 -8.49 13.06 -5.02
CA ILE A 461 -9.43 11.96 -5.02
C ILE A 461 -10.81 12.50 -5.40
N PRO A 462 -11.23 12.34 -6.65
CA PRO A 462 -12.57 12.81 -7.07
C PRO A 462 -13.64 12.03 -6.35
N LYS A 463 -14.45 12.75 -5.57
CA LYS A 463 -15.68 12.21 -4.99
C LYS A 463 -16.74 13.25 -5.36
N VAL A 464 -17.83 13.31 -4.57
CA VAL A 464 -18.81 14.37 -4.81
C VAL A 464 -18.14 15.73 -4.69
N VAL A 465 -17.11 15.84 -3.87
CA VAL A 465 -16.19 16.96 -3.76
C VAL A 465 -14.82 16.39 -4.13
N PHE A 466 -13.96 17.25 -4.70
CA PHE A 466 -12.59 16.88 -5.12
C PHE A 466 -11.67 16.93 -3.91
N LEU A 467 -11.42 15.78 -3.28
CA LEU A 467 -10.70 15.74 -2.01
C LEU A 467 -9.20 15.57 -2.20
N ILE A 468 -8.45 15.92 -1.19
CA ILE A 468 -7.02 15.62 -1.20
C ILE A 468 -6.75 14.46 -0.23
N ASP A 469 -5.71 13.67 -0.50
CA ASP A 469 -5.32 12.59 0.40
C ASP A 469 -4.89 13.20 1.74
N SER A 470 -5.17 12.50 2.82
CA SER A 470 -4.75 12.99 4.14
C SER A 470 -3.24 13.14 4.18
N PHE A 471 -2.79 14.19 4.87
CA PHE A 471 -1.36 14.47 5.01
C PHE A 471 -1.10 15.14 6.35
N LYS A 472 0.17 15.19 6.71
CA LYS A 472 0.58 15.84 7.94
C LYS A 472 1.37 17.10 7.66
N VAL A 473 1.29 18.02 8.60
CA VAL A 473 2.02 19.28 8.54
C VAL A 473 2.64 19.51 9.92
N LYS A 474 3.90 19.92 9.93
CA LYS A 474 4.57 20.32 11.15
C LYS A 474 4.15 21.74 11.48
N ILE A 475 3.71 21.95 12.72
CA ILE A 475 3.16 23.23 13.17
C ILE A 475 4.08 23.78 14.25
N LYS A 476 4.47 25.05 14.10
CA LYS A 476 5.23 25.76 15.12
C LYS A 476 4.69 27.17 15.23
N VAL A 477 4.57 27.65 16.46
CA VAL A 477 4.21 29.05 16.65
C VAL A 477 5.34 29.93 16.15
N ARG A 478 5.01 30.94 15.35
CA ARG A 478 6.06 31.79 14.78
C ARG A 478 6.72 32.60 15.91
N GLN A 479 8.03 32.75 15.83
CA GLN A 479 8.83 33.52 16.76
C GLN A 479 8.32 34.96 16.77
N ALA A 480 8.15 35.56 15.59
CA ALA A 480 7.62 36.93 15.45
C ALA A 480 6.32 37.09 16.23
N TRP A 481 5.45 36.08 16.19
CA TRP A 481 4.23 36.17 16.99
C TRP A 481 4.57 36.15 18.47
N ARG A 482 5.47 35.29 18.87
CA ARG A 482 5.84 35.15 20.27
C ARG A 482 6.41 36.43 20.82
N GLU A 483 7.35 36.98 20.10
CA GLU A 483 8.02 38.21 20.45
C GLU A 483 7.00 39.32 20.58
N ALA A 484 5.96 39.28 19.77
CA ALA A 484 4.98 40.35 19.79
C ALA A 484 4.02 40.26 20.95
N GLN A 485 3.89 39.12 21.60
CA GLN A 485 2.94 39.07 22.72
C GLN A 485 3.56 39.60 24.02
N GLY B 6 51.83 -38.32 3.24
CA GLY B 6 50.86 -37.38 2.69
C GLY B 6 50.10 -37.88 1.48
N ALA B 7 48.80 -38.17 1.66
CA ALA B 7 48.01 -38.79 0.60
C ALA B 7 47.70 -37.80 -0.51
N LYS B 8 47.69 -38.30 -1.73
CA LYS B 8 47.46 -37.50 -2.91
C LYS B 8 45.99 -37.25 -3.14
N TYR B 9 45.64 -35.95 -3.24
CA TYR B 9 44.29 -35.56 -3.42
C TYR B 9 44.08 -34.50 -4.54
N PRO B 10 42.91 -34.65 -5.27
CA PRO B 10 42.58 -33.68 -6.30
C PRO B 10 42.47 -32.31 -5.67
N LYS B 11 43.04 -31.33 -6.33
CA LYS B 11 43.10 -30.00 -5.82
C LYS B 11 41.74 -29.40 -6.08
N SER B 12 41.27 -28.54 -5.18
CA SER B 12 39.96 -28.00 -5.31
C SER B 12 39.98 -26.51 -5.08
N LEU B 13 38.87 -25.85 -5.41
CA LEU B 13 38.66 -24.45 -5.13
C LEU B 13 38.61 -24.24 -3.61
N LEU B 14 38.97 -23.03 -3.20
CA LEU B 14 39.05 -22.63 -1.80
C LEU B 14 37.73 -21.98 -1.42
N SER B 15 37.47 -21.96 -0.12
CA SER B 15 36.29 -21.34 0.45
C SER B 15 36.62 -19.87 0.69
N LEU B 16 35.70 -19.00 0.34
CA LEU B 16 35.99 -17.58 0.48
C LEU B 16 36.27 -17.21 1.94
N PRO B 17 37.15 -16.23 2.17
CA PRO B 17 37.26 -15.65 3.53
C PRO B 17 35.94 -15.02 3.94
N LEU B 18 35.55 -15.29 5.19
CA LEU B 18 34.29 -14.83 5.75
C LEU B 18 34.52 -13.77 6.82
N VAL B 19 34.04 -12.56 6.57
CA VAL B 19 34.26 -11.44 7.47
C VAL B 19 33.10 -11.26 8.43
N GLY B 20 31.96 -11.90 8.17
CA GLY B 20 30.81 -11.81 9.06
C GLY B 20 29.75 -12.82 8.65
N SER B 21 28.94 -13.23 9.62
CA SER B 21 27.92 -14.24 9.38
C SER B 21 26.76 -14.03 10.35
N LEU B 22 25.54 -13.90 9.81
CA LEU B 22 24.36 -13.92 10.66
C LEU B 22 23.48 -15.10 10.27
N PRO B 23 22.78 -15.72 11.24
CA PRO B 23 22.00 -16.93 10.93
C PRO B 23 20.71 -16.66 10.18
N PHE B 24 20.23 -15.42 10.14
CA PHE B 24 19.07 -15.13 9.31
C PHE B 24 19.16 -13.73 8.75
N LEU B 25 18.28 -13.45 7.77
CA LEU B 25 18.30 -12.14 7.13
C LEU B 25 17.76 -11.06 8.06
N PRO B 26 18.42 -9.90 8.14
CA PRO B 26 17.88 -8.81 8.96
C PRO B 26 16.64 -8.23 8.27
N ARG B 27 15.75 -7.66 9.09
CA ARG B 27 14.50 -7.04 8.66
C ARG B 27 13.69 -7.95 7.75
N HIS B 28 13.59 -9.21 8.16
CA HIS B 28 12.81 -10.20 7.43
C HIS B 28 12.19 -11.14 8.46
N GLY B 29 10.88 -11.05 8.63
CA GLY B 29 10.20 -11.76 9.67
C GLY B 29 10.34 -11.02 11.00
N HIS B 30 9.59 -11.51 11.98
CA HIS B 30 9.68 -10.96 13.32
C HIS B 30 10.86 -11.59 14.01
N MET B 31 11.64 -10.75 14.67
CA MET B 31 12.88 -11.23 15.29
C MET B 31 12.61 -12.28 16.36
N HIS B 32 11.53 -12.15 17.14
CA HIS B 32 11.29 -13.15 18.17
C HIS B 32 11.03 -14.52 17.56
N ASN B 33 10.40 -14.53 16.38
CA ASN B 33 10.14 -15.76 15.68
C ASN B 33 11.37 -16.29 14.95
N ASN B 34 12.19 -15.40 14.38
CA ASN B 34 13.43 -15.84 13.75
C ASN B 34 14.33 -16.54 14.78
N PHE B 35 14.44 -15.97 15.99
CA PHE B 35 15.23 -16.61 17.04
C PHE B 35 14.64 -17.96 17.44
N PHE B 36 13.32 -18.03 17.56
CA PHE B 36 12.62 -19.23 17.93
C PHE B 36 12.88 -20.33 16.94
N LYS B 37 12.84 -20.04 15.64
CA LYS B 37 13.05 -21.05 14.62
C LYS B 37 14.46 -21.62 14.64
N LEU B 38 15.46 -20.81 15.02
CA LEU B 38 16.84 -21.27 15.11
C LEU B 38 17.05 -22.36 16.16
N GLN B 39 16.15 -22.47 17.15
CA GLN B 39 16.29 -23.45 18.22
C GLN B 39 16.23 -24.86 17.68
N LYS B 40 15.59 -25.07 16.55
CA LYS B 40 15.57 -26.38 15.94
C LYS B 40 16.97 -26.79 15.55
N LYS B 41 17.80 -25.82 15.22
CA LYS B 41 19.14 -26.15 14.76
C LYS B 41 20.17 -26.08 15.88
N TYR B 42 20.04 -25.13 16.81
CA TYR B 42 21.05 -24.90 17.83
C TYR B 42 20.59 -25.17 19.25
N GLY B 43 19.36 -25.58 19.47
CA GLY B 43 18.88 -25.75 20.81
C GLY B 43 18.41 -24.42 21.36
N PRO B 44 18.05 -24.42 22.64
CA PRO B 44 17.35 -23.27 23.25
C PRO B 44 18.19 -22.11 23.77
N ILE B 45 19.51 -22.16 23.66
CA ILE B 45 20.36 -21.09 24.15
C ILE B 45 21.55 -21.03 23.20
N TYR B 46 21.79 -19.84 22.68
CA TYR B 46 22.89 -19.64 21.75
C TYR B 46 23.25 -18.17 21.80
N SER B 47 24.34 -17.81 21.17
CA SER B 47 24.85 -16.47 21.23
C SER B 47 25.19 -15.98 19.83
N VAL B 48 25.30 -14.66 19.75
CA VAL B 48 25.64 -13.88 18.58
C VAL B 48 26.54 -12.73 19.08
N ARG B 49 27.58 -12.40 18.33
CA ARG B 49 28.48 -11.35 18.72
C ARG B 49 28.49 -10.24 17.65
N MET B 50 28.31 -9.00 18.04
CA MET B 50 28.30 -7.89 17.09
C MET B 50 29.38 -6.91 17.56
N GLY B 51 30.42 -6.71 16.77
CA GLY B 51 31.56 -5.96 17.23
C GLY B 51 32.07 -6.56 18.54
N THR B 52 32.05 -5.76 19.62
CA THR B 52 32.59 -6.21 20.89
C THR B 52 31.54 -6.85 21.80
N LYS B 53 30.26 -6.69 21.46
CA LYS B 53 29.18 -7.14 22.30
C LYS B 53 28.71 -8.56 21.95
N THR B 54 28.46 -9.34 22.99
CA THR B 54 27.90 -10.69 22.89
C THR B 54 26.47 -10.64 23.45
N THR B 55 25.54 -11.25 22.73
CA THR B 55 24.16 -11.38 23.18
C THR B 55 23.80 -12.86 23.26
N VAL B 56 23.15 -13.23 24.35
CA VAL B 56 22.71 -14.60 24.57
C VAL B 56 21.19 -14.62 24.50
N ILE B 57 20.63 -15.55 23.73
CA ILE B 57 19.18 -15.69 23.56
C ILE B 57 18.74 -16.99 24.22
N VAL B 58 17.69 -16.91 25.02
CA VAL B 58 17.21 -18.03 25.84
C VAL B 58 15.78 -18.33 25.46
N GLY B 59 15.51 -19.58 25.09
CA GLY B 59 14.21 -19.90 24.55
C GLY B 59 13.50 -21.10 25.14
N HIS B 60 13.80 -21.41 26.38
CA HIS B 60 13.16 -22.49 27.10
C HIS B 60 12.92 -22.04 28.53
N HIS B 61 11.77 -22.45 29.09
CA HIS B 61 11.33 -21.90 30.36
C HIS B 61 12.28 -22.23 31.51
N GLN B 62 12.91 -23.40 31.49
CA GLN B 62 13.81 -23.74 32.60
C GLN B 62 15.01 -22.79 32.63
N LEU B 63 15.59 -22.52 31.46
CA LEU B 63 16.71 -21.58 31.40
C LEU B 63 16.24 -20.18 31.71
N ALA B 64 15.04 -19.82 31.25
CA ALA B 64 14.50 -18.49 31.50
C ALA B 64 14.31 -18.26 33.00
N LYS B 65 13.80 -19.28 33.71
CA LYS B 65 13.56 -19.10 35.13
C LYS B 65 14.88 -19.01 35.89
N GLU B 66 15.93 -19.64 35.39
CA GLU B 66 17.24 -19.45 36.00
C GLU B 66 17.74 -18.03 35.80
N VAL B 67 17.53 -17.47 34.60
CA VAL B 67 17.94 -16.10 34.35
C VAL B 67 17.09 -15.12 35.16
N LEU B 68 15.79 -15.35 35.20
CA LEU B 68 14.90 -14.35 35.78
C LEU B 68 14.72 -14.51 37.28
N ILE B 69 14.78 -15.73 37.80
CA ILE B 69 14.47 -16.02 39.20
C ILE B 69 15.67 -16.57 39.96
N LYS B 70 16.11 -17.79 39.65
CA LYS B 70 17.13 -18.40 40.51
C LYS B 70 18.38 -17.53 40.55
N LYS B 71 18.80 -17.01 39.41
CA LYS B 71 19.92 -16.08 39.36
C LYS B 71 19.43 -14.67 38.95
N GLY B 72 18.24 -14.28 39.42
CA GLY B 72 17.63 -13.03 38.99
C GLY B 72 18.55 -11.82 39.22
N LYS B 73 19.26 -11.81 40.33
CA LYS B 73 20.15 -10.71 40.69
C LYS B 73 21.35 -10.58 39.77
N ASP B 74 21.93 -11.69 39.36
CA ASP B 74 23.02 -11.69 38.40
C ASP B 74 22.69 -11.06 37.03
N PHE B 75 21.44 -11.15 36.63
CA PHE B 75 21.03 -10.82 35.28
C PHE B 75 20.01 -9.68 35.26
N SER B 76 20.03 -8.87 36.30
CA SER B 76 19.07 -7.80 36.48
C SER B 76 19.52 -6.51 35.84
N GLY B 77 20.63 -6.51 35.15
CA GLY B 77 21.04 -5.32 34.45
C GLY B 77 20.23 -5.11 33.18
N ARG B 78 20.38 -3.92 32.63
CA ARG B 78 19.89 -3.46 31.34
C ARG B 78 21.07 -3.03 30.49
N PRO B 79 21.10 -3.40 29.22
CA PRO B 79 22.13 -2.89 28.32
C PRO B 79 21.87 -1.43 27.98
N GLN B 80 22.94 -0.73 27.66
CA GLN B 80 22.88 0.69 27.26
C GLN B 80 22.64 0.72 25.74
N MET B 81 21.74 1.59 25.30
CA MET B 81 21.43 1.81 23.90
C MET B 81 21.24 3.30 23.67
N ALA B 82 21.68 3.78 22.50
CA ALA B 82 21.57 5.20 22.19
C ALA B 82 20.11 5.68 22.26
N THR B 83 19.17 4.90 21.73
CA THR B 83 17.78 5.35 21.74
C THR B 83 17.18 5.29 23.15
N LEU B 84 17.49 4.23 23.91
CA LEU B 84 16.95 4.12 25.26
C LEU B 84 17.55 5.19 26.16
N ASP B 85 18.79 5.62 25.91
CA ASP B 85 19.39 6.71 26.67
C ASP B 85 18.58 7.99 26.51
N ILE B 86 18.08 8.25 25.30
CA ILE B 86 17.32 9.46 25.06
C ILE B 86 15.98 9.40 25.76
N ALA B 87 15.29 8.28 25.65
CA ALA B 87 13.97 8.15 26.25
C ALA B 87 14.02 8.13 27.77
N SER B 88 15.09 7.57 28.34
CA SER B 88 15.25 7.43 29.77
C SER B 88 16.08 8.55 30.38
N ASN B 89 16.36 9.61 29.62
CA ASN B 89 17.17 10.73 30.12
C ASN B 89 18.46 10.20 30.71
N ASN B 90 19.12 9.38 29.91
CA ASN B 90 20.38 8.74 30.27
C ASN B 90 20.19 7.78 31.43
N ARG B 91 19.28 6.81 31.25
CA ARG B 91 19.20 5.63 32.11
C ARG B 91 18.73 5.94 33.51
N LYS B 92 17.87 6.95 33.62
CA LYS B 92 17.08 7.20 34.80
C LYS B 92 15.80 6.37 34.66
N GLY B 93 14.84 6.60 35.55
CA GLY B 93 13.57 5.89 35.50
C GLY B 93 13.71 4.47 36.04
N ILE B 94 12.88 3.58 35.52
CA ILE B 94 12.84 2.21 36.04
C ILE B 94 13.18 1.22 34.92
N ALA B 95 12.39 1.24 33.84
CA ALA B 95 12.45 0.17 32.84
C ALA B 95 13.82 0.08 32.21
N PHE B 96 14.41 1.21 31.85
CA PHE B 96 15.68 1.22 31.12
C PHE B 96 16.87 1.58 31.99
N ALA B 97 16.67 1.77 33.29
CA ALA B 97 17.76 2.03 34.21
C ALA B 97 18.51 0.74 34.48
N ASP B 98 19.83 0.82 34.57
CA ASP B 98 20.61 -0.33 34.92
C ASP B 98 20.32 -0.70 36.36
N SER B 99 20.65 -1.93 36.70
CA SER B 99 20.61 -2.32 38.10
C SER B 99 21.57 -1.42 38.87
N GLY B 100 21.17 -1.04 40.06
CA GLY B 100 21.91 -0.07 40.85
C GLY B 100 20.96 0.63 41.78
N ALA B 101 21.54 1.57 42.57
CA ALA B 101 20.80 2.20 43.66
C ALA B 101 19.58 2.97 43.15
N HIS B 102 19.76 3.74 42.10
CA HIS B 102 18.68 4.52 41.55
C HIS B 102 17.46 3.65 41.20
N TRP B 103 17.65 2.60 40.45
CA TRP B 103 16.57 1.70 40.03
C TRP B 103 15.92 1.02 41.18
N GLN B 104 16.67 0.45 42.09
CA GLN B 104 16.05 -0.23 43.20
C GLN B 104 15.20 0.72 44.00
N LEU B 105 15.65 1.93 44.15
CA LEU B 105 14.89 2.88 44.94
C LEU B 105 13.61 3.31 44.24
N HIS B 106 13.70 3.63 42.95
CA HIS B 106 12.52 4.10 42.23
C HIS B 106 11.53 2.97 41.99
N ARG B 107 12.04 1.77 41.71
CA ARG B 107 11.16 0.62 41.56
C ARG B 107 10.39 0.38 42.83
N ARG B 108 11.10 0.48 43.97
CA ARG B 108 10.45 0.25 45.26
C ARG B 108 9.40 1.30 45.53
N LEU B 109 9.73 2.59 45.30
CA LEU B 109 8.78 3.63 45.60
C LEU B 109 7.54 3.54 44.70
N ALA B 110 7.74 3.14 43.44
CA ALA B 110 6.61 2.97 42.54
C ALA B 110 5.71 1.84 43.01
N MET B 111 6.30 0.69 43.38
CA MET B 111 5.50 -0.43 43.86
C MET B 111 4.73 -0.03 45.12
N ALA B 112 5.40 0.69 46.01
CA ALA B 112 4.75 1.16 47.24
C ALA B 112 3.56 2.05 46.94
N THR B 113 3.63 2.84 45.87
CA THR B 113 2.49 3.71 45.54
C THR B 113 1.24 2.90 45.28
N PHE B 114 1.37 1.78 44.57
CA PHE B 114 0.18 0.95 44.29
C PHE B 114 -0.46 0.42 45.56
N ALA B 115 0.25 0.41 46.71
CA ALA B 115 -0.40 -0.02 47.95
C ALA B 115 -1.42 0.99 48.44
N LEU B 116 -1.22 2.26 48.10
CA LEU B 116 -2.20 3.26 48.51
C LEU B 116 -3.54 3.09 47.79
N PHE B 117 -3.62 2.22 46.78
CA PHE B 117 -4.82 2.05 45.97
C PHE B 117 -5.47 0.69 46.24
N LYS B 118 -5.17 0.08 47.39
CA LYS B 118 -5.71 -1.24 47.69
C LYS B 118 -7.17 -1.15 48.12
N ASP B 119 -7.49 -0.20 48.99
CA ASP B 119 -8.84 -0.07 49.52
C ASP B 119 -9.08 1.40 49.85
N GLY B 120 -10.34 1.74 50.08
CA GLY B 120 -10.74 3.10 50.38
C GLY B 120 -11.54 3.86 49.31
N ASP B 121 -11.59 5.17 49.48
CA ASP B 121 -12.28 6.14 48.59
C ASP B 121 -11.63 6.17 47.21
N GLN B 122 -10.31 5.98 47.21
CA GLN B 122 -9.45 5.97 46.05
C GLN B 122 -9.08 4.55 45.56
N LYS B 123 -9.84 3.55 45.91
CA LYS B 123 -9.56 2.19 45.48
C LYS B 123 -9.40 2.03 43.95
N LEU B 124 -8.52 1.12 43.52
CA LEU B 124 -8.14 1.03 42.11
C LEU B 124 -9.36 0.77 41.22
N GLU B 125 -10.20 -0.20 41.60
CA GLU B 125 -11.39 -0.54 40.83
C GLU B 125 -12.32 0.67 40.67
N LYS B 126 -12.40 1.52 41.69
CA LYS B 126 -13.29 2.67 41.63
C LYS B 126 -12.75 3.70 40.65
N ILE B 127 -11.43 3.91 40.64
CA ILE B 127 -10.83 4.81 39.66
C ILE B 127 -11.05 4.29 38.24
N ILE B 128 -10.80 2.98 38.04
CA ILE B 128 -10.93 2.37 36.71
C ILE B 128 -12.36 2.47 36.21
N CYS B 129 -13.32 2.09 37.07
CA CYS B 129 -14.71 2.03 36.67
C CYS B 129 -15.26 3.41 36.37
N GLN B 130 -14.71 4.47 36.97
CA GLN B 130 -15.24 5.78 36.62
C GLN B 130 -14.76 6.21 35.23
N GLU B 131 -13.53 5.88 34.84
CA GLU B 131 -13.10 6.22 33.49
C GLU B 131 -13.73 5.32 32.45
N ILE B 132 -14.00 4.05 32.79
CA ILE B 132 -14.66 3.15 31.84
C ILE B 132 -16.09 3.61 31.59
N SER B 133 -16.75 4.10 32.64
CA SER B 133 -18.09 4.60 32.48
C SER B 133 -18.14 5.73 31.48
N THR B 134 -17.19 6.67 31.57
CA THR B 134 -17.09 7.75 30.59
C THR B 134 -16.81 7.19 29.19
N LEU B 135 -15.88 6.23 29.10
CA LEU B 135 -15.57 5.58 27.82
C LEU B 135 -16.83 4.99 27.20
N CYS B 136 -17.59 4.23 27.99
CA CYS B 136 -18.79 3.60 27.47
C CYS B 136 -19.81 4.66 27.02
N ASP B 137 -19.94 5.75 27.75
CA ASP B 137 -20.87 6.79 27.33
C ASP B 137 -20.43 7.40 26.01
N MET B 138 -19.13 7.63 25.85
CA MET B 138 -18.65 8.19 24.60
C MET B 138 -18.86 7.22 23.46
N LEU B 139 -18.57 5.93 23.69
CA LEU B 139 -18.73 4.96 22.62
C LEU B 139 -20.19 4.81 22.23
N ALA B 140 -21.10 4.90 23.21
CA ALA B 140 -22.50 4.71 22.86
C ALA B 140 -22.97 5.75 21.83
N THR B 141 -22.38 6.95 21.85
CA THR B 141 -22.80 7.93 20.86
C THR B 141 -22.50 7.47 19.45
N HIS B 142 -21.53 6.55 19.28
CA HIS B 142 -21.24 6.04 17.96
C HIS B 142 -22.09 4.84 17.61
N ASN B 143 -23.19 4.65 18.35
CA ASN B 143 -24.08 3.54 18.06
C ASN B 143 -24.38 3.47 16.58
N GLY B 144 -24.14 2.29 16.00
CA GLY B 144 -24.38 2.08 14.58
C GLY B 144 -23.22 2.42 13.64
N GLN B 145 -22.10 2.92 14.16
CA GLN B 145 -20.95 3.31 13.34
C GLN B 145 -19.76 2.38 13.53
N SER B 146 -18.85 2.39 12.54
CA SER B 146 -17.57 1.68 12.61
C SER B 146 -16.48 2.66 12.97
N ILE B 147 -15.75 2.35 14.03
CA ILE B 147 -14.77 3.27 14.58
C ILE B 147 -13.50 2.53 14.98
N ASP B 148 -12.43 3.29 15.10
CA ASP B 148 -11.19 2.88 15.72
C ASP B 148 -11.29 3.25 17.21
N ILE B 149 -11.30 2.26 18.08
CA ILE B 149 -11.49 2.52 19.51
C ILE B 149 -10.17 2.88 20.19
N SER B 150 -9.09 3.01 19.41
CA SER B 150 -7.77 3.32 19.99
C SER B 150 -7.82 4.58 20.87
N PHE B 151 -8.26 5.72 20.31
CA PHE B 151 -8.17 6.94 21.06
C PHE B 151 -9.11 6.95 22.30
N PRO B 152 -10.37 6.54 22.15
CA PRO B 152 -11.22 6.48 23.38
C PRO B 152 -10.63 5.64 24.49
N VAL B 153 -10.08 4.46 24.15
CA VAL B 153 -9.46 3.64 25.18
C VAL B 153 -8.24 4.35 25.74
N PHE B 154 -7.41 4.89 24.85
CA PHE B 154 -6.22 5.64 25.25
C PHE B 154 -6.55 6.73 26.28
N VAL B 155 -7.67 7.43 26.09
CA VAL B 155 -8.02 8.52 27.01
C VAL B 155 -8.39 7.98 28.39
N ALA B 156 -9.14 6.88 28.40
CA ALA B 156 -9.54 6.27 29.63
C ALA B 156 -8.34 5.77 30.42
N VAL B 157 -7.38 5.08 29.76
CA VAL B 157 -6.25 4.56 30.51
C VAL B 157 -5.31 5.69 30.91
N THR B 158 -5.23 6.76 30.10
CA THR B 158 -4.41 7.90 30.48
C THR B 158 -4.93 8.58 31.74
N ASN B 159 -6.26 8.69 31.85
CA ASN B 159 -6.85 9.32 33.02
C ASN B 159 -6.66 8.44 34.25
N VAL B 160 -6.77 7.11 34.11
CA VAL B 160 -6.49 6.24 35.25
C VAL B 160 -5.07 6.49 35.78
N ILE B 161 -4.08 6.47 34.88
CA ILE B 161 -2.69 6.58 35.30
C ILE B 161 -2.36 7.98 35.74
N SER B 162 -3.01 8.96 35.16
CA SER B 162 -2.83 10.32 35.62
C SER B 162 -3.34 10.49 37.04
N LEU B 163 -4.45 9.81 37.37
CA LEU B 163 -4.93 9.86 38.75
C LEU B 163 -3.97 9.12 39.69
N ILE B 164 -3.42 8.00 39.24
CA ILE B 164 -2.47 7.31 40.11
C ILE B 164 -1.20 8.14 40.26
N CYS B 165 -0.81 8.88 39.23
CA CYS B 165 0.45 9.61 39.33
C CYS B 165 0.30 10.97 40.01
N PHE B 166 -0.81 11.67 39.75
CA PHE B 166 -0.96 13.06 40.18
C PHE B 166 -2.30 13.37 40.81
N ASN B 167 -3.23 12.44 40.86
CA ASN B 167 -4.59 12.75 41.26
C ASN B 167 -5.23 13.81 40.36
N THR B 168 -4.87 13.83 39.07
CA THR B 168 -5.49 14.71 38.09
C THR B 168 -6.00 13.86 36.95
N SER B 169 -7.03 14.33 36.27
CA SER B 169 -7.55 13.67 35.09
C SER B 169 -7.85 14.76 34.06
N TYR B 170 -7.94 14.39 32.81
CA TYR B 170 -8.25 15.32 31.74
C TYR B 170 -9.71 15.24 31.32
N LYS B 171 -10.31 16.36 30.96
CA LYS B 171 -11.68 16.37 30.47
C LYS B 171 -11.69 16.03 29.01
N ASN B 172 -12.83 15.56 28.50
CA ASN B 172 -12.94 15.22 27.06
C ASN B 172 -12.70 16.47 26.19
N GLY B 173 -11.87 16.37 25.14
CA GLY B 173 -11.53 17.50 24.34
C GLY B 173 -10.32 18.25 24.81
N ASP B 174 -9.78 17.97 25.97
CA ASP B 174 -8.56 18.66 26.37
C ASP B 174 -7.47 18.33 25.34
N PRO B 175 -6.89 19.33 24.64
CA PRO B 175 -5.92 19.00 23.58
C PRO B 175 -4.64 18.36 24.08
N GLU B 176 -4.37 18.41 25.39
CA GLU B 176 -3.20 17.75 25.92
C GLU B 176 -3.23 16.26 25.61
N LEU B 177 -4.43 15.65 25.58
CA LEU B 177 -4.51 14.23 25.25
C LEU B 177 -4.01 13.97 23.83
N ASN B 178 -4.31 14.88 22.91
CA ASN B 178 -3.82 14.70 21.55
C ASN B 178 -2.33 14.94 21.45
N VAL B 179 -1.78 15.87 22.27
CA VAL B 179 -0.33 16.11 22.31
C VAL B 179 0.41 14.84 22.78
N ILE B 180 -0.09 14.24 23.86
CA ILE B 180 0.52 13.06 24.43
C ILE B 180 0.45 11.90 23.42
N GLN B 181 -0.73 11.68 22.84
CA GLN B 181 -0.88 10.63 21.82
C GLN B 181 0.16 10.80 20.72
N ASN B 182 0.41 12.04 20.32
CA ASN B 182 1.33 12.32 19.21
C ASN B 182 2.78 12.03 19.61
N TYR B 183 3.21 12.44 20.79
CA TYR B 183 4.56 12.11 21.15
C TYR B 183 4.72 10.65 21.51
N ASN B 184 3.68 9.99 21.96
CA ASN B 184 3.73 8.61 22.34
C ASN B 184 4.01 7.85 21.07
N GLU B 185 3.24 8.16 20.06
CA GLU B 185 3.36 7.52 18.79
C GLU B 185 4.73 7.75 18.24
N GLY B 186 5.28 9.00 18.23
CA GLY B 186 6.56 9.34 17.65
C GLY B 186 7.74 8.70 18.37
N ILE B 187 7.63 8.57 19.69
CA ILE B 187 8.70 7.94 20.45
C ILE B 187 8.75 6.45 20.14
N ILE B 188 7.60 5.79 20.21
CA ILE B 188 7.53 4.36 19.89
C ILE B 188 8.05 4.12 18.48
N ASP B 189 7.68 4.98 17.54
CA ASP B 189 8.11 4.74 16.16
C ASP B 189 9.62 4.88 16.01
N ASN B 190 10.26 5.78 16.72
CA ASN B 190 11.69 6.04 16.54
C ASN B 190 12.60 5.34 17.55
N LEU B 191 12.04 4.77 18.62
CA LEU B 191 12.84 4.08 19.63
C LEU B 191 13.54 2.85 19.06
N SER B 192 12.88 2.17 18.13
CA SER B 192 13.41 1.02 17.44
C SER B 192 12.55 0.85 16.19
N LYS B 193 13.17 0.41 15.11
CA LYS B 193 12.38 0.28 13.90
C LYS B 193 11.45 -0.90 14.02
N ASP B 194 11.90 -1.95 14.67
CA ASP B 194 11.11 -3.15 14.96
C ASP B 194 11.26 -3.32 16.47
N SER B 195 11.52 -4.54 16.94
CA SER B 195 11.79 -4.78 18.35
C SER B 195 13.05 -4.05 18.85
N LEU B 196 13.21 -3.99 20.19
CA LEU B 196 14.42 -3.37 20.72
C LEU B 196 15.67 -4.14 20.30
N VAL B 197 15.57 -5.43 20.14
CA VAL B 197 16.71 -6.19 19.77
C VAL B 197 17.02 -6.04 18.28
N ASP B 198 18.17 -5.51 17.94
CA ASP B 198 18.60 -5.35 16.57
C ASP B 198 19.93 -6.07 16.47
N LEU B 199 20.12 -6.95 15.53
CA LEU B 199 21.41 -7.57 15.42
C LEU B 199 22.42 -6.57 14.92
N VAL B 200 22.08 -5.85 13.88
CA VAL B 200 22.99 -4.88 13.24
C VAL B 200 22.74 -3.53 13.69
N PRO B 201 23.73 -2.72 14.10
CA PRO B 201 23.50 -1.31 14.51
C PRO B 201 23.43 -0.30 13.34
N TRP B 202 22.28 -0.31 12.65
CA TRP B 202 22.10 0.51 11.46
C TRP B 202 22.24 1.99 11.77
N LEU B 203 21.91 2.39 13.00
CA LEU B 203 21.92 3.80 13.40
C LEU B 203 23.29 4.41 13.27
N LYS B 204 24.28 3.57 13.48
CA LYS B 204 25.66 3.95 13.43
C LYS B 204 26.39 3.75 12.12
N ILE B 205 25.74 3.14 11.14
CA ILE B 205 26.38 2.77 9.88
C ILE B 205 26.08 3.76 8.77
N PHE B 206 24.84 4.25 8.67
CA PHE B 206 24.36 5.11 7.61
C PHE B 206 23.81 6.39 8.20
N PRO B 207 23.83 7.48 7.45
CA PRO B 207 23.32 8.75 8.00
C PRO B 207 21.81 8.73 8.07
N ASN B 208 21.29 9.20 9.18
CA ASN B 208 19.86 9.15 9.42
C ASN B 208 19.51 10.15 10.53
N LYS B 209 18.22 10.34 10.74
CA LYS B 209 17.74 11.30 11.72
C LYS B 209 16.96 10.66 12.86
N THR B 210 17.14 9.37 13.09
CA THR B 210 16.32 8.72 14.10
C THR B 210 16.53 9.40 15.46
N LEU B 211 17.77 9.63 15.87
CA LEU B 211 18.06 10.20 17.18
C LEU B 211 17.58 11.64 17.29
N GLU B 212 17.70 12.38 16.21
CA GLU B 212 17.21 13.75 16.21
C GLU B 212 15.69 13.81 16.29
N LYS B 213 14.99 12.89 15.61
CA LYS B 213 13.54 12.87 15.75
C LYS B 213 13.13 12.39 17.14
N LEU B 214 13.82 11.36 17.65
CA LEU B 214 13.50 10.85 18.99
C LEU B 214 13.65 11.93 20.05
N LYS B 215 14.75 12.68 19.99
CA LYS B 215 15.00 13.77 20.94
C LYS B 215 13.92 14.82 20.88
N SER B 216 13.40 15.13 19.69
CA SER B 216 12.38 16.18 19.63
C SER B 216 11.08 15.72 20.27
N HIS B 217 10.70 14.42 20.08
CA HIS B 217 9.48 13.93 20.74
C HIS B 217 9.69 13.89 22.26
N VAL B 218 10.84 13.39 22.70
CA VAL B 218 11.11 13.31 24.13
C VAL B 218 11.15 14.71 24.74
N LYS B 219 11.65 15.71 23.99
CA LYS B 219 11.66 17.07 24.51
C LYS B 219 10.25 17.55 24.84
N ILE B 220 9.29 17.24 23.97
CA ILE B 220 7.92 17.64 24.25
C ILE B 220 7.41 16.90 25.46
N ARG B 221 7.69 15.59 25.55
CA ARG B 221 7.27 14.82 26.71
C ARG B 221 7.85 15.39 27.98
N ASN B 222 9.15 15.62 27.99
CA ASN B 222 9.82 16.12 29.18
C ASN B 222 9.29 17.49 29.57
N ASP B 223 9.02 18.37 28.58
CA ASP B 223 8.52 19.72 28.87
C ASP B 223 7.15 19.65 29.53
N LEU B 224 6.25 18.82 29.01
CA LEU B 224 4.92 18.65 29.60
C LEU B 224 5.04 18.11 31.03
N LEU B 225 5.85 17.09 31.23
CA LEU B 225 5.94 16.53 32.57
C LEU B 225 6.58 17.51 33.56
N ASN B 226 7.52 18.30 33.09
CA ASN B 226 8.16 19.28 33.90
C ASN B 226 7.17 20.34 34.39
N LYS B 227 6.26 20.80 33.56
CA LYS B 227 5.28 21.77 34.01
C LYS B 227 4.43 21.19 35.09
N ILE B 228 4.00 19.95 34.90
CA ILE B 228 3.18 19.30 35.88
C ILE B 228 3.87 19.24 37.20
N LEU B 229 5.11 18.81 37.19
CA LEU B 229 5.90 18.66 38.37
C LEU B 229 6.12 20.02 38.98
N GLU B 230 6.48 21.00 38.18
CA GLU B 230 6.74 22.32 38.74
C GLU B 230 5.46 22.88 39.37
N ASN B 231 4.31 22.74 38.74
CA ASN B 231 3.10 23.27 39.31
C ASN B 231 2.65 22.50 40.53
N TYR B 232 3.07 21.25 40.65
CA TYR B 232 2.70 20.41 41.77
C TYR B 232 3.54 20.65 43.00
N LYS B 233 4.72 21.22 42.84
CA LYS B 233 5.54 21.47 44.00
C LYS B 233 4.89 22.38 45.04
N GLU B 234 3.93 23.22 44.71
CA GLU B 234 3.32 24.05 45.73
C GLU B 234 2.14 23.37 46.42
N LYS B 235 1.55 22.41 45.75
CA LYS B 235 0.40 21.57 46.15
C LYS B 235 0.86 20.40 47.01
N PHE B 236 2.13 20.04 46.90
CA PHE B 236 2.64 18.93 47.67
C PHE B 236 2.54 19.22 49.17
N ARG B 237 1.94 18.31 49.92
CA ARG B 237 1.90 18.43 51.32
C ARG B 237 2.40 17.12 51.90
N SER B 238 3.24 17.18 52.91
CA SER B 238 3.77 15.99 53.57
C SER B 238 2.75 15.19 54.35
N ASP B 239 1.62 15.79 54.68
CA ASP B 239 0.56 15.10 55.42
C ASP B 239 -0.45 14.40 54.53
N SER B 240 -0.29 14.46 53.19
CA SER B 240 -1.21 13.78 52.26
C SER B 240 -0.40 13.13 51.13
N ILE B 241 -0.08 11.86 51.32
CA ILE B 241 0.66 11.04 50.38
C ILE B 241 -0.38 10.15 49.72
N THR B 242 -0.83 10.57 48.52
CA THR B 242 -2.00 10.00 47.86
C THR B 242 -1.74 9.50 46.44
N ASN B 243 -0.57 9.79 45.87
CA ASN B 243 -0.26 9.42 44.49
C ASN B 243 1.25 9.20 44.34
N MET B 244 1.66 8.83 43.12
CA MET B 244 3.03 8.44 42.88
C MET B 244 3.98 9.60 43.08
N LEU B 245 3.57 10.79 42.63
CA LEU B 245 4.43 11.95 42.81
C LEU B 245 4.58 12.31 44.30
N ASP B 246 3.51 12.19 45.09
CA ASP B 246 3.66 12.39 46.54
C ASP B 246 4.72 11.45 47.11
N THR B 247 4.66 10.17 46.71
CA THR B 247 5.59 9.20 47.24
C THR B 247 7.02 9.60 46.91
N LEU B 248 7.26 10.02 45.67
CA LEU B 248 8.62 10.36 45.26
C LEU B 248 9.08 11.64 45.96
N MET B 249 8.21 12.63 46.07
CA MET B 249 8.62 13.87 46.71
C MET B 249 8.85 13.66 48.19
N GLN B 250 8.08 12.81 48.86
CA GLN B 250 8.33 12.52 50.27
C GLN B 250 9.68 11.87 50.48
N ALA B 251 10.02 10.92 49.64
CA ALA B 251 11.27 10.28 49.71
C ALA B 251 12.37 11.30 49.55
N LYS B 252 12.24 12.20 48.59
CA LYS B 252 13.28 13.18 48.37
C LYS B 252 13.48 14.12 49.51
N MET B 253 12.38 14.51 50.11
CA MET B 253 12.42 15.45 51.19
C MET B 253 13.06 14.86 52.43
N ASN B 254 12.75 13.62 52.72
CA ASN B 254 13.30 12.91 53.87
C ASN B 254 14.76 12.52 53.64
N SER B 255 15.36 12.92 52.53
CA SER B 255 16.77 12.69 52.24
C SER B 255 17.58 13.98 52.52
N GLU B 267 20.10 12.63 46.40
CA GLU B 267 20.89 12.44 45.20
C GLU B 267 20.17 11.45 44.34
N LEU B 268 19.61 10.42 44.97
CA LEU B 268 18.89 9.40 44.21
C LEU B 268 17.61 9.98 43.62
N LEU B 269 17.08 11.01 44.26
CA LEU B 269 15.90 11.66 43.86
C LEU B 269 15.96 13.08 43.37
N SER B 270 16.81 13.39 42.38
CA SER B 270 16.82 14.65 41.66
C SER B 270 15.54 14.78 40.85
N ASP B 271 15.29 16.01 40.38
CA ASP B 271 14.11 16.31 39.57
C ASP B 271 14.05 15.43 38.32
N ASN B 272 15.16 15.26 37.64
CA ASN B 272 15.19 14.44 36.44
C ASN B 272 14.89 13.01 36.74
N HIS B 273 15.39 12.52 37.85
CA HIS B 273 15.09 11.17 38.28
C HIS B 273 13.59 10.99 38.51
N ILE B 274 12.97 11.92 39.24
CA ILE B 274 11.53 11.81 39.51
C ILE B 274 10.74 11.86 38.20
N LEU B 275 11.07 12.83 37.36
CA LEU B 275 10.35 12.99 36.10
C LEU B 275 10.42 11.73 35.24
N THR B 276 11.61 11.14 35.13
CA THR B 276 11.77 9.98 34.26
C THR B 276 11.04 8.77 34.81
N THR B 277 10.99 8.63 36.13
CA THR B 277 10.21 7.54 36.72
C THR B 277 8.73 7.73 36.43
N ILE B 278 8.23 8.95 36.60
CA ILE B 278 6.85 9.21 36.25
C ILE B 278 6.62 8.95 34.78
N GLY B 279 7.53 9.43 33.93
CA GLY B 279 7.38 9.16 32.51
C GLY B 279 7.30 7.67 32.21
N ASP B 280 8.06 6.85 32.94
CA ASP B 280 8.00 5.41 32.70
C ASP B 280 6.63 4.86 33.05
N ILE B 281 6.13 5.24 34.24
CA ILE B 281 4.85 4.72 34.67
C ILE B 281 3.75 5.23 33.76
N PHE B 282 3.75 6.55 33.50
CA PHE B 282 2.74 7.16 32.65
C PHE B 282 2.71 6.50 31.27
N GLY B 283 3.88 6.32 30.65
CA GLY B 283 3.91 5.69 29.34
C GLY B 283 3.51 4.22 29.39
N ALA B 284 4.06 3.47 30.35
CA ALA B 284 3.74 2.06 30.44
C ALA B 284 2.27 1.86 30.75
N GLY B 285 1.72 2.69 31.65
CA GLY B 285 0.33 2.53 32.01
C GLY B 285 -0.64 2.74 30.87
N VAL B 286 -0.24 3.45 29.82
CA VAL B 286 -1.14 3.77 28.72
C VAL B 286 -0.92 2.86 27.52
N GLU B 287 0.34 2.69 27.09
CA GLU B 287 0.57 2.01 25.84
C GLU B 287 0.32 0.51 25.94
N THR B 288 0.68 -0.10 27.08
CA THR B 288 0.53 -1.55 27.21
C THR B 288 -0.93 -1.96 27.23
N THR B 289 -1.71 -1.36 28.15
CA THR B 289 -3.10 -1.80 28.31
C THR B 289 -3.92 -1.43 27.08
N THR B 290 -3.68 -0.25 26.49
CA THR B 290 -4.39 0.07 25.26
C THR B 290 -4.14 -0.99 24.19
N SER B 291 -2.88 -1.42 24.05
CA SER B 291 -2.53 -2.42 23.05
C SER B 291 -3.25 -3.74 23.29
N VAL B 292 -3.28 -4.20 24.54
CA VAL B 292 -3.85 -5.52 24.83
C VAL B 292 -5.34 -5.51 24.57
N VAL B 293 -6.00 -4.38 24.90
CA VAL B 293 -7.42 -4.25 24.62
C VAL B 293 -7.66 -4.39 23.12
N LYS B 294 -6.86 -3.71 22.30
CA LYS B 294 -7.08 -3.78 20.86
C LYS B 294 -6.85 -5.20 20.34
N TRP B 295 -5.83 -5.85 20.86
CA TRP B 295 -5.61 -7.25 20.45
C TRP B 295 -6.79 -8.12 20.81
N THR B 296 -7.32 -7.92 22.02
CA THR B 296 -8.44 -8.74 22.48
C THR B 296 -9.66 -8.55 21.58
N LEU B 297 -9.99 -7.31 21.25
CA LEU B 297 -11.11 -7.08 20.35
C LEU B 297 -10.86 -7.71 18.99
N ALA B 298 -9.61 -7.64 18.52
CA ALA B 298 -9.29 -8.19 17.21
C ALA B 298 -9.49 -9.68 17.19
N PHE B 299 -8.96 -10.37 18.22
CA PHE B 299 -9.18 -11.81 18.29
C PHE B 299 -10.67 -12.13 18.38
N LEU B 300 -11.43 -11.31 19.13
CA LEU B 300 -12.87 -11.59 19.25
C LEU B 300 -13.57 -11.39 17.89
N LEU B 301 -13.12 -10.43 17.08
CA LEU B 301 -13.71 -10.29 15.76
C LEU B 301 -13.41 -11.50 14.87
N HIS B 302 -12.25 -12.11 15.08
CA HIS B 302 -11.95 -13.32 14.30
C HIS B 302 -12.60 -14.58 14.86
N ASN B 303 -13.13 -14.53 16.07
CA ASN B 303 -13.63 -15.72 16.79
C ASN B 303 -15.00 -15.45 17.37
N PRO B 304 -16.01 -15.34 16.52
CA PRO B 304 -17.36 -15.01 17.01
C PRO B 304 -17.94 -16.05 17.94
N GLN B 305 -17.53 -17.31 17.79
CA GLN B 305 -18.00 -18.37 18.67
C GLN B 305 -17.57 -18.05 20.10
N VAL B 306 -16.34 -17.65 20.31
CA VAL B 306 -15.88 -17.25 21.66
C VAL B 306 -16.61 -15.98 22.13
N LYS B 307 -16.76 -14.99 21.25
CA LYS B 307 -17.43 -13.75 21.65
C LYS B 307 -18.84 -14.04 22.16
N LYS B 308 -19.56 -14.92 21.46
CA LYS B 308 -20.92 -15.27 21.85
C LYS B 308 -20.99 -15.81 23.27
N LYS B 309 -20.07 -16.70 23.63
CA LYS B 309 -20.06 -17.28 24.96
C LYS B 309 -19.68 -16.26 26.01
N LEU B 310 -18.88 -15.25 25.65
CA LEU B 310 -18.60 -14.20 26.61
C LEU B 310 -19.87 -13.40 26.90
N TYR B 311 -20.67 -13.14 25.88
CA TYR B 311 -21.95 -12.44 26.09
C TYR B 311 -22.88 -13.24 27.00
N GLU B 312 -23.03 -14.53 26.71
CA GLU B 312 -23.86 -15.40 27.55
C GLU B 312 -23.33 -15.42 28.98
N GLU B 313 -22.01 -15.56 29.14
CA GLU B 313 -21.41 -15.67 30.47
C GLU B 313 -21.65 -14.40 31.26
N ILE B 314 -21.54 -13.26 30.63
CA ILE B 314 -21.76 -12.01 31.32
C ILE B 314 -23.21 -11.80 31.58
N ASP B 315 -24.04 -12.22 30.67
CA ASP B 315 -25.46 -12.04 30.93
C ASP B 315 -25.93 -12.91 32.10
N GLN B 316 -25.38 -14.11 32.24
CA GLN B 316 -25.87 -15.02 33.27
C GLN B 316 -25.31 -14.72 34.66
N ASN B 317 -24.08 -14.20 34.75
CA ASN B 317 -23.44 -13.99 36.04
C ASN B 317 -23.48 -12.57 36.54
N VAL B 318 -23.59 -11.58 35.66
CA VAL B 318 -23.72 -10.19 36.07
C VAL B 318 -25.09 -9.64 35.72
N GLY B 319 -25.60 -9.93 34.52
CA GLY B 319 -26.89 -9.38 34.12
C GLY B 319 -26.79 -7.89 33.82
N PHE B 320 -27.91 -7.19 34.01
CA PHE B 320 -27.94 -5.75 33.72
C PHE B 320 -28.42 -4.91 34.88
N SER B 321 -28.65 -5.50 36.05
CA SER B 321 -29.02 -4.70 37.21
C SER B 321 -27.91 -3.77 37.66
N ARG B 322 -26.65 -4.10 37.31
CA ARG B 322 -25.50 -3.37 37.80
C ARG B 322 -24.40 -3.53 36.77
N THR B 323 -23.30 -2.74 36.93
CA THR B 323 -22.11 -2.84 36.10
C THR B 323 -21.10 -3.81 36.71
N PRO B 324 -20.19 -4.36 35.90
CA PRO B 324 -19.25 -5.36 36.41
C PRO B 324 -18.29 -4.80 37.43
N THR B 325 -17.83 -5.67 38.33
CA THR B 325 -16.85 -5.29 39.34
C THR B 325 -15.71 -6.29 39.31
N ILE B 326 -14.64 -5.95 40.01
CA ILE B 326 -13.51 -6.86 40.08
C ILE B 326 -13.96 -8.21 40.64
N SER B 327 -14.93 -8.21 41.58
CA SER B 327 -15.43 -9.46 42.14
C SER B 327 -15.94 -10.43 41.08
N ASP B 328 -16.32 -9.93 39.91
CA ASP B 328 -16.80 -10.78 38.86
C ASP B 328 -15.69 -11.62 38.22
N ARG B 329 -14.44 -11.38 38.57
CA ARG B 329 -13.36 -12.21 38.06
C ARG B 329 -13.56 -13.67 38.46
N ASN B 330 -14.21 -13.92 39.60
CA ASN B 330 -14.55 -15.26 40.10
C ASN B 330 -15.64 -15.92 39.28
N ARG B 331 -16.40 -15.17 38.51
CA ARG B 331 -17.50 -15.75 37.74
C ARG B 331 -17.32 -15.62 36.24
N LEU B 332 -16.70 -14.54 35.76
CA LEU B 332 -16.48 -14.39 34.32
C LEU B 332 -15.16 -15.05 33.91
N LEU B 333 -15.18 -16.39 34.01
CA LEU B 333 -13.99 -17.19 33.84
C LEU B 333 -13.53 -17.26 32.39
N LEU B 334 -14.47 -17.38 31.46
CA LEU B 334 -14.06 -17.41 30.06
C LEU B 334 -13.43 -16.07 29.69
N LEU B 335 -13.91 -14.98 30.30
CA LEU B 335 -13.31 -13.67 30.07
C LEU B 335 -11.89 -13.62 30.62
N GLU B 336 -11.68 -14.12 31.84
CA GLU B 336 -10.33 -14.18 32.38
C GLU B 336 -9.46 -15.08 31.53
N ALA B 337 -10.02 -16.19 31.05
CA ALA B 337 -9.26 -17.09 30.20
C ALA B 337 -8.87 -16.43 28.89
N THR B 338 -9.79 -15.61 28.34
CA THR B 338 -9.53 -14.95 27.07
C THR B 338 -8.35 -14.02 27.20
N ILE B 339 -8.32 -13.25 28.30
CA ILE B 339 -7.24 -12.30 28.53
C ILE B 339 -5.93 -13.04 28.78
N ARG B 340 -5.96 -14.15 29.53
CA ARG B 340 -4.76 -14.95 29.67
C ARG B 340 -4.26 -15.41 28.31
N GLU B 341 -5.18 -15.81 27.41
CA GLU B 341 -4.78 -16.34 26.12
C GLU B 341 -4.27 -15.26 25.17
N VAL B 342 -4.79 -14.03 25.27
CA VAL B 342 -4.21 -12.94 24.48
C VAL B 342 -2.78 -12.66 24.96
N LEU B 343 -2.58 -12.62 26.27
CA LEU B 343 -1.23 -12.39 26.80
C LEU B 343 -0.29 -13.54 26.45
N ARG B 344 -0.82 -14.74 26.18
CA ARG B 344 0.05 -15.82 25.71
C ARG B 344 0.44 -15.68 24.25
N LEU B 345 -0.56 -15.56 23.37
CA LEU B 345 -0.39 -15.61 21.91
C LEU B 345 0.28 -14.34 21.36
N ARG B 346 -0.04 -13.18 21.91
CA ARG B 346 0.52 -11.90 21.46
C ARG B 346 1.05 -11.18 22.71
N PRO B 347 2.13 -11.67 23.28
CA PRO B 347 2.67 -11.03 24.49
C PRO B 347 3.01 -9.57 24.19
N VAL B 348 2.78 -8.71 25.17
CA VAL B 348 3.11 -7.30 25.07
C VAL B 348 4.61 -7.10 24.81
N ALA B 349 5.43 -7.91 25.48
CA ALA B 349 6.89 -7.83 25.37
C ALA B 349 7.34 -9.23 24.96
N PRO B 350 7.33 -9.54 23.67
CA PRO B 350 7.67 -10.89 23.23
C PRO B 350 9.09 -11.30 23.55
N MET B 351 9.98 -10.34 23.78
CA MET B 351 11.34 -10.63 24.25
C MET B 351 11.63 -9.86 25.53
N LEU B 352 10.61 -9.70 26.37
CA LEU B 352 10.70 -8.89 27.59
C LEU B 352 11.36 -7.57 27.19
N ILE B 353 12.18 -7.08 28.11
CA ILE B 353 13.11 -6.00 27.86
C ILE B 353 14.45 -6.69 28.03
N PRO B 354 15.47 -6.32 27.26
CA PRO B 354 16.78 -6.98 27.38
C PRO B 354 17.34 -6.92 28.79
N HIS B 355 17.89 -8.03 29.24
CA HIS B 355 18.64 -8.11 30.48
C HIS B 355 20.13 -8.02 30.18
N LYS B 356 20.92 -7.97 31.25
CA LYS B 356 22.36 -7.87 31.14
C LYS B 356 22.98 -8.56 32.35
N ALA B 357 24.04 -9.32 32.12
CA ALA B 357 24.77 -9.97 33.21
C ALA B 357 25.53 -8.92 34.04
N ASN B 358 25.16 -8.81 35.32
CA ASN B 358 25.83 -7.87 36.21
C ASN B 358 27.21 -8.38 36.67
N VAL B 359 27.40 -9.69 36.66
CA VAL B 359 28.63 -10.34 37.10
C VAL B 359 28.83 -11.55 36.21
N ASP B 360 30.05 -12.10 36.21
CA ASP B 360 30.28 -13.40 35.56
C ASP B 360 29.34 -14.42 36.19
N SER B 361 28.64 -15.20 35.36
CA SER B 361 27.67 -16.14 35.89
C SER B 361 27.51 -17.28 34.90
N SER B 362 26.37 -17.94 34.92
CA SER B 362 26.15 -19.04 34.00
C SER B 362 24.65 -19.21 33.79
N ILE B 363 24.29 -19.80 32.67
CA ILE B 363 22.94 -20.24 32.34
C ILE B 363 23.04 -21.65 31.79
N GLY B 364 22.28 -22.56 32.37
CA GLY B 364 22.36 -23.96 31.95
C GLY B 364 23.76 -24.50 32.00
N GLU B 365 24.58 -24.06 32.95
CA GLU B 365 25.97 -24.52 33.13
C GLU B 365 26.90 -23.90 32.09
N PHE B 366 26.39 -23.04 31.22
CA PHE B 366 27.21 -22.40 30.21
C PHE B 366 27.69 -21.08 30.78
N ALA B 367 28.95 -20.75 30.55
CA ALA B 367 29.50 -19.51 31.07
C ALA B 367 28.87 -18.30 30.41
N VAL B 368 28.62 -17.28 31.22
CA VAL B 368 28.15 -15.99 30.71
C VAL B 368 28.97 -14.91 31.40
N ASP B 369 29.73 -14.15 30.60
CA ASP B 369 30.60 -13.13 31.14
C ASP B 369 29.81 -11.91 31.59
N LYS B 370 30.36 -11.20 32.57
CA LYS B 370 29.79 -9.92 32.97
C LYS B 370 29.60 -9.04 31.76
N GLY B 371 28.49 -8.32 31.71
CA GLY B 371 28.24 -7.42 30.60
C GLY B 371 27.57 -8.02 29.40
N THR B 372 27.40 -9.35 29.35
CA THR B 372 26.69 -9.98 28.27
C THR B 372 25.23 -9.58 28.29
N GLU B 373 24.68 -9.23 27.13
CA GLU B 373 23.25 -8.99 27.02
C GLU B 373 22.52 -10.32 26.95
N VAL B 374 21.45 -10.45 27.72
CA VAL B 374 20.67 -11.68 27.80
C VAL B 374 19.22 -11.36 27.45
N ILE B 375 18.71 -12.05 26.43
CA ILE B 375 17.36 -11.88 25.93
C ILE B 375 16.56 -13.12 26.28
N ILE B 376 15.42 -12.93 26.92
CA ILE B 376 14.50 -14.02 27.11
C ILE B 376 13.51 -13.99 25.98
N ASN B 377 13.45 -15.07 25.21
CA ASN B 377 12.49 -15.17 24.14
C ASN B 377 11.15 -15.68 24.66
N LEU B 378 10.36 -14.76 25.21
CA LEU B 378 9.06 -15.14 25.76
C LEU B 378 8.15 -15.75 24.70
N TRP B 379 8.24 -15.26 23.47
CA TRP B 379 7.49 -15.84 22.35
C TRP B 379 7.78 -17.33 22.26
N ALA B 380 9.05 -17.71 22.34
CA ALA B 380 9.40 -19.13 22.23
C ALA B 380 8.80 -19.94 23.38
N LEU B 381 8.81 -19.39 24.59
CA LEU B 381 8.17 -20.07 25.72
C LEU B 381 6.67 -20.27 25.47
N HIS B 382 6.01 -19.27 24.90
CA HIS B 382 4.57 -19.30 24.76
C HIS B 382 4.11 -20.09 23.55
N HIS B 383 5.02 -20.49 22.67
CA HIS B 383 4.70 -21.27 21.48
C HIS B 383 5.36 -22.63 21.50
N ASN B 384 5.94 -23.04 22.62
CA ASN B 384 6.59 -24.34 22.69
C ASN B 384 5.57 -25.46 22.45
N GLU B 385 5.79 -26.24 21.38
CA GLU B 385 4.83 -27.26 20.93
C GLU B 385 4.66 -28.35 21.97
N LYS B 386 5.71 -28.64 22.74
CA LYS B 386 5.60 -29.63 23.78
C LYS B 386 4.88 -29.11 25.02
N GLU B 387 4.81 -27.78 25.20
CA GLU B 387 4.16 -27.28 26.40
C GLU B 387 2.71 -26.89 26.16
N TRP B 388 2.35 -26.71 24.92
CA TRP B 388 1.02 -26.23 24.59
C TRP B 388 0.44 -27.00 23.43
N HIS B 389 -0.88 -27.17 23.43
CA HIS B 389 -1.60 -27.80 22.33
C HIS B 389 -1.95 -26.74 21.28
N GLN B 390 -1.53 -26.96 20.02
CA GLN B 390 -1.78 -26.01 18.93
C GLN B 390 -1.47 -24.59 19.41
N PRO B 391 -0.21 -24.33 19.75
CA PRO B 391 0.16 -23.03 20.33
C PRO B 391 -0.13 -21.83 19.41
N ASP B 392 -0.26 -22.06 18.09
CA ASP B 392 -0.56 -20.99 17.13
C ASP B 392 -2.00 -20.48 17.22
N GLN B 393 -2.88 -21.23 17.87
CA GLN B 393 -4.31 -20.98 17.82
C GLN B 393 -4.77 -20.25 19.07
N PHE B 394 -5.70 -19.33 18.88
CA PHE B 394 -6.40 -18.63 19.95
C PHE B 394 -7.42 -19.59 20.54
N MET B 395 -7.15 -20.10 21.74
CA MET B 395 -8.03 -21.06 22.39
C MET B 395 -8.14 -20.69 23.87
N PRO B 396 -9.02 -19.76 24.21
CA PRO B 396 -9.19 -19.41 25.62
C PRO B 396 -9.48 -20.62 26.51
N GLU B 397 -10.12 -21.66 25.97
CA GLU B 397 -10.49 -22.82 26.76
C GLU B 397 -9.27 -23.57 27.30
N ARG B 398 -8.07 -23.33 26.74
CA ARG B 398 -6.87 -23.98 27.28
C ARG B 398 -6.59 -23.55 28.71
N PHE B 399 -7.08 -22.38 29.14
CA PHE B 399 -6.92 -21.93 30.52
C PHE B 399 -8.12 -22.32 31.38
N LEU B 400 -9.00 -23.19 30.90
CA LEU B 400 -10.14 -23.70 31.67
C LEU B 400 -10.14 -25.24 31.75
N ASN B 401 -10.70 -25.78 32.85
CA ASN B 401 -10.93 -27.23 32.91
C ASN B 401 -11.93 -27.61 31.83
N PRO B 402 -12.04 -28.91 31.52
CA PRO B 402 -12.98 -29.32 30.45
C PRO B 402 -14.40 -28.87 30.69
N ALA B 403 -14.82 -28.77 31.95
CA ALA B 403 -16.17 -28.35 32.25
C ALA B 403 -16.35 -26.84 32.19
N GLY B 404 -15.25 -26.07 32.11
CA GLY B 404 -15.37 -24.62 32.11
C GLY B 404 -15.76 -24.00 33.42
N THR B 405 -15.50 -24.68 34.53
CA THR B 405 -15.90 -24.23 35.86
C THR B 405 -14.75 -23.68 36.69
N GLN B 406 -13.52 -23.79 36.21
CA GLN B 406 -12.36 -23.35 36.96
C GLN B 406 -11.26 -22.90 36.00
N LEU B 407 -10.51 -21.88 36.40
CA LEU B 407 -9.33 -21.49 35.67
C LEU B 407 -8.21 -22.48 35.99
N ILE B 408 -7.36 -22.76 35.01
CA ILE B 408 -6.21 -23.63 35.24
C ILE B 408 -4.98 -22.98 34.60
N SER B 409 -3.80 -23.45 35.03
CA SER B 409 -2.52 -23.09 34.45
C SER B 409 -2.03 -24.27 33.64
N PRO B 410 -2.26 -24.29 32.33
CA PRO B 410 -1.93 -25.49 31.56
C PRO B 410 -0.43 -25.69 31.41
N SER B 411 0.39 -24.68 31.66
CA SER B 411 1.81 -24.85 31.39
C SER B 411 2.61 -23.94 32.30
N VAL B 412 3.77 -24.43 32.70
CA VAL B 412 4.72 -23.57 33.42
C VAL B 412 5.47 -22.63 32.48
N SER B 413 5.37 -22.84 31.17
CA SER B 413 6.11 -22.04 30.18
C SER B 413 5.29 -20.80 29.82
N TYR B 414 4.98 -20.00 30.85
CA TYR B 414 4.04 -18.89 30.71
C TYR B 414 4.44 -17.78 31.66
N LEU B 415 4.90 -16.68 31.11
CA LEU B 415 5.41 -15.59 31.94
C LEU B 415 5.08 -14.24 31.30
N PRO B 416 3.80 -13.96 31.08
CA PRO B 416 3.44 -12.70 30.39
C PRO B 416 3.98 -11.45 31.04
N PHE B 417 4.11 -11.45 32.37
CA PHE B 417 4.57 -10.31 33.12
C PHE B 417 6.00 -10.48 33.62
N GLY B 418 6.75 -11.43 33.02
CA GLY B 418 8.07 -11.68 33.47
C GLY B 418 8.08 -12.37 34.84
N ALA B 419 9.22 -12.25 35.51
CA ALA B 419 9.45 -12.79 36.85
C ALA B 419 10.79 -12.29 37.37
N GLY B 420 10.87 -12.28 38.70
CA GLY B 420 12.06 -11.91 39.39
C GLY B 420 12.22 -10.42 39.51
N PRO B 421 13.47 -10.00 39.69
CA PRO B 421 13.73 -8.60 40.04
C PRO B 421 13.28 -7.59 39.00
N ARG B 422 13.27 -7.92 37.71
CA ARG B 422 12.85 -6.96 36.69
C ARG B 422 11.40 -7.17 36.26
N SER B 423 10.66 -7.99 37.00
CA SER B 423 9.30 -8.29 36.62
C SER B 423 8.44 -7.02 36.56
N CYS B 424 7.33 -7.13 35.86
CA CYS B 424 6.42 -6.03 35.68
C CYS B 424 5.82 -5.51 36.99
N ILE B 425 5.91 -4.23 37.23
CA ILE B 425 5.32 -3.67 38.43
C ILE B 425 3.91 -3.18 38.23
N GLY B 426 3.40 -3.18 36.99
CA GLY B 426 2.04 -2.74 36.78
C GLY B 426 1.07 -3.88 36.63
N GLU B 427 1.46 -5.08 37.06
CA GLU B 427 0.65 -6.25 36.76
C GLU B 427 -0.75 -6.12 37.37
N ILE B 428 -0.83 -5.74 38.64
CA ILE B 428 -2.14 -5.61 39.28
C ILE B 428 -3.01 -4.61 38.52
N LEU B 429 -2.45 -3.43 38.23
CA LEU B 429 -3.20 -2.42 37.49
C LEU B 429 -3.67 -2.95 36.14
N ALA B 430 -2.76 -3.58 35.38
CA ALA B 430 -3.08 -4.04 34.03
C ALA B 430 -4.20 -5.06 34.05
N ARG B 431 -4.08 -6.03 34.95
CA ARG B 431 -5.06 -7.09 35.04
C ARG B 431 -6.44 -6.54 35.39
N GLN B 432 -6.49 -5.53 36.28
CA GLN B 432 -7.80 -4.97 36.64
C GLN B 432 -8.38 -4.16 35.49
N GLU B 433 -7.55 -3.34 34.85
CA GLU B 433 -8.00 -2.55 33.70
C GLU B 433 -8.52 -3.43 32.58
N LEU B 434 -7.76 -4.46 32.21
CA LEU B 434 -8.15 -5.28 31.07
C LEU B 434 -9.45 -6.01 31.36
N PHE B 435 -9.58 -6.58 32.56
CA PHE B 435 -10.81 -7.30 32.85
C PHE B 435 -11.99 -6.35 32.86
N LEU B 436 -11.87 -5.22 33.55
CA LEU B 436 -13.03 -4.36 33.66
C LEU B 436 -13.39 -3.74 32.31
N ILE B 437 -12.39 -3.28 31.54
CA ILE B 437 -12.70 -2.70 30.23
C ILE B 437 -13.49 -3.70 29.39
N MET B 438 -13.01 -4.94 29.30
CA MET B 438 -13.68 -5.91 28.44
C MET B 438 -15.07 -6.29 28.96
N ALA B 439 -15.22 -6.41 30.28
CA ALA B 439 -16.52 -6.76 30.86
C ALA B 439 -17.53 -5.65 30.63
N TRP B 440 -17.14 -4.41 30.86
CA TRP B 440 -18.05 -3.29 30.62
C TRP B 440 -18.41 -3.16 29.16
N LEU B 441 -17.43 -3.34 28.27
CA LEU B 441 -17.72 -3.27 26.84
C LEU B 441 -18.67 -4.38 26.41
N LEU B 442 -18.44 -5.61 26.89
CA LEU B 442 -19.27 -6.74 26.46
C LEU B 442 -20.69 -6.66 27.03
N GLN B 443 -20.85 -6.09 28.23
CA GLN B 443 -22.18 -5.94 28.77
C GLN B 443 -23.05 -5.03 27.90
N ARG B 444 -22.46 -3.96 27.34
CA ARG B 444 -23.26 -2.91 26.74
C ARG B 444 -23.26 -2.92 25.21
N PHE B 445 -22.26 -3.51 24.55
CA PHE B 445 -22.03 -3.32 23.13
C PHE B 445 -21.93 -4.62 22.35
N ASP B 446 -22.63 -4.64 21.21
CA ASP B 446 -22.31 -5.53 20.11
C ASP B 446 -21.13 -4.95 19.37
N LEU B 447 -20.10 -5.77 19.19
CA LEU B 447 -18.83 -5.41 18.56
C LEU B 447 -18.63 -6.32 17.38
N GLU B 448 -18.77 -5.79 16.19
CA GLU B 448 -18.91 -6.59 15.00
C GLU B 448 -17.94 -6.13 13.94
N VAL B 449 -17.77 -6.99 12.93
CA VAL B 449 -16.97 -6.62 11.78
C VAL B 449 -17.58 -5.38 11.17
N PRO B 450 -16.80 -4.38 10.77
CA PRO B 450 -17.37 -3.22 10.08
C PRO B 450 -18.00 -3.64 8.76
N ASP B 451 -18.80 -2.75 8.15
CA ASP B 451 -19.67 -3.23 7.07
C ASP B 451 -18.94 -3.55 5.78
N ASP B 452 -17.78 -2.95 5.49
CA ASP B 452 -17.00 -3.38 4.32
C ASP B 452 -16.28 -4.73 4.56
N GLY B 453 -16.47 -5.39 5.72
CA GLY B 453 -16.01 -6.75 5.96
C GLY B 453 -14.55 -6.94 6.29
N GLN B 454 -13.81 -5.87 6.56
CA GLN B 454 -12.39 -6.02 6.82
C GLN B 454 -12.15 -6.45 8.26
N LEU B 455 -11.36 -7.42 8.42
CA LEU B 455 -10.92 -7.92 9.72
C LEU B 455 -9.52 -7.41 10.04
N PRO B 456 -9.19 -7.20 11.31
CA PRO B 456 -7.82 -6.78 11.61
C PRO B 456 -6.84 -7.88 11.26
N SER B 457 -5.65 -7.46 10.85
CA SER B 457 -4.54 -8.36 10.69
C SER B 457 -4.01 -8.73 12.08
N LEU B 458 -3.82 -10.01 12.32
CA LEU B 458 -3.32 -10.50 13.60
C LEU B 458 -1.82 -10.71 13.61
N GLU B 459 -1.15 -10.29 12.53
CA GLU B 459 0.29 -10.51 12.43
C GLU B 459 1.07 -9.66 13.43
N GLY B 460 0.64 -8.42 13.62
CA GLY B 460 1.26 -7.53 14.57
C GLY B 460 2.46 -6.78 14.02
N ILE B 461 2.83 -5.76 14.80
CA ILE B 461 3.91 -4.83 14.48
C ILE B 461 4.79 -4.84 15.72
N PRO B 462 5.90 -5.57 15.70
CA PRO B 462 6.83 -5.55 16.85
C PRO B 462 7.48 -4.20 16.97
N LYS B 463 7.24 -3.53 18.10
CA LYS B 463 7.95 -2.32 18.48
C LYS B 463 8.45 -2.60 19.89
N VAL B 464 8.71 -1.55 20.68
CA VAL B 464 9.06 -1.78 22.07
C VAL B 464 7.94 -2.55 22.77
N VAL B 465 6.72 -2.38 22.29
CA VAL B 465 5.56 -3.19 22.61
C VAL B 465 5.08 -3.82 21.29
N PHE B 466 4.44 -4.99 21.40
CA PHE B 466 3.91 -5.73 20.27
C PHE B 466 2.55 -5.16 19.91
N LEU B 467 2.52 -4.28 18.91
CA LEU B 467 1.31 -3.54 18.57
C LEU B 467 0.50 -4.31 17.54
N ILE B 468 -0.76 -3.96 17.42
CA ILE B 468 -1.60 -4.45 16.33
C ILE B 468 -1.87 -3.28 15.39
N ASP B 469 -1.99 -3.65 14.13
CA ASP B 469 -2.31 -2.64 13.11
C ASP B 469 -3.66 -2.01 13.44
N SER B 470 -3.86 -0.75 13.11
CA SER B 470 -5.15 -0.09 13.38
C SER B 470 -6.28 -0.73 12.57
N PHE B 471 -7.45 -0.83 13.22
CA PHE B 471 -8.63 -1.41 12.60
C PHE B 471 -9.87 -0.75 13.14
N LYS B 472 -10.98 -1.02 12.49
CA LYS B 472 -12.27 -0.49 12.88
C LYS B 472 -13.17 -1.60 13.37
N VAL B 473 -14.11 -1.21 14.23
CA VAL B 473 -15.13 -2.10 14.78
C VAL B 473 -16.48 -1.38 14.73
N LYS B 474 -17.50 -2.09 14.28
CA LYS B 474 -18.86 -1.59 14.29
C LYS B 474 -19.40 -1.77 15.69
N ILE B 475 -19.92 -0.70 16.28
CA ILE B 475 -20.35 -0.74 17.66
C ILE B 475 -21.84 -0.43 17.70
N LYS B 476 -22.58 -1.27 18.41
CA LYS B 476 -24.01 -1.12 18.60
C LYS B 476 -24.35 -1.37 20.06
N VAL B 477 -25.26 -0.56 20.59
CA VAL B 477 -25.77 -0.80 21.93
C VAL B 477 -26.57 -2.08 21.88
N ARG B 478 -26.27 -2.97 22.83
CA ARG B 478 -27.00 -4.22 22.85
C ARG B 478 -28.47 -3.95 23.20
N GLN B 479 -29.29 -4.74 22.51
CA GLN B 479 -30.73 -4.87 22.63
C GLN B 479 -31.11 -5.14 24.12
N ALA B 480 -30.58 -6.21 24.69
CA ALA B 480 -30.75 -6.55 26.12
C ALA B 480 -30.39 -5.40 27.06
N TRP B 481 -29.34 -4.66 26.72
CA TRP B 481 -28.97 -3.54 27.56
C TRP B 481 -30.04 -2.44 27.49
N ARG B 482 -30.51 -2.15 26.27
CA ARG B 482 -31.57 -1.15 26.09
C ARG B 482 -32.81 -1.53 26.89
N GLU B 483 -33.28 -2.76 26.73
CA GLU B 483 -34.51 -3.17 27.42
C GLU B 483 -34.39 -2.96 28.93
N ALA B 484 -33.21 -3.18 29.50
CA ALA B 484 -33.08 -3.07 30.95
C ALA B 484 -33.01 -1.63 31.45
N GLN B 485 -32.72 -0.65 30.60
CA GLN B 485 -32.63 0.72 31.10
C GLN B 485 -33.98 1.47 31.20
N LEU C 13 -31.56 22.12 -35.67
CA LEU C 13 -31.30 21.32 -36.88
C LEU C 13 -29.99 20.54 -36.88
N LEU C 14 -29.08 20.92 -36.00
CA LEU C 14 -27.74 20.35 -35.96
C LEU C 14 -27.67 19.34 -34.83
N SER C 15 -26.86 18.30 -35.02
CA SER C 15 -26.74 17.17 -34.12
C SER C 15 -25.32 17.03 -33.59
N LEU C 16 -25.25 16.85 -32.29
CA LEU C 16 -24.01 16.67 -31.58
C LEU C 16 -23.37 15.35 -31.98
N PRO C 17 -22.04 15.25 -31.95
CA PRO C 17 -21.42 13.94 -32.03
C PRO C 17 -21.83 13.06 -30.86
N LEU C 18 -22.10 11.80 -31.19
CA LEU C 18 -22.37 10.74 -30.22
C LEU C 18 -21.12 9.87 -30.26
N VAL C 19 -20.32 9.93 -29.20
CA VAL C 19 -18.99 9.33 -29.16
C VAL C 19 -18.93 8.13 -28.26
N GLY C 20 -20.00 7.77 -27.58
CA GLY C 20 -20.05 6.55 -26.80
C GLY C 20 -21.50 6.13 -26.75
N SER C 21 -21.73 4.82 -26.78
CA SER C 21 -23.08 4.28 -26.83
C SER C 21 -23.08 2.87 -26.22
N LEU C 22 -23.94 2.66 -25.23
CA LEU C 22 -24.27 1.33 -24.70
C LEU C 22 -25.76 1.21 -24.82
N PRO C 23 -26.29 0.84 -25.98
CA PRO C 23 -27.75 0.88 -26.17
C PRO C 23 -28.50 -0.11 -25.32
N PHE C 24 -27.83 -1.09 -24.75
CA PHE C 24 -28.53 -2.05 -23.91
C PHE C 24 -27.73 -2.27 -22.65
N LEU C 25 -28.43 -2.59 -21.57
CA LEU C 25 -27.80 -2.75 -20.28
C LEU C 25 -28.56 -3.78 -19.46
N PRO C 26 -27.85 -4.66 -18.77
CA PRO C 26 -28.64 -5.59 -17.98
C PRO C 26 -29.04 -5.01 -16.63
N ARG C 27 -29.95 -5.65 -15.95
CA ARG C 27 -30.38 -5.22 -14.65
C ARG C 27 -30.08 -6.43 -13.75
N HIS C 28 -28.93 -6.39 -13.08
CA HIS C 28 -28.43 -7.50 -12.26
C HIS C 28 -28.35 -8.77 -13.15
N GLY C 29 -28.79 -10.00 -12.76
CA GLY C 29 -28.67 -11.23 -13.58
C GLY C 29 -27.24 -11.82 -13.69
N HIS C 30 -27.06 -13.08 -14.04
CA HIS C 30 -25.68 -13.58 -14.14
C HIS C 30 -25.21 -13.08 -15.51
N MET C 31 -23.96 -12.65 -15.61
CA MET C 31 -23.41 -12.05 -16.82
C MET C 31 -23.51 -13.07 -17.92
N HIS C 32 -23.29 -14.35 -17.62
CA HIS C 32 -23.42 -15.38 -18.64
C HIS C 32 -24.83 -15.46 -19.22
N ASN C 33 -25.85 -15.30 -18.40
CA ASN C 33 -27.19 -15.29 -18.90
C ASN C 33 -27.44 -14.09 -19.76
N ASN C 34 -26.98 -12.94 -19.32
CA ASN C 34 -27.19 -11.70 -20.01
C ASN C 34 -26.56 -11.77 -21.37
N PHE C 35 -25.34 -12.26 -21.45
CA PHE C 35 -24.70 -12.41 -22.76
C PHE C 35 -25.49 -13.36 -23.67
N PHE C 36 -26.02 -14.46 -23.09
CA PHE C 36 -26.79 -15.44 -23.85
C PHE C 36 -28.06 -14.79 -24.44
N LYS C 37 -28.78 -14.05 -23.60
CA LYS C 37 -29.98 -13.37 -24.05
C LYS C 37 -29.67 -12.34 -25.14
N LEU C 38 -28.50 -11.71 -25.08
CA LEU C 38 -28.15 -10.74 -26.12
C LEU C 38 -27.99 -11.38 -27.49
N GLN C 39 -27.75 -12.70 -27.55
CA GLN C 39 -27.60 -13.37 -28.83
C GLN C 39 -28.88 -13.33 -29.66
N LYS C 40 -30.03 -13.19 -29.02
CA LYS C 40 -31.27 -13.14 -29.79
C LYS C 40 -31.32 -11.90 -30.67
N LYS C 41 -30.57 -10.87 -30.32
CA LYS C 41 -30.49 -9.63 -31.08
C LYS C 41 -29.26 -9.53 -31.94
N TYR C 42 -28.14 -10.00 -31.48
CA TYR C 42 -26.87 -9.74 -32.15
C TYR C 42 -26.23 -10.99 -32.71
N GLY C 43 -26.83 -12.15 -32.48
CA GLY C 43 -26.25 -13.36 -32.99
C GLY C 43 -25.24 -13.96 -32.03
N PRO C 44 -24.56 -15.03 -32.50
CA PRO C 44 -23.71 -15.83 -31.62
C PRO C 44 -22.33 -15.24 -31.36
N ILE C 45 -22.01 -14.09 -31.97
CA ILE C 45 -20.71 -13.48 -31.79
C ILE C 45 -20.84 -11.97 -31.91
N TYR C 46 -20.44 -11.24 -30.88
CA TYR C 46 -20.51 -9.80 -30.87
C TYR C 46 -19.40 -9.24 -29.99
N SER C 47 -19.21 -7.92 -30.08
CA SER C 47 -18.10 -7.27 -29.43
C SER C 47 -18.54 -5.99 -28.72
N VAL C 48 -17.66 -5.56 -27.83
CA VAL C 48 -17.78 -4.33 -27.08
C VAL C 48 -16.41 -3.70 -27.09
N ARG C 49 -16.37 -2.38 -27.17
CA ARG C 49 -15.14 -1.59 -27.24
C ARG C 49 -15.13 -0.59 -26.09
N MET C 50 -14.03 -0.53 -25.35
CA MET C 50 -13.79 0.48 -24.31
C MET C 50 -12.39 1.03 -24.51
N GLY C 51 -12.29 2.33 -24.85
CA GLY C 51 -11.04 2.90 -25.30
C GLY C 51 -10.49 2.10 -26.46
N THR C 52 -9.26 1.64 -26.32
CA THR C 52 -8.58 0.83 -27.32
C THR C 52 -8.78 -0.67 -27.06
N LYS C 53 -9.47 -1.04 -25.98
CA LYS C 53 -9.68 -2.45 -25.66
C LYS C 53 -10.95 -2.96 -26.33
N THR C 54 -10.84 -4.15 -26.93
CA THR C 54 -11.98 -4.85 -27.52
C THR C 54 -12.17 -6.21 -26.89
N THR C 55 -13.41 -6.57 -26.63
CA THR C 55 -13.77 -7.89 -26.12
C THR C 55 -14.83 -8.49 -27.04
N VAL C 56 -14.65 -9.75 -27.37
CA VAL C 56 -15.57 -10.52 -28.21
C VAL C 56 -16.17 -11.63 -27.36
N ILE C 57 -17.48 -11.78 -27.45
CA ILE C 57 -18.23 -12.84 -26.77
C ILE C 57 -18.71 -13.84 -27.83
N VAL C 58 -18.44 -15.11 -27.60
CA VAL C 58 -18.73 -16.20 -28.54
C VAL C 58 -19.67 -17.21 -27.89
N GLY C 59 -20.82 -17.44 -28.51
CA GLY C 59 -21.87 -18.24 -27.90
C GLY C 59 -22.46 -19.35 -28.75
N HIS C 60 -21.69 -19.87 -29.69
CA HIS C 60 -22.07 -21.03 -30.51
C HIS C 60 -20.88 -22.00 -30.60
N HIS C 61 -21.17 -23.31 -30.56
CA HIS C 61 -20.12 -24.33 -30.42
C HIS C 61 -19.15 -24.33 -31.61
N GLN C 62 -19.66 -24.07 -32.82
CA GLN C 62 -18.80 -24.04 -34.00
C GLN C 62 -17.77 -22.91 -33.89
N LEU C 63 -18.21 -21.72 -33.50
CA LEU C 63 -17.27 -20.62 -33.32
C LEU C 63 -16.36 -20.89 -32.16
N ALA C 64 -16.91 -21.49 -31.07
CA ALA C 64 -16.07 -21.78 -29.92
C ALA C 64 -15.00 -22.80 -30.24
N LYS C 65 -15.33 -23.84 -30.99
CA LYS C 65 -14.33 -24.82 -31.34
C LYS C 65 -13.25 -24.23 -32.25
N GLU C 66 -13.59 -23.20 -33.04
CA GLU C 66 -12.56 -22.52 -33.83
C GLU C 66 -11.59 -21.77 -32.93
N VAL C 67 -12.12 -21.10 -31.91
CA VAL C 67 -11.23 -20.38 -31.01
C VAL C 67 -10.39 -21.36 -30.19
N LEU C 68 -11.02 -22.42 -29.71
CA LEU C 68 -10.36 -23.27 -28.74
C LEU C 68 -9.48 -24.32 -29.39
N ILE C 69 -9.90 -24.82 -30.57
CA ILE C 69 -9.22 -25.97 -31.16
C ILE C 69 -8.53 -25.65 -32.48
N LYS C 70 -9.34 -25.35 -33.51
CA LYS C 70 -8.82 -25.19 -34.87
C LYS C 70 -7.76 -24.09 -34.95
N LYS C 71 -8.01 -22.98 -34.30
CA LYS C 71 -7.05 -21.88 -34.29
C LYS C 71 -6.63 -21.69 -32.84
N GLY C 72 -6.51 -22.80 -32.07
CA GLY C 72 -6.28 -22.78 -30.63
C GLY C 72 -5.08 -21.96 -30.23
N LYS C 73 -4.00 -22.05 -31.01
CA LYS C 73 -2.81 -21.33 -30.63
C LYS C 73 -2.92 -19.87 -31.01
N ASP C 74 -3.82 -19.51 -31.93
CA ASP C 74 -4.02 -18.07 -32.15
C ASP C 74 -4.67 -17.40 -30.93
N PHE C 75 -5.50 -18.13 -30.21
CA PHE C 75 -6.32 -17.56 -29.14
C PHE C 75 -5.96 -18.10 -27.76
N SER C 76 -4.73 -18.57 -27.61
CA SER C 76 -4.31 -19.19 -26.36
C SER C 76 -3.76 -18.21 -25.32
N GLY C 77 -3.77 -16.88 -25.62
CA GLY C 77 -3.32 -15.93 -24.64
C GLY C 77 -4.36 -15.69 -23.55
N ARG C 78 -3.94 -15.01 -22.48
CA ARG C 78 -4.78 -14.54 -21.38
C ARG C 78 -4.69 -13.03 -21.32
N PRO C 79 -5.81 -12.35 -21.12
CA PRO C 79 -5.73 -10.90 -20.92
C PRO C 79 -5.13 -10.59 -19.56
N GLN C 80 -4.47 -9.44 -19.48
CA GLN C 80 -3.94 -8.95 -18.22
C GLN C 80 -5.09 -8.25 -17.50
N MET C 81 -5.27 -8.54 -16.22
CA MET C 81 -6.32 -7.96 -15.39
C MET C 81 -5.71 -7.66 -14.03
N ALA C 82 -6.00 -6.48 -13.50
CA ALA C 82 -5.37 -6.10 -12.22
C ALA C 82 -5.73 -7.09 -11.11
N THR C 83 -6.97 -7.57 -11.07
CA THR C 83 -7.37 -8.51 -10.03
C THR C 83 -6.61 -9.83 -10.16
N LEU C 84 -6.40 -10.31 -11.39
CA LEU C 84 -5.64 -11.54 -11.60
C LEU C 84 -4.15 -11.35 -11.34
N ASP C 85 -3.62 -10.15 -11.58
CA ASP C 85 -2.22 -9.85 -11.27
C ASP C 85 -1.93 -10.11 -9.79
N ILE C 86 -2.88 -9.76 -8.92
CA ILE C 86 -2.67 -9.99 -7.50
C ILE C 86 -2.69 -11.48 -7.21
N ALA C 87 -3.66 -12.22 -7.75
CA ALA C 87 -3.76 -13.64 -7.44
C ALA C 87 -2.63 -14.45 -8.05
N SER C 88 -2.13 -14.04 -9.21
CA SER C 88 -1.13 -14.81 -9.95
C SER C 88 0.28 -14.28 -9.77
N ASN C 89 0.50 -13.37 -8.82
CA ASN C 89 1.83 -12.78 -8.60
C ASN C 89 2.37 -12.27 -9.94
N ASN C 90 1.55 -11.47 -10.61
CA ASN C 90 1.87 -10.86 -11.89
C ASN C 90 2.05 -11.90 -12.99
N ARG C 91 1.03 -12.75 -13.15
CA ARG C 91 0.90 -13.60 -14.34
C ARG C 91 1.92 -14.73 -14.39
N LYS C 92 2.27 -15.20 -13.23
CA LYS C 92 2.97 -16.46 -13.08
C LYS C 92 1.92 -17.54 -12.98
N GLY C 93 2.37 -18.75 -12.69
CA GLY C 93 1.48 -19.87 -12.61
C GLY C 93 1.07 -20.39 -13.98
N ILE C 94 -0.14 -20.93 -14.05
CA ILE C 94 -0.61 -21.53 -15.26
C ILE C 94 -1.87 -20.85 -15.76
N ALA C 95 -2.93 -20.84 -14.95
CA ALA C 95 -4.26 -20.50 -15.43
C ALA C 95 -4.35 -19.05 -15.92
N PHE C 96 -3.68 -18.14 -15.24
CA PHE C 96 -3.73 -16.72 -15.51
C PHE C 96 -2.47 -16.23 -16.20
N ALA C 97 -1.55 -17.13 -16.53
CA ALA C 97 -0.35 -16.78 -17.27
C ALA C 97 -0.66 -16.58 -18.75
N ASP C 98 -0.01 -15.60 -19.37
CA ASP C 98 -0.13 -15.45 -20.81
C ASP C 98 0.57 -16.63 -21.47
N SER C 99 0.14 -16.89 -22.71
CA SER C 99 0.80 -17.88 -23.56
C SER C 99 2.22 -17.38 -23.74
N GLY C 100 3.16 -18.29 -23.70
CA GLY C 100 4.55 -17.90 -23.67
C GLY C 100 5.32 -19.03 -23.02
N ALA C 101 6.63 -18.82 -22.93
CA ALA C 101 7.54 -19.90 -22.52
C ALA C 101 7.24 -20.37 -21.11
N HIS C 102 6.97 -19.45 -20.19
CA HIS C 102 6.74 -19.83 -18.80
C HIS C 102 5.46 -20.67 -18.68
N TRP C 103 4.38 -20.25 -19.34
CA TRP C 103 3.14 -21.02 -19.29
C TRP C 103 3.35 -22.43 -19.85
N GLN C 104 4.01 -22.51 -21.00
CA GLN C 104 4.17 -23.80 -21.63
C GLN C 104 4.94 -24.75 -20.73
N LEU C 105 6.03 -24.26 -20.14
CA LEU C 105 6.85 -25.13 -19.28
C LEU C 105 6.06 -25.59 -18.04
N HIS C 106 5.41 -24.66 -17.35
CA HIS C 106 4.74 -25.04 -16.11
C HIS C 106 3.55 -25.94 -16.41
N ARG C 107 2.86 -25.70 -17.51
CA ARG C 107 1.74 -26.53 -17.88
C ARG C 107 2.26 -27.95 -18.16
N ARG C 108 3.35 -28.01 -18.91
CA ARG C 108 4.00 -29.27 -19.26
C ARG C 108 4.41 -30.02 -17.98
N LEU C 109 5.06 -29.34 -17.04
CA LEU C 109 5.50 -30.02 -15.83
C LEU C 109 4.33 -30.42 -14.94
N ALA C 110 3.23 -29.65 -14.95
CA ALA C 110 2.05 -30.03 -14.18
C ALA C 110 1.44 -31.32 -14.73
N MET C 111 1.26 -31.37 -16.06
CA MET C 111 0.76 -32.58 -16.73
C MET C 111 1.66 -33.77 -16.49
N ALA C 112 2.97 -33.58 -16.60
CA ALA C 112 3.88 -34.68 -16.34
C ALA C 112 3.70 -35.20 -14.93
N THR C 113 3.37 -34.33 -13.96
CA THR C 113 3.21 -34.82 -12.59
C THR C 113 2.05 -35.80 -12.49
N PHE C 114 0.93 -35.51 -13.17
CA PHE C 114 -0.26 -36.36 -13.11
C PHE C 114 0.03 -37.72 -13.70
N ALA C 115 1.05 -37.81 -14.55
CA ALA C 115 1.48 -39.09 -15.10
C ALA C 115 2.09 -39.99 -14.05
N LEU C 116 2.68 -39.42 -12.99
CA LEU C 116 3.25 -40.22 -11.93
C LEU C 116 2.21 -40.92 -11.05
N PHE C 117 0.92 -40.58 -11.17
CA PHE C 117 -0.12 -41.18 -10.35
C PHE C 117 -0.98 -42.13 -11.16
N LYS C 118 -0.40 -42.63 -12.25
CA LYS C 118 -0.98 -43.61 -13.14
C LYS C 118 -0.93 -45.02 -12.54
N ASP C 119 0.13 -45.35 -11.78
CA ASP C 119 0.48 -46.76 -11.67
C ASP C 119 0.80 -47.06 -10.23
N GLY C 120 0.72 -48.35 -9.88
CA GLY C 120 1.12 -48.86 -8.57
C GLY C 120 0.34 -48.59 -7.31
N ASP C 121 1.05 -48.55 -6.17
CA ASP C 121 0.41 -48.26 -4.89
C ASP C 121 0.48 -46.78 -4.51
N GLN C 122 0.93 -45.96 -5.47
CA GLN C 122 0.84 -44.49 -5.47
C GLN C 122 -0.24 -44.06 -6.48
N LYS C 123 -1.16 -44.95 -6.87
CA LYS C 123 -2.23 -44.69 -7.81
C LYS C 123 -3.14 -43.58 -7.37
N LEU C 124 -3.68 -42.84 -8.32
CA LEU C 124 -4.59 -41.76 -7.98
C LEU C 124 -5.81 -42.29 -7.20
N GLU C 125 -6.44 -43.35 -7.69
CA GLU C 125 -7.64 -43.91 -7.04
C GLU C 125 -7.36 -44.28 -5.59
N LYS C 126 -6.17 -44.78 -5.31
CA LYS C 126 -5.80 -45.17 -3.97
C LYS C 126 -5.72 -43.94 -3.10
N ILE C 127 -5.01 -42.91 -3.55
CA ILE C 127 -5.01 -41.68 -2.74
C ILE C 127 -6.44 -41.18 -2.50
N ILE C 128 -7.27 -41.17 -3.56
CA ILE C 128 -8.62 -40.62 -3.45
C ILE C 128 -9.44 -41.45 -2.47
N CYS C 129 -9.44 -42.76 -2.64
CA CYS C 129 -10.29 -43.58 -1.81
C CYS C 129 -9.87 -43.51 -0.35
N GLN C 130 -8.60 -43.25 -0.09
CA GLN C 130 -8.19 -43.16 1.30
C GLN C 130 -8.77 -41.92 1.98
N GLU C 131 -8.82 -40.80 1.25
CA GLU C 131 -9.44 -39.61 1.81
C GLU C 131 -10.95 -39.72 1.87
N ILE C 132 -11.56 -40.43 0.92
CA ILE C 132 -13.01 -40.58 0.98
C ILE C 132 -13.40 -41.44 2.19
N SER C 133 -12.57 -42.44 2.53
CA SER C 133 -12.83 -43.28 3.71
C SER C 133 -12.86 -42.44 4.97
N THR C 134 -11.89 -41.53 5.11
CA THR C 134 -11.93 -40.56 6.20
C THR C 134 -13.18 -39.68 6.12
N LEU C 135 -13.51 -39.20 4.92
CA LEU C 135 -14.71 -38.38 4.76
C LEU C 135 -15.95 -39.11 5.28
N CYS C 136 -16.13 -40.37 4.88
CA CYS C 136 -17.31 -41.12 5.34
C CYS C 136 -17.30 -41.34 6.83
N ASP C 137 -16.13 -41.62 7.42
CA ASP C 137 -16.07 -41.79 8.86
C ASP C 137 -16.49 -40.50 9.54
N MET C 138 -16.03 -39.36 9.05
CA MET C 138 -16.40 -38.09 9.67
C MET C 138 -17.89 -37.82 9.53
N LEU C 139 -18.46 -38.07 8.35
CA LEU C 139 -19.88 -37.81 8.16
C LEU C 139 -20.75 -38.72 9.02
N ALA C 140 -20.34 -39.97 9.20
CA ALA C 140 -21.14 -40.88 10.00
C ALA C 140 -21.30 -40.37 11.41
N THR C 141 -20.33 -39.61 11.94
CA THR C 141 -20.50 -39.07 13.29
C THR C 141 -21.66 -38.09 13.35
N HIS C 142 -22.08 -37.50 12.22
CA HIS C 142 -23.24 -36.61 12.17
C HIS C 142 -24.52 -37.36 11.81
N ASN C 143 -24.51 -38.68 11.96
CA ASN C 143 -25.68 -39.50 11.66
C ASN C 143 -26.93 -38.94 12.31
N GLY C 144 -27.94 -38.70 11.49
CA GLY C 144 -29.19 -38.15 11.91
C GLY C 144 -29.27 -36.64 11.93
N GLN C 145 -28.17 -35.94 11.65
CA GLN C 145 -28.19 -34.48 11.74
C GLN C 145 -28.27 -33.83 10.35
N SER C 146 -28.71 -32.59 10.36
CA SER C 146 -28.73 -31.77 9.15
C SER C 146 -27.53 -30.85 9.19
N ILE C 147 -26.66 -30.99 8.21
CA ILE C 147 -25.38 -30.30 8.22
C ILE C 147 -25.05 -29.76 6.82
N ASP C 148 -24.11 -28.84 6.80
CA ASP C 148 -23.45 -28.37 5.60
C ASP C 148 -22.23 -29.25 5.35
N ILE C 149 -22.23 -29.97 4.24
CA ILE C 149 -21.13 -30.92 4.03
C ILE C 149 -19.89 -30.26 3.42
N SER C 150 -19.93 -28.94 3.25
CA SER C 150 -18.84 -28.26 2.57
C SER C 150 -17.48 -28.60 3.20
N PHE C 151 -17.34 -28.43 4.51
CA PHE C 151 -16.01 -28.52 5.08
C PHE C 151 -15.45 -29.95 4.98
N PRO C 152 -16.20 -30.98 5.40
CA PRO C 152 -15.68 -32.36 5.25
C PRO C 152 -15.26 -32.71 3.84
N VAL C 153 -16.08 -32.32 2.85
CA VAL C 153 -15.70 -32.53 1.45
C VAL C 153 -14.41 -31.77 1.13
N PHE C 154 -14.35 -30.49 1.54
CA PHE C 154 -13.17 -29.65 1.32
C PHE C 154 -11.91 -30.32 1.87
N VAL C 155 -12.00 -30.94 3.06
CA VAL C 155 -10.81 -31.55 3.67
C VAL C 155 -10.34 -32.73 2.84
N ALA C 156 -11.27 -33.56 2.39
CA ALA C 156 -10.91 -34.73 1.60
C ALA C 156 -10.19 -34.32 0.31
N VAL C 157 -10.75 -33.34 -0.42
CA VAL C 157 -10.12 -32.97 -1.69
C VAL C 157 -8.86 -32.16 -1.46
N THR C 158 -8.80 -31.39 -0.37
CA THR C 158 -7.56 -30.70 -0.03
C THR C 158 -6.48 -31.72 0.26
N ASN C 159 -6.81 -32.84 0.91
CA ASN C 159 -5.77 -33.81 1.21
C ASN C 159 -5.26 -34.52 -0.04
N VAL C 160 -6.16 -34.84 -0.97
CA VAL C 160 -5.73 -35.43 -2.25
C VAL C 160 -4.73 -34.51 -2.95
N ILE C 161 -5.08 -33.23 -3.05
CA ILE C 161 -4.23 -32.31 -3.79
C ILE C 161 -2.95 -32.03 -3.03
N SER C 162 -3.03 -32.02 -1.69
CA SER C 162 -1.82 -31.88 -0.89
C SER C 162 -0.91 -33.09 -1.08
N LEU C 163 -1.47 -34.29 -1.22
CA LEU C 163 -0.63 -35.45 -1.47
C LEU C 163 0.01 -35.38 -2.85
N ILE C 164 -0.72 -34.89 -3.85
CA ILE C 164 -0.14 -34.81 -5.20
C ILE C 164 0.94 -33.75 -5.27
N CYS C 165 0.77 -32.67 -4.54
CA CYS C 165 1.68 -31.53 -4.57
C CYS C 165 2.90 -31.75 -3.69
N PHE C 166 2.70 -32.33 -2.49
CA PHE C 166 3.77 -32.41 -1.49
C PHE C 166 4.00 -33.76 -0.85
N ASN C 167 3.17 -34.76 -1.14
CA ASN C 167 3.13 -36.02 -0.42
C ASN C 167 2.80 -35.81 1.05
N THR C 168 2.02 -34.79 1.39
CA THR C 168 1.58 -34.59 2.76
C THR C 168 0.06 -34.50 2.79
N SER C 169 -0.49 -34.80 3.96
CA SER C 169 -1.93 -34.70 4.20
C SER C 169 -2.17 -34.10 5.58
N TYR C 170 -3.39 -33.58 5.80
CA TYR C 170 -3.77 -33.00 7.09
C TYR C 170 -4.62 -33.98 7.88
N LYS C 171 -4.34 -34.08 9.18
CA LYS C 171 -5.21 -34.80 10.10
C LYS C 171 -6.46 -33.97 10.39
N ASN C 172 -7.55 -34.66 10.70
CA ASN C 172 -8.77 -33.97 11.12
C ASN C 172 -8.44 -33.08 12.33
N GLY C 173 -8.90 -31.85 12.28
CA GLY C 173 -8.64 -30.91 13.35
C GLY C 173 -7.39 -30.08 13.17
N ASP C 174 -6.55 -30.38 12.20
CA ASP C 174 -5.42 -29.50 11.96
C ASP C 174 -5.96 -28.11 11.61
N PRO C 175 -5.66 -27.06 12.39
CA PRO C 175 -6.25 -25.74 12.10
C PRO C 175 -5.82 -25.12 10.77
N GLU C 176 -4.75 -25.63 10.17
CA GLU C 176 -4.30 -25.15 8.86
C GLU C 176 -5.36 -25.36 7.80
N LEU C 177 -6.20 -26.39 7.94
CA LEU C 177 -7.33 -26.57 7.05
C LEU C 177 -8.27 -25.40 7.11
N ASN C 178 -8.50 -24.86 8.32
CA ASN C 178 -9.36 -23.69 8.45
C ASN C 178 -8.66 -22.46 7.87
N VAL C 179 -7.33 -22.35 8.04
CA VAL C 179 -6.63 -21.24 7.40
C VAL C 179 -6.86 -21.29 5.88
N ILE C 180 -6.68 -22.47 5.27
CA ILE C 180 -6.82 -22.61 3.81
C ILE C 180 -8.24 -22.35 3.37
N GLN C 181 -9.22 -22.96 4.07
CA GLN C 181 -10.61 -22.71 3.74
C GLN C 181 -10.91 -21.22 3.78
N ASN C 182 -10.39 -20.53 4.79
CA ASN C 182 -10.73 -19.13 4.97
C ASN C 182 -10.15 -18.27 3.87
N TYR C 183 -8.87 -18.45 3.50
CA TYR C 183 -8.34 -17.61 2.44
C TYR C 183 -8.81 -18.02 1.05
N ASN C 184 -9.27 -19.27 0.89
CA ASN C 184 -9.80 -19.75 -0.37
C ASN C 184 -11.09 -18.99 -0.62
N GLU C 185 -11.92 -18.97 0.39
CA GLU C 185 -13.19 -18.25 0.29
C GLU C 185 -12.96 -16.77 0.08
N GLY C 186 -11.98 -16.21 0.78
CA GLY C 186 -11.76 -14.77 0.69
C GLY C 186 -11.19 -14.33 -0.65
N ILE C 187 -10.31 -15.13 -1.25
CA ILE C 187 -9.77 -14.76 -2.54
C ILE C 187 -10.84 -14.85 -3.61
N ILE C 188 -11.61 -15.95 -3.61
CA ILE C 188 -12.67 -16.12 -4.59
C ILE C 188 -13.71 -15.03 -4.45
N ASP C 189 -14.11 -14.70 -3.22
CA ASP C 189 -15.14 -13.70 -3.02
C ASP C 189 -14.66 -12.32 -3.46
N ASN C 190 -13.37 -12.02 -3.33
CA ASN C 190 -12.92 -10.66 -3.65
C ASN C 190 -12.29 -10.51 -5.03
N LEU C 191 -12.00 -11.62 -5.70
CA LEU C 191 -11.40 -11.58 -7.04
C LEU C 191 -12.35 -10.99 -8.08
N SER C 192 -13.64 -11.22 -7.96
CA SER C 192 -14.57 -10.70 -8.96
C SER C 192 -15.95 -10.78 -8.37
N LYS C 193 -16.92 -10.14 -9.04
CA LYS C 193 -18.32 -10.25 -8.64
C LYS C 193 -19.15 -11.07 -9.61
N ASP C 194 -18.53 -11.55 -10.66
CA ASP C 194 -19.18 -12.43 -11.61
C ASP C 194 -18.06 -13.19 -12.28
N SER C 195 -18.34 -13.83 -13.40
CA SER C 195 -17.30 -14.45 -14.19
C SER C 195 -16.30 -13.39 -14.62
N LEU C 196 -15.06 -13.87 -14.83
CA LEU C 196 -13.97 -13.02 -15.27
C LEU C 196 -14.21 -12.47 -16.67
N VAL C 197 -13.98 -11.17 -16.82
CA VAL C 197 -14.10 -10.44 -18.09
C VAL C 197 -13.31 -9.15 -17.89
N ASP C 198 -12.36 -8.87 -18.79
CA ASP C 198 -11.46 -7.75 -18.59
C ASP C 198 -12.10 -6.40 -18.89
N LEU C 199 -13.33 -6.40 -19.42
CA LEU C 199 -14.07 -5.18 -19.62
C LEU C 199 -14.39 -4.50 -18.31
N VAL C 200 -14.48 -5.26 -17.24
CA VAL C 200 -14.89 -4.75 -15.95
C VAL C 200 -13.64 -4.51 -15.09
N PRO C 201 -13.47 -3.28 -14.53
CA PRO C 201 -12.38 -2.98 -13.54
C PRO C 201 -12.79 -3.42 -12.14
N TRP C 202 -12.65 -4.74 -11.89
CA TRP C 202 -13.25 -5.37 -10.72
C TRP C 202 -12.83 -4.71 -9.39
N LEU C 203 -11.58 -4.29 -9.29
CA LEU C 203 -11.07 -3.71 -8.04
C LEU C 203 -11.56 -2.30 -7.78
N LYS C 204 -12.12 -1.64 -8.79
CA LYS C 204 -12.43 -0.23 -8.75
C LYS C 204 -13.91 0.08 -8.95
N ILE C 205 -14.80 -0.90 -9.06
CA ILE C 205 -16.16 -0.50 -9.42
C ILE C 205 -16.93 0.04 -8.20
N PHE C 206 -16.66 -0.50 -7.02
CA PHE C 206 -17.40 -0.12 -5.81
C PHE C 206 -16.49 0.40 -4.70
N PRO C 207 -16.98 1.27 -3.84
CA PRO C 207 -16.20 1.73 -2.67
C PRO C 207 -16.32 0.72 -1.55
N ASN C 208 -15.63 -0.43 -1.69
CA ASN C 208 -15.87 -1.52 -0.76
C ASN C 208 -14.64 -2.33 -0.36
N LYS C 209 -13.45 -1.77 -0.52
CA LYS C 209 -12.21 -2.35 0.00
C LYS C 209 -11.87 -3.70 -0.64
N THR C 210 -12.34 -3.94 -1.88
CA THR C 210 -12.06 -5.21 -2.56
C THR C 210 -10.56 -5.43 -2.65
N LEU C 211 -9.81 -4.40 -3.03
CA LEU C 211 -8.39 -4.56 -3.24
C LEU C 211 -7.65 -4.93 -1.96
N GLU C 212 -7.99 -4.25 -0.86
CA GLU C 212 -7.32 -4.50 0.41
C GLU C 212 -7.70 -5.87 0.96
N LYS C 213 -8.97 -6.26 0.81
CA LYS C 213 -9.34 -7.59 1.27
C LYS C 213 -8.70 -8.68 0.40
N LEU C 214 -8.69 -8.48 -0.91
CA LEU C 214 -8.06 -9.49 -1.74
C LEU C 214 -6.59 -9.63 -1.38
N LYS C 215 -5.87 -8.50 -1.28
CA LYS C 215 -4.44 -8.59 -0.97
C LYS C 215 -4.21 -9.29 0.35
N SER C 216 -5.08 -9.07 1.34
CA SER C 216 -4.84 -9.66 2.66
C SER C 216 -4.97 -11.18 2.63
N HIS C 217 -5.95 -11.72 1.89
CA HIS C 217 -6.08 -13.16 1.77
C HIS C 217 -4.95 -13.77 0.93
N VAL C 218 -4.54 -13.08 -0.14
CA VAL C 218 -3.45 -13.56 -0.98
C VAL C 218 -2.15 -13.53 -0.19
N LYS C 219 -1.99 -12.55 0.71
CA LYS C 219 -0.80 -12.54 1.55
C LYS C 219 -0.72 -13.79 2.45
N ILE C 220 -1.84 -14.20 3.02
CA ILE C 220 -1.88 -15.37 3.86
C ILE C 220 -1.50 -16.62 3.07
N ARG C 221 -2.05 -16.75 1.89
CA ARG C 221 -1.74 -17.86 1.06
C ARG C 221 -0.28 -17.85 0.64
N ASN C 222 0.24 -16.75 0.16
CA ASN C 222 1.64 -16.71 -0.25
C ASN C 222 2.56 -17.01 0.93
N ASP C 223 2.22 -16.51 2.13
CA ASP C 223 3.04 -16.79 3.31
C ASP C 223 3.08 -18.29 3.61
N LEU C 224 1.90 -18.93 3.59
CA LEU C 224 1.84 -20.38 3.82
C LEU C 224 2.60 -21.14 2.73
N LEU C 225 2.45 -20.72 1.47
CA LEU C 225 3.16 -21.44 0.42
C LEU C 225 4.65 -21.25 0.57
N ASN C 226 5.08 -20.06 1.01
CA ASN C 226 6.51 -19.85 1.17
C ASN C 226 7.07 -20.72 2.30
N LYS C 227 6.34 -20.84 3.39
CA LYS C 227 6.76 -21.66 4.51
C LYS C 227 6.89 -23.11 4.08
N ILE C 228 5.91 -23.60 3.35
CA ILE C 228 5.97 -24.95 2.90
C ILE C 228 7.20 -25.18 2.03
N LEU C 229 7.39 -24.30 1.06
CA LEU C 229 8.48 -24.37 0.12
C LEU C 229 9.87 -24.33 0.77
N GLU C 230 10.09 -23.41 1.68
CA GLU C 230 11.36 -23.32 2.39
C GLU C 230 11.62 -24.60 3.16
N ASN C 231 10.65 -25.03 3.95
CA ASN C 231 10.83 -26.28 4.67
C ASN C 231 11.07 -27.47 3.75
N TYR C 232 10.49 -27.46 2.54
CA TYR C 232 10.63 -28.61 1.66
C TYR C 232 12.01 -28.69 1.00
N LYS C 233 12.77 -27.60 0.97
CA LYS C 233 14.07 -27.65 0.33
C LYS C 233 15.02 -28.59 1.06
N GLU C 234 14.80 -28.84 2.35
CA GLU C 234 15.57 -29.83 3.09
C GLU C 234 15.16 -31.26 2.77
N LYS C 235 13.88 -31.49 2.44
CA LYS C 235 13.39 -32.83 2.18
C LYS C 235 13.65 -33.30 0.75
N PHE C 236 13.79 -32.36 -0.19
CA PHE C 236 13.89 -32.69 -1.60
C PHE C 236 15.07 -33.60 -1.89
N ARG C 237 14.82 -34.63 -2.73
CA ARG C 237 15.82 -35.57 -3.18
C ARG C 237 15.66 -35.78 -4.67
N SER C 238 16.74 -35.53 -5.43
CA SER C 238 16.72 -35.76 -6.86
C SER C 238 16.35 -37.20 -7.21
N ASP C 239 16.67 -38.17 -6.35
CA ASP C 239 16.48 -39.58 -6.67
C ASP C 239 15.07 -40.09 -6.33
N SER C 240 14.19 -39.24 -5.79
CA SER C 240 12.82 -39.64 -5.45
C SER C 240 11.87 -38.50 -5.80
N ILE C 241 11.36 -38.55 -7.03
CA ILE C 241 10.49 -37.55 -7.62
C ILE C 241 9.07 -38.12 -7.64
N THR C 242 8.27 -37.73 -6.65
CA THR C 242 6.97 -38.35 -6.43
C THR C 242 5.82 -37.35 -6.37
N ASN C 243 6.08 -36.05 -6.53
CA ASN C 243 5.01 -35.07 -6.42
C ASN C 243 5.33 -33.85 -7.26
N MET C 244 4.39 -32.91 -7.27
CA MET C 244 4.51 -31.76 -8.18
C MET C 244 5.69 -30.87 -7.80
N LEU C 245 5.89 -30.62 -6.51
CA LEU C 245 7.00 -29.77 -6.11
C LEU C 245 8.32 -30.43 -6.48
N ASP C 246 8.42 -31.75 -6.29
CA ASP C 246 9.60 -32.47 -6.75
C ASP C 246 9.83 -32.23 -8.25
N THR C 247 8.77 -32.34 -9.05
CA THR C 247 8.93 -32.16 -10.48
C THR C 247 9.43 -30.77 -10.83
N LEU C 248 8.91 -29.75 -10.16
CA LEU C 248 9.33 -28.38 -10.45
C LEU C 248 10.77 -28.15 -9.99
N MET C 249 11.12 -28.68 -8.80
CA MET C 249 12.48 -28.48 -8.29
C MET C 249 13.51 -29.27 -9.09
N GLN C 250 13.14 -30.47 -9.54
CA GLN C 250 14.06 -31.20 -10.41
C GLN C 250 14.30 -30.43 -11.71
N ALA C 251 13.21 -29.88 -12.30
CA ALA C 251 13.37 -29.12 -13.55
C ALA C 251 14.30 -27.93 -13.35
N LYS C 252 14.18 -27.25 -12.20
CA LYS C 252 15.08 -26.13 -11.90
C LYS C 252 16.54 -26.59 -11.85
N MET C 253 16.79 -27.75 -11.25
CA MET C 253 18.15 -28.25 -11.13
C MET C 253 18.74 -28.59 -12.49
N ASN C 254 17.93 -29.20 -13.37
CA ASN C 254 18.44 -29.58 -14.69
C ASN C 254 18.57 -28.41 -15.66
N SER C 255 18.19 -27.19 -15.25
CA SER C 255 18.43 -26.00 -16.06
C SER C 255 19.64 -25.22 -15.56
N ASP C 256 20.03 -25.42 -14.30
CA ASP C 256 21.27 -24.89 -13.72
C ASP C 256 22.51 -25.65 -14.22
N GLN C 264 18.17 -21.56 -20.17
CA GLN C 264 16.92 -21.53 -20.94
C GLN C 264 15.73 -21.52 -19.99
N ASP C 265 15.51 -22.64 -19.31
CA ASP C 265 14.37 -22.74 -18.40
C ASP C 265 14.65 -22.06 -17.05
N SER C 266 15.88 -21.63 -16.80
CA SER C 266 16.28 -21.26 -15.44
C SER C 266 15.48 -20.08 -14.93
N GLU C 267 15.41 -18.98 -15.73
CA GLU C 267 14.66 -17.81 -15.31
C GLU C 267 13.18 -18.14 -15.07
N LEU C 268 12.66 -19.14 -15.78
CA LEU C 268 11.25 -19.52 -15.68
C LEU C 268 10.93 -20.39 -14.47
N LEU C 269 11.91 -20.74 -13.65
CA LEU C 269 11.69 -21.63 -12.52
C LEU C 269 12.20 -21.03 -11.21
N SER C 270 12.12 -19.71 -11.09
CA SER C 270 12.38 -19.05 -9.83
C SER C 270 11.40 -19.58 -8.79
N ASP C 271 11.72 -19.32 -7.51
CA ASP C 271 10.86 -19.75 -6.41
C ASP C 271 9.41 -19.24 -6.57
N ASN C 272 9.25 -17.96 -6.95
CA ASN C 272 7.91 -17.39 -7.11
C ASN C 272 7.16 -18.01 -8.29
N HIS C 273 7.87 -18.49 -9.28
CA HIS C 273 7.22 -19.19 -10.37
C HIS C 273 6.75 -20.55 -9.85
N ILE C 274 7.60 -21.29 -9.17
CA ILE C 274 7.21 -22.59 -8.66
C ILE C 274 6.03 -22.44 -7.71
N LEU C 275 6.11 -21.49 -6.79
CA LEU C 275 5.03 -21.29 -5.82
C LEU C 275 3.71 -20.94 -6.49
N THR C 276 3.74 -20.08 -7.51
CA THR C 276 2.48 -19.69 -8.14
C THR C 276 1.88 -20.86 -8.91
N THR C 277 2.70 -21.66 -9.55
CA THR C 277 2.18 -22.87 -10.19
C THR C 277 1.63 -23.86 -9.16
N ILE C 278 2.31 -24.04 -8.03
CA ILE C 278 1.74 -24.88 -6.98
C ILE C 278 0.42 -24.31 -6.52
N GLY C 279 0.35 -22.99 -6.37
CA GLY C 279 -0.86 -22.37 -5.88
C GLY C 279 -2.04 -22.59 -6.81
N ASP C 280 -1.80 -22.52 -8.12
CA ASP C 280 -2.86 -22.74 -9.10
C ASP C 280 -3.42 -24.16 -8.99
N ILE C 281 -2.51 -25.14 -8.93
CA ILE C 281 -2.95 -26.54 -8.86
C ILE C 281 -3.68 -26.80 -7.56
N PHE C 282 -3.08 -26.36 -6.45
CA PHE C 282 -3.68 -26.56 -5.14
C PHE C 282 -5.03 -25.89 -5.07
N GLY C 283 -5.13 -24.65 -5.57
CA GLY C 283 -6.39 -23.94 -5.50
C GLY C 283 -7.44 -24.56 -6.39
N ALA C 284 -7.07 -24.90 -7.62
CA ALA C 284 -8.08 -25.50 -8.49
C ALA C 284 -8.51 -26.86 -7.95
N GLY C 285 -7.56 -27.62 -7.40
CA GLY C 285 -7.84 -28.98 -6.97
C GLY C 285 -8.85 -29.05 -5.86
N VAL C 286 -9.00 -27.97 -5.10
CA VAL C 286 -9.90 -27.91 -3.96
C VAL C 286 -11.21 -27.23 -4.31
N GLU C 287 -11.15 -26.06 -4.96
CA GLU C 287 -12.39 -25.30 -5.12
C GLU C 287 -13.31 -25.84 -6.19
N THR C 288 -12.76 -26.37 -7.29
CA THR C 288 -13.62 -26.86 -8.37
C THR C 288 -14.40 -28.10 -7.93
N THR C 289 -13.70 -29.11 -7.43
CA THR C 289 -14.28 -30.39 -7.07
C THR C 289 -15.25 -30.27 -5.91
N THR C 290 -14.88 -29.52 -4.88
CA THR C 290 -15.82 -29.28 -3.79
C THR C 290 -17.09 -28.67 -4.33
N SER C 291 -16.95 -27.72 -5.27
CA SER C 291 -18.13 -27.03 -5.78
C SER C 291 -19.06 -27.99 -6.52
N VAL C 292 -18.51 -28.87 -7.35
CA VAL C 292 -19.36 -29.75 -8.14
C VAL C 292 -20.05 -30.79 -7.25
N VAL C 293 -19.38 -31.27 -6.22
CA VAL C 293 -20.03 -32.21 -5.29
C VAL C 293 -21.24 -31.56 -4.65
N LYS C 294 -21.11 -30.30 -4.24
CA LYS C 294 -22.23 -29.61 -3.62
C LYS C 294 -23.36 -29.41 -4.60
N TRP C 295 -23.03 -29.00 -5.83
CA TRP C 295 -24.06 -28.87 -6.85
C TRP C 295 -24.76 -30.21 -7.11
N THR C 296 -23.98 -31.30 -7.21
CA THR C 296 -24.60 -32.60 -7.49
C THR C 296 -25.55 -33.00 -6.36
N LEU C 297 -25.13 -32.85 -5.11
CA LEU C 297 -26.01 -33.18 -3.98
C LEU C 297 -27.25 -32.30 -4.00
N ALA C 298 -27.08 -31.04 -4.36
CA ALA C 298 -28.22 -30.14 -4.41
C ALA C 298 -29.21 -30.57 -5.49
N PHE C 299 -28.71 -30.93 -6.68
CA PHE C 299 -29.64 -31.43 -7.70
C PHE C 299 -30.32 -32.72 -7.23
N LEU C 300 -29.57 -33.62 -6.56
CA LEU C 300 -30.23 -34.84 -6.12
C LEU C 300 -31.32 -34.53 -5.10
N LEU C 301 -31.12 -33.53 -4.25
CA LEU C 301 -32.17 -33.19 -3.32
C LEU C 301 -33.42 -32.68 -4.02
N HIS C 302 -33.28 -31.99 -5.15
CA HIS C 302 -34.42 -31.50 -5.91
C HIS C 302 -35.05 -32.58 -6.79
N ASN C 303 -34.38 -33.71 -6.96
CA ASN C 303 -34.78 -34.75 -7.91
C ASN C 303 -34.72 -36.11 -7.26
N PRO C 304 -35.65 -36.37 -6.34
CA PRO C 304 -35.64 -37.66 -5.62
C PRO C 304 -35.79 -38.86 -6.52
N GLN C 305 -36.41 -38.74 -7.70
CA GLN C 305 -36.53 -39.91 -8.56
C GLN C 305 -35.17 -40.34 -9.08
N VAL C 306 -34.30 -39.37 -9.46
CA VAL C 306 -32.95 -39.70 -9.88
C VAL C 306 -32.16 -40.30 -8.72
N LYS C 307 -32.29 -39.69 -7.54
CA LYS C 307 -31.57 -40.17 -6.37
C LYS C 307 -31.93 -41.62 -6.10
N LYS C 308 -33.22 -41.95 -6.18
CA LYS C 308 -33.66 -43.32 -5.94
C LYS C 308 -33.04 -44.28 -6.95
N LYS C 309 -32.98 -43.88 -8.21
CA LYS C 309 -32.42 -44.77 -9.21
C LYS C 309 -30.90 -44.91 -9.07
N LEU C 310 -30.22 -43.90 -8.54
CA LEU C 310 -28.79 -44.07 -8.32
C LEU C 310 -28.52 -45.06 -7.18
N TYR C 311 -29.30 -44.98 -6.11
CA TYR C 311 -29.17 -45.97 -5.04
C TYR C 311 -29.38 -47.38 -5.57
N GLU C 312 -30.41 -47.55 -6.41
CA GLU C 312 -30.68 -48.85 -7.02
C GLU C 312 -29.49 -49.34 -7.84
N GLU C 313 -28.91 -48.44 -8.63
CA GLU C 313 -27.82 -48.81 -9.51
C GLU C 313 -26.59 -49.27 -8.74
N ILE C 314 -26.21 -48.53 -7.68
CA ILE C 314 -25.03 -48.92 -6.93
C ILE C 314 -25.33 -50.17 -6.09
N ASP C 315 -26.53 -50.29 -5.56
CA ASP C 315 -26.88 -51.49 -4.80
C ASP C 315 -26.83 -52.72 -5.70
N GLN C 316 -27.19 -52.57 -6.96
CA GLN C 316 -27.24 -53.70 -7.89
C GLN C 316 -25.89 -53.99 -8.51
N ASN C 317 -25.03 -52.99 -8.67
CA ASN C 317 -23.80 -53.21 -9.40
C ASN C 317 -22.58 -53.32 -8.52
N VAL C 318 -22.58 -52.66 -7.38
CA VAL C 318 -21.49 -52.72 -6.44
C VAL C 318 -21.88 -53.53 -5.23
N GLY C 319 -23.08 -53.25 -4.68
CA GLY C 319 -23.53 -53.89 -3.46
C GLY C 319 -22.82 -53.31 -2.25
N PHE C 320 -22.68 -54.15 -1.21
CA PHE C 320 -22.06 -53.72 0.01
C PHE C 320 -20.88 -54.59 0.46
N SER C 321 -20.47 -55.57 -0.34
CA SER C 321 -19.30 -56.39 -0.03
C SER C 321 -17.97 -55.63 -0.13
N ARG C 322 -17.95 -54.53 -0.89
CA ARG C 322 -16.73 -53.76 -1.15
C ARG C 322 -17.12 -52.31 -1.46
N THR C 323 -16.15 -51.45 -1.47
CA THR C 323 -16.38 -50.05 -1.81
C THR C 323 -16.18 -49.79 -3.29
N PRO C 324 -16.72 -48.67 -3.81
CA PRO C 324 -16.60 -48.40 -5.23
C PRO C 324 -15.16 -48.15 -5.62
N THR C 325 -14.87 -48.50 -6.88
CA THR C 325 -13.57 -48.30 -7.48
C THR C 325 -13.76 -47.59 -8.81
N ILE C 326 -12.66 -47.08 -9.32
CA ILE C 326 -12.69 -46.39 -10.60
C ILE C 326 -13.16 -47.32 -11.71
N SER C 327 -12.87 -48.61 -11.60
CA SER C 327 -13.39 -49.60 -12.54
C SER C 327 -14.91 -49.56 -12.66
N ASP C 328 -15.60 -49.06 -11.64
CA ASP C 328 -17.07 -49.02 -11.66
C ASP C 328 -17.64 -47.91 -12.55
N ARG C 329 -16.81 -47.03 -13.07
CA ARG C 329 -17.22 -45.93 -13.97
C ARG C 329 -17.84 -46.47 -15.24
N ASN C 330 -17.44 -47.69 -15.59
CA ASN C 330 -17.98 -48.49 -16.67
C ASN C 330 -19.32 -49.19 -16.38
N ARG C 331 -19.75 -49.16 -15.14
CA ARG C 331 -20.93 -49.87 -14.67
C ARG C 331 -21.98 -48.97 -14.04
N LEU C 332 -21.58 -47.95 -13.28
CA LEU C 332 -22.55 -47.04 -12.69
C LEU C 332 -22.85 -45.95 -13.71
N LEU C 333 -23.57 -46.35 -14.75
CA LEU C 333 -23.77 -45.46 -15.88
C LEU C 333 -24.61 -44.25 -15.51
N LEU C 334 -25.67 -44.44 -14.75
CA LEU C 334 -26.51 -43.30 -14.39
C LEU C 334 -25.75 -42.30 -13.53
N LEU C 335 -24.82 -42.80 -12.69
CA LEU C 335 -24.00 -41.91 -11.88
C LEU C 335 -23.07 -41.10 -12.77
N GLU C 336 -22.41 -41.75 -13.74
CA GLU C 336 -21.57 -41.01 -14.66
C GLU C 336 -22.38 -40.00 -15.47
N ALA C 337 -23.60 -40.37 -15.88
CA ALA C 337 -24.46 -39.48 -16.63
C ALA C 337 -24.89 -38.28 -15.78
N THR C 338 -25.16 -38.50 -14.49
CA THR C 338 -25.56 -37.45 -13.57
C THR C 338 -24.46 -36.41 -13.43
N ILE C 339 -23.22 -36.89 -13.29
CA ILE C 339 -22.08 -35.98 -13.19
C ILE C 339 -21.91 -35.18 -14.49
N ARG C 340 -22.07 -35.83 -15.64
CA ARG C 340 -22.02 -35.14 -16.92
C ARG C 340 -23.09 -34.07 -17.00
N GLU C 341 -24.28 -34.37 -16.47
CA GLU C 341 -25.37 -33.42 -16.52
C GLU C 341 -25.17 -32.28 -15.54
N VAL C 342 -24.54 -32.50 -14.38
CA VAL C 342 -24.22 -31.33 -13.55
C VAL C 342 -23.20 -30.44 -14.28
N LEU C 343 -22.16 -31.04 -14.88
CA LEU C 343 -21.18 -30.20 -15.53
C LEU C 343 -21.76 -29.46 -16.74
N ARG C 344 -22.91 -29.92 -17.28
CA ARG C 344 -23.56 -29.19 -18.35
C ARG C 344 -24.34 -28.00 -17.80
N LEU C 345 -25.23 -28.31 -16.87
CA LEU C 345 -26.24 -27.38 -16.38
C LEU C 345 -25.62 -26.26 -15.55
N ARG C 346 -24.62 -26.60 -14.74
CA ARG C 346 -23.95 -25.65 -13.86
C ARG C 346 -22.47 -25.82 -14.09
N PRO C 347 -21.97 -25.35 -15.23
CA PRO C 347 -20.54 -25.51 -15.50
C PRO C 347 -19.69 -24.82 -14.45
N VAL C 348 -18.57 -25.47 -14.11
CA VAL C 348 -17.64 -24.90 -13.13
C VAL C 348 -17.21 -23.51 -13.56
N ALA C 349 -16.95 -23.34 -14.85
CA ALA C 349 -16.57 -22.05 -15.43
C ALA C 349 -17.49 -21.73 -16.60
N PRO C 350 -18.63 -21.09 -16.32
CA PRO C 350 -19.62 -20.86 -17.38
C PRO C 350 -19.10 -19.94 -18.48
N MET C 351 -18.02 -19.24 -18.29
CA MET C 351 -17.49 -18.48 -19.36
C MET C 351 -16.00 -18.85 -19.55
N LEU C 352 -15.60 -20.08 -19.17
CA LEU C 352 -14.24 -20.59 -19.14
C LEU C 352 -13.45 -19.61 -18.30
N ILE C 353 -12.22 -19.36 -18.75
CA ILE C 353 -11.32 -18.27 -18.35
C ILE C 353 -11.10 -17.46 -19.63
N PRO C 354 -10.99 -16.14 -19.55
CA PRO C 354 -10.87 -15.34 -20.76
C PRO C 354 -9.69 -15.75 -21.63
N HIS C 355 -9.92 -15.79 -22.93
CA HIS C 355 -8.83 -15.94 -23.87
C HIS C 355 -8.45 -14.58 -24.47
N LYS C 356 -7.36 -14.58 -25.24
CA LYS C 356 -6.84 -13.41 -25.90
C LYS C 356 -6.21 -13.80 -27.25
N ALA C 357 -6.44 -12.98 -28.24
CA ALA C 357 -5.82 -13.18 -29.54
C ALA C 357 -4.33 -12.82 -29.48
N ASN C 358 -3.48 -13.79 -29.80
CA ASN C 358 -2.05 -13.59 -29.89
C ASN C 358 -1.60 -12.97 -31.19
N VAL C 359 -2.40 -13.11 -32.24
CA VAL C 359 -2.11 -12.60 -33.57
C VAL C 359 -3.44 -12.13 -34.14
N ASP C 360 -3.39 -11.33 -35.19
CA ASP C 360 -4.57 -11.06 -35.98
C ASP C 360 -5.13 -12.38 -36.50
N SER C 361 -6.42 -12.59 -36.35
CA SER C 361 -7.00 -13.89 -36.72
C SER C 361 -8.47 -13.65 -37.09
N SER C 362 -9.27 -14.70 -36.94
CA SER C 362 -10.65 -14.57 -37.33
C SER C 362 -11.43 -15.62 -36.58
N ILE C 363 -12.70 -15.32 -36.41
CA ILE C 363 -13.66 -16.28 -35.90
C ILE C 363 -14.86 -16.20 -36.82
N GLY C 364 -15.20 -17.34 -37.43
CA GLY C 364 -16.25 -17.35 -38.41
C GLY C 364 -15.88 -16.40 -39.53
N GLU C 365 -16.82 -15.59 -39.98
CA GLU C 365 -16.55 -14.64 -41.04
C GLU C 365 -15.96 -13.32 -40.57
N PHE C 366 -15.68 -13.19 -39.27
CA PHE C 366 -15.28 -11.94 -38.65
C PHE C 366 -13.79 -11.87 -38.35
N ALA C 367 -13.19 -10.72 -38.66
CA ALA C 367 -11.79 -10.45 -38.32
C ALA C 367 -11.68 -10.18 -36.81
N VAL C 368 -10.60 -10.68 -36.19
CA VAL C 368 -10.35 -10.42 -34.78
C VAL C 368 -8.93 -9.92 -34.66
N ASP C 369 -8.76 -8.72 -34.13
CA ASP C 369 -7.43 -8.15 -34.04
C ASP C 369 -6.64 -8.72 -32.87
N LYS C 370 -5.31 -8.74 -33.06
CA LYS C 370 -4.41 -9.11 -31.99
C LYS C 370 -4.72 -8.28 -30.75
N GLY C 371 -4.65 -8.92 -29.57
CA GLY C 371 -4.91 -8.25 -28.30
C GLY C 371 -6.37 -8.25 -27.86
N THR C 372 -7.28 -8.67 -28.74
CA THR C 372 -8.69 -8.74 -28.42
C THR C 372 -8.91 -9.85 -27.40
N GLU C 373 -9.70 -9.54 -26.39
CA GLU C 373 -10.12 -10.50 -25.40
C GLU C 373 -11.24 -11.31 -26.02
N VAL C 374 -11.16 -12.63 -25.88
CA VAL C 374 -12.18 -13.52 -26.41
C VAL C 374 -12.74 -14.35 -25.28
N ILE C 375 -14.05 -14.25 -25.07
CA ILE C 375 -14.75 -14.98 -24.04
C ILE C 375 -15.64 -16.02 -24.69
N ILE C 376 -15.49 -17.28 -24.29
CA ILE C 376 -16.42 -18.32 -24.69
C ILE C 376 -17.52 -18.42 -23.64
N ASN C 377 -18.75 -18.21 -24.05
CA ASN C 377 -19.90 -18.35 -23.18
C ASN C 377 -20.33 -19.81 -23.18
N LEU C 378 -19.72 -20.58 -22.29
CA LEU C 378 -20.03 -22.01 -22.22
C LEU C 378 -21.48 -22.26 -21.81
N TRP C 379 -22.02 -21.41 -20.92
CA TRP C 379 -23.42 -21.47 -20.56
C TRP C 379 -24.30 -21.48 -21.80
N ALA C 380 -24.01 -20.59 -22.75
CA ALA C 380 -24.77 -20.55 -23.98
C ALA C 380 -24.61 -21.83 -24.78
N LEU C 381 -23.40 -22.38 -24.84
CA LEU C 381 -23.22 -23.64 -25.57
C LEU C 381 -24.07 -24.75 -24.96
N HIS C 382 -24.10 -24.81 -23.62
CA HIS C 382 -24.73 -25.89 -22.88
C HIS C 382 -26.24 -25.72 -22.76
N HIS C 383 -26.78 -24.57 -23.18
CA HIS C 383 -28.21 -24.33 -23.12
C HIS C 383 -28.81 -24.03 -24.47
N ASN C 384 -28.09 -24.24 -25.54
CA ASN C 384 -28.60 -23.98 -26.86
C ASN C 384 -29.80 -24.88 -27.12
N GLU C 385 -30.95 -24.28 -27.41
CA GLU C 385 -32.19 -25.04 -27.57
C GLU C 385 -32.14 -25.97 -28.77
N LYS C 386 -31.36 -25.63 -29.78
CA LYS C 386 -31.29 -26.45 -30.97
C LYS C 386 -30.42 -27.68 -30.81
N GLU C 387 -29.46 -27.64 -29.88
CA GLU C 387 -28.54 -28.74 -29.67
C GLU C 387 -28.90 -29.61 -28.49
N TRP C 388 -29.82 -29.15 -27.62
CA TRP C 388 -30.20 -29.86 -26.42
C TRP C 388 -31.72 -29.90 -26.29
N HIS C 389 -32.22 -31.00 -25.75
CA HIS C 389 -33.62 -31.15 -25.55
C HIS C 389 -33.89 -30.66 -24.13
N GLN C 390 -34.76 -29.67 -23.95
CA GLN C 390 -35.08 -29.05 -22.66
C GLN C 390 -33.82 -28.73 -21.85
N PRO C 391 -32.97 -27.82 -22.34
CA PRO C 391 -31.67 -27.56 -21.71
C PRO C 391 -31.74 -27.03 -20.29
N ASP C 392 -32.87 -26.39 -19.93
CA ASP C 392 -33.09 -25.85 -18.61
C ASP C 392 -33.30 -26.95 -17.55
N GLN C 393 -33.58 -28.20 -17.95
CA GLN C 393 -33.97 -29.25 -17.00
C GLN C 393 -32.80 -30.19 -16.67
N PHE C 394 -32.74 -30.62 -15.42
CA PHE C 394 -31.78 -31.63 -14.95
C PHE C 394 -32.28 -32.99 -15.43
N MET C 395 -31.63 -33.54 -16.45
CA MET C 395 -32.05 -34.81 -17.06
C MET C 395 -30.79 -35.64 -17.33
N PRO C 396 -30.33 -36.34 -16.27
CA PRO C 396 -29.12 -37.17 -16.49
C PRO C 396 -29.29 -38.14 -17.65
N GLU C 397 -30.52 -38.57 -17.90
CA GLU C 397 -30.81 -39.56 -18.93
C GLU C 397 -30.45 -39.09 -20.33
N ARG C 398 -30.27 -37.79 -20.53
CA ARG C 398 -29.86 -37.33 -21.85
C ARG C 398 -28.50 -37.86 -22.23
N PHE C 399 -27.68 -38.27 -21.27
CA PHE C 399 -26.37 -38.84 -21.58
C PHE C 399 -26.40 -40.37 -21.62
N LEU C 400 -27.58 -40.96 -21.65
CA LEU C 400 -27.75 -42.40 -21.85
C LEU C 400 -28.66 -42.61 -23.05
N ASN C 401 -28.45 -43.73 -23.73
CA ASN C 401 -29.38 -44.17 -24.77
C ASN C 401 -30.76 -44.40 -24.16
N PRO C 402 -31.79 -44.45 -24.99
CA PRO C 402 -33.15 -44.63 -24.43
C PRO C 402 -33.26 -45.88 -23.55
N ALA C 403 -32.47 -46.93 -23.80
CA ALA C 403 -32.57 -48.13 -23.00
C ALA C 403 -31.85 -48.03 -21.66
N GLY C 404 -31.07 -46.98 -21.43
CA GLY C 404 -30.30 -46.87 -20.20
C GLY C 404 -29.18 -47.86 -20.10
N THR C 405 -28.74 -48.42 -21.20
CA THR C 405 -27.71 -49.44 -21.17
C THR C 405 -26.36 -48.92 -21.66
N GLN C 406 -26.29 -47.70 -22.16
CA GLN C 406 -25.04 -47.16 -22.67
C GLN C 406 -24.98 -45.64 -22.48
N LEU C 407 -23.77 -45.17 -22.18
CA LEU C 407 -23.49 -43.74 -22.20
C LEU C 407 -23.32 -43.29 -23.64
N ILE C 408 -23.87 -42.12 -23.94
CA ILE C 408 -23.77 -41.50 -25.24
C ILE C 408 -23.38 -40.03 -25.06
N SER C 409 -22.97 -39.44 -26.18
CA SER C 409 -22.68 -38.02 -26.33
C SER C 409 -23.85 -37.43 -27.07
N PRO C 410 -24.82 -36.84 -26.35
CA PRO C 410 -26.03 -36.36 -27.02
C PRO C 410 -25.83 -35.09 -27.84
N SER C 411 -24.72 -34.37 -27.67
CA SER C 411 -24.60 -33.08 -28.36
C SER C 411 -23.14 -32.74 -28.58
N VAL C 412 -22.86 -32.06 -29.70
CA VAL C 412 -21.50 -31.54 -29.89
C VAL C 412 -21.28 -30.23 -29.13
N SER C 413 -22.32 -29.62 -28.58
CA SER C 413 -22.22 -28.34 -27.88
C SER C 413 -22.02 -28.53 -26.38
N TYR C 414 -20.96 -29.25 -26.05
CA TYR C 414 -20.71 -29.70 -24.68
C TYR C 414 -19.19 -29.66 -24.52
N LEU C 415 -18.67 -28.76 -23.66
CA LEU C 415 -17.23 -28.67 -23.44
C LEU C 415 -16.95 -28.28 -21.98
N PRO C 416 -17.41 -29.08 -21.00
CA PRO C 416 -17.26 -28.68 -19.58
C PRO C 416 -15.82 -28.39 -19.16
N PHE C 417 -14.83 -29.05 -19.77
CA PHE C 417 -13.42 -28.88 -19.45
C PHE C 417 -12.65 -28.13 -20.53
N GLY C 418 -13.35 -27.46 -21.43
CA GLY C 418 -12.71 -26.76 -22.50
C GLY C 418 -12.15 -27.72 -23.54
N ALA C 419 -11.17 -27.21 -24.26
CA ALA C 419 -10.50 -27.93 -25.34
C ALA C 419 -9.31 -27.11 -25.84
N GLY C 420 -8.35 -27.80 -26.45
CA GLY C 420 -7.23 -27.16 -27.08
C GLY C 420 -6.17 -26.74 -26.07
N PRO C 421 -5.33 -25.77 -26.43
CA PRO C 421 -4.14 -25.48 -25.62
C PRO C 421 -4.41 -25.06 -24.17
N ARG C 422 -5.52 -24.39 -23.86
CA ARG C 422 -5.81 -23.96 -22.50
C ARG C 422 -6.75 -24.89 -21.77
N SER C 423 -7.01 -26.07 -22.32
CA SER C 423 -7.97 -26.99 -21.72
C SER C 423 -7.54 -27.36 -20.30
N CYS C 424 -8.50 -27.82 -19.53
CA CYS C 424 -8.25 -28.19 -18.15
C CYS C 424 -7.19 -29.29 -18.07
N ILE C 425 -6.18 -29.05 -17.24
CA ILE C 425 -5.19 -30.10 -17.01
C ILE C 425 -5.59 -30.99 -15.85
N GLY C 426 -6.68 -30.65 -15.15
CA GLY C 426 -7.09 -31.44 -14.01
C GLY C 426 -8.26 -32.36 -14.28
N GLU C 427 -8.60 -32.51 -15.57
CA GLU C 427 -9.81 -33.24 -15.92
C GLU C 427 -9.78 -34.68 -15.41
N ILE C 428 -8.66 -35.38 -15.59
CA ILE C 428 -8.59 -36.77 -15.13
C ILE C 428 -8.79 -36.87 -13.63
N LEU C 429 -8.08 -36.02 -12.86
CA LEU C 429 -8.26 -36.01 -11.42
C LEU C 429 -9.70 -35.72 -11.04
N ALA C 430 -10.30 -34.71 -11.68
CA ALA C 430 -11.65 -34.29 -11.36
C ALA C 430 -12.67 -35.39 -11.64
N ARG C 431 -12.59 -36.02 -12.82
CA ARG C 431 -13.55 -37.06 -13.13
C ARG C 431 -13.45 -38.21 -12.14
N GLN C 432 -12.24 -38.56 -11.69
CA GLN C 432 -12.12 -39.65 -10.73
C GLN C 432 -12.63 -39.23 -9.36
N GLU C 433 -12.26 -38.02 -8.91
CA GLU C 433 -12.75 -37.57 -7.61
C GLU C 433 -14.27 -37.50 -7.57
N LEU C 434 -14.88 -36.85 -8.56
CA LEU C 434 -16.33 -36.68 -8.49
C LEU C 434 -17.03 -38.03 -8.47
N PHE C 435 -16.61 -38.93 -9.36
CA PHE C 435 -17.25 -40.24 -9.43
C PHE C 435 -17.09 -40.98 -8.11
N LEU C 436 -15.88 -40.99 -7.58
CA LEU C 436 -15.62 -41.79 -6.37
C LEU C 436 -16.31 -41.20 -5.15
N ILE C 437 -16.28 -39.87 -5.01
CA ILE C 437 -16.97 -39.26 -3.86
C ILE C 437 -18.45 -39.63 -3.90
N MET C 438 -19.08 -39.44 -5.07
CA MET C 438 -20.52 -39.64 -5.15
C MET C 438 -20.87 -41.09 -4.94
N ALA C 439 -20.10 -42.01 -5.52
CA ALA C 439 -20.39 -43.43 -5.37
C ALA C 439 -20.27 -43.87 -3.92
N TRP C 440 -19.18 -43.48 -3.26
CA TRP C 440 -18.99 -43.84 -1.85
C TRP C 440 -20.10 -43.26 -0.99
N LEU C 441 -20.48 -42.01 -1.28
CA LEU C 441 -21.51 -41.35 -0.48
C LEU C 441 -22.85 -42.04 -0.64
N LEU C 442 -23.21 -42.38 -1.88
CA LEU C 442 -24.49 -43.02 -2.15
C LEU C 442 -24.52 -44.46 -1.65
N GLN C 443 -23.40 -45.16 -1.69
CA GLN C 443 -23.40 -46.51 -1.13
C GLN C 443 -23.69 -46.49 0.38
N ARG C 444 -23.25 -45.46 1.11
CA ARG C 444 -23.26 -45.50 2.56
C ARG C 444 -24.29 -44.61 3.25
N PHE C 445 -24.80 -43.55 2.60
CA PHE C 445 -25.59 -42.53 3.29
C PHE C 445 -26.93 -42.28 2.62
N ASP C 446 -27.95 -42.06 3.45
CA ASP C 446 -29.17 -41.39 3.02
C ASP C 446 -28.90 -39.90 3.00
N LEU C 447 -29.24 -39.26 1.90
CA LEU C 447 -29.00 -37.84 1.70
C LEU C 447 -30.34 -37.19 1.45
N GLU C 448 -30.87 -36.47 2.44
CA GLU C 448 -32.25 -36.02 2.37
C GLU C 448 -32.40 -34.55 2.70
N VAL C 449 -33.55 -34.01 2.31
CA VAL C 449 -33.87 -32.65 2.69
C VAL C 449 -33.89 -32.54 4.20
N PRO C 450 -33.33 -31.50 4.81
CA PRO C 450 -33.41 -31.37 6.27
C PRO C 450 -34.85 -31.30 6.72
N ASP C 451 -35.07 -31.51 8.02
CA ASP C 451 -36.46 -31.66 8.43
C ASP C 451 -37.19 -30.33 8.45
N ASP C 452 -36.46 -29.21 8.51
CA ASP C 452 -37.11 -27.91 8.32
C ASP C 452 -37.62 -27.72 6.89
N GLY C 453 -37.38 -28.69 6.02
CA GLY C 453 -37.95 -28.73 4.69
C GLY C 453 -37.35 -27.83 3.64
N GLN C 454 -36.26 -27.19 3.94
CA GLN C 454 -35.68 -26.25 3.02
C GLN C 454 -34.77 -26.85 1.93
N LEU C 455 -35.07 -26.58 0.68
CA LEU C 455 -34.30 -27.03 -0.47
C LEU C 455 -33.20 -26.02 -0.78
N PRO C 456 -32.06 -26.49 -1.31
CA PRO C 456 -31.03 -25.53 -1.72
C PRO C 456 -31.48 -24.68 -2.90
N SER C 457 -31.07 -23.41 -2.92
CA SER C 457 -31.28 -22.61 -4.12
C SER C 457 -30.32 -23.07 -5.22
N LEU C 458 -30.82 -23.23 -6.44
CA LEU C 458 -29.99 -23.63 -7.58
C LEU C 458 -29.56 -22.47 -8.47
N GLU C 459 -29.79 -21.24 -8.02
CA GLU C 459 -29.48 -20.07 -8.84
C GLU C 459 -27.97 -19.91 -9.04
N GLY C 460 -27.17 -20.19 -8.02
CA GLY C 460 -25.73 -20.10 -8.13
C GLY C 460 -25.22 -18.69 -7.90
N ILE C 461 -23.92 -18.58 -7.66
CA ILE C 461 -23.21 -17.32 -7.43
C ILE C 461 -22.00 -17.33 -8.38
N PRO C 462 -22.07 -16.66 -9.53
CA PRO C 462 -20.92 -16.66 -10.44
C PRO C 462 -19.73 -15.93 -9.85
N LYS C 463 -18.66 -16.67 -9.69
CA LYS C 463 -17.36 -16.14 -9.33
C LYS C 463 -16.40 -16.72 -10.36
N VAL C 464 -15.10 -16.74 -10.04
CA VAL C 464 -14.15 -17.45 -10.88
C VAL C 464 -14.49 -18.93 -11.00
N VAL C 465 -15.23 -19.47 -10.04
CA VAL C 465 -15.92 -20.77 -10.09
C VAL C 465 -17.39 -20.43 -9.84
N PHE C 466 -18.29 -21.17 -10.48
CA PHE C 466 -19.75 -21.02 -10.37
C PHE C 466 -20.19 -21.78 -9.11
N LEU C 467 -20.36 -21.05 -8.02
CA LEU C 467 -20.59 -21.59 -6.70
C LEU C 467 -22.07 -21.75 -6.41
N ILE C 468 -22.38 -22.66 -5.49
CA ILE C 468 -23.74 -22.77 -5.01
C ILE C 468 -23.81 -22.15 -3.63
N ASP C 469 -24.97 -21.59 -3.33
CA ASP C 469 -25.26 -21.09 -1.99
C ASP C 469 -25.18 -22.25 -1.02
N SER C 470 -24.67 -21.97 0.17
CA SER C 470 -24.57 -22.98 1.21
C SER C 470 -25.95 -23.54 1.55
N PHE C 471 -25.97 -24.81 1.85
CA PHE C 471 -27.21 -25.47 2.22
C PHE C 471 -26.89 -26.64 3.16
N LYS C 472 -27.94 -27.15 3.79
CA LYS C 472 -27.83 -28.24 4.73
C LYS C 472 -28.48 -29.48 4.13
N VAL C 473 -27.97 -30.63 4.52
CA VAL C 473 -28.51 -31.91 4.07
C VAL C 473 -28.65 -32.77 5.33
N LYS C 474 -29.78 -33.47 5.45
CA LYS C 474 -29.92 -34.44 6.53
C LYS C 474 -29.28 -35.76 6.11
N ILE C 475 -28.32 -36.24 6.90
CA ILE C 475 -27.49 -37.38 6.53
C ILE C 475 -27.67 -38.51 7.54
N LYS C 476 -27.89 -39.71 7.03
CA LYS C 476 -28.00 -40.89 7.87
C LYS C 476 -27.23 -42.04 7.22
N VAL C 477 -26.57 -42.86 8.04
CA VAL C 477 -25.98 -44.09 7.52
C VAL C 477 -27.12 -44.98 7.08
N ARG C 478 -27.02 -45.52 5.85
CA ARG C 478 -28.10 -46.36 5.35
C ARG C 478 -28.17 -47.65 6.15
N GLN C 479 -29.39 -48.06 6.49
CA GLN C 479 -29.55 -49.33 7.20
C GLN C 479 -28.92 -50.47 6.40
N ALA C 480 -29.26 -50.56 5.11
CA ALA C 480 -28.68 -51.58 4.24
C ALA C 480 -27.16 -51.65 4.40
N TRP C 481 -26.50 -50.50 4.55
CA TRP C 481 -25.06 -50.54 4.74
C TRP C 481 -24.69 -51.17 6.09
N ARG C 482 -25.36 -50.74 7.17
CA ARG C 482 -25.10 -51.32 8.50
C ARG C 482 -25.33 -52.83 8.51
N GLU C 483 -26.43 -53.29 7.91
CA GLU C 483 -26.75 -54.71 7.88
C GLU C 483 -25.62 -55.53 7.28
N ALA C 484 -25.04 -55.06 6.18
CA ALA C 484 -24.02 -55.87 5.53
C ALA C 484 -22.70 -55.84 6.29
N GLN C 485 -22.52 -54.84 7.15
CA GLN C 485 -21.26 -54.79 7.90
C GLN C 485 -21.27 -55.81 9.06
N ALA C 486 -22.47 -56.21 9.49
CA ALA C 486 -22.65 -57.21 10.53
C ALA C 486 -23.12 -58.53 9.91
N SER D 12 32.46 -22.05 35.76
CA SER D 12 31.80 -22.73 34.66
C SER D 12 32.78 -23.16 33.61
N LEU D 13 32.48 -24.29 32.97
CA LEU D 13 33.38 -24.85 31.97
C LEU D 13 32.77 -24.94 30.58
N LEU D 14 31.47 -24.85 30.40
CA LEU D 14 30.90 -25.13 29.08
C LEU D 14 30.73 -23.85 28.30
N SER D 15 30.82 -23.94 26.96
CA SER D 15 30.69 -22.77 26.14
C SER D 15 29.52 -22.87 25.20
N LEU D 16 28.76 -21.75 25.17
CA LEU D 16 27.58 -21.59 24.34
C LEU D 16 27.93 -21.66 22.88
N PRO D 17 27.05 -22.17 22.02
CA PRO D 17 27.27 -21.98 20.58
C PRO D 17 27.24 -20.50 20.23
N LEU D 18 28.18 -20.09 19.40
CA LEU D 18 28.22 -18.73 18.83
C LEU D 18 27.74 -18.93 17.41
N VAL D 19 26.53 -18.47 17.11
CA VAL D 19 25.87 -18.75 15.83
C VAL D 19 25.82 -17.57 14.88
N GLY D 20 26.31 -16.41 15.29
CA GLY D 20 26.39 -15.28 14.41
C GLY D 20 27.55 -14.37 14.93
N SER D 21 28.18 -13.72 14.00
CA SER D 21 29.33 -12.90 14.40
C SER D 21 29.58 -11.86 13.32
N LEU D 22 29.62 -10.54 13.70
CA LEU D 22 30.07 -9.39 12.86
C LEU D 22 31.25 -8.75 13.73
N PRO D 23 32.45 -9.39 13.63
CA PRO D 23 33.51 -8.93 14.52
C PRO D 23 33.92 -7.48 14.30
N PHE D 24 33.60 -6.95 13.13
CA PHE D 24 33.96 -5.58 12.79
C PHE D 24 32.80 -4.71 12.30
N LEU D 25 32.68 -3.48 12.76
CA LEU D 25 31.58 -2.67 12.36
C LEU D 25 32.17 -1.36 11.89
N PRO D 26 31.66 -0.81 10.78
CA PRO D 26 32.25 0.39 10.19
C PRO D 26 32.27 1.72 10.90
N ARG D 27 31.17 2.17 11.52
CA ARG D 27 30.99 3.46 12.27
C ARG D 27 30.85 4.78 11.46
N HIS D 28 29.82 4.89 10.63
CA HIS D 28 29.42 6.08 9.83
C HIS D 28 30.23 6.59 8.61
N GLY D 29 31.25 5.91 8.10
CA GLY D 29 31.96 6.41 6.91
C GLY D 29 31.36 5.95 5.60
N HIS D 30 32.00 6.13 4.44
CA HIS D 30 31.44 5.64 3.18
C HIS D 30 31.80 4.16 3.05
N MET D 31 30.80 3.36 2.63
CA MET D 31 30.98 1.93 2.48
C MET D 31 32.17 1.52 1.64
N HIS D 32 32.32 2.11 0.47
CA HIS D 32 33.42 1.75 -0.40
C HIS D 32 34.77 1.94 0.31
N ASN D 33 34.88 2.95 1.13
CA ASN D 33 36.07 3.16 1.91
C ASN D 33 36.25 2.11 2.95
N ASN D 34 35.18 1.85 3.67
CA ASN D 34 35.19 0.85 4.70
C ASN D 34 35.56 -0.50 4.14
N PHE D 35 34.96 -0.89 3.02
CA PHE D 35 35.33 -2.16 2.39
C PHE D 35 36.81 -2.18 2.01
N PHE D 36 37.31 -1.04 1.51
CA PHE D 36 38.72 -0.91 1.14
C PHE D 36 39.62 -1.11 2.34
N LYS D 37 39.28 -0.47 3.46
CA LYS D 37 40.11 -0.60 4.66
C LYS D 37 40.14 -2.04 5.18
N LEU D 38 39.03 -2.77 5.05
CA LEU D 38 39.01 -4.16 5.49
C LEU D 38 39.97 -5.03 4.70
N GLN D 39 40.40 -4.60 3.51
CA GLN D 39 41.33 -5.42 2.74
C GLN D 39 42.65 -5.57 3.49
N LYS D 40 42.99 -4.60 4.35
CA LYS D 40 44.23 -4.71 5.08
C LYS D 40 44.25 -5.93 5.99
N LYS D 41 43.07 -6.38 6.41
CA LYS D 41 42.92 -7.54 7.28
C LYS D 41 42.60 -8.80 6.52
N TYR D 42 41.75 -8.74 5.51
CA TYR D 42 41.27 -9.96 4.86
C TYR D 42 41.78 -10.16 3.45
N GLY D 43 42.49 -9.19 2.91
CA GLY D 43 42.95 -9.34 1.55
C GLY D 43 41.96 -8.78 0.55
N PRO D 44 42.23 -9.04 -0.72
CA PRO D 44 41.49 -8.40 -1.82
C PRO D 44 40.14 -9.00 -2.14
N ILE D 45 39.74 -10.09 -1.50
CA ILE D 45 38.47 -10.70 -1.78
C ILE D 45 37.96 -11.35 -0.50
N TYR D 46 36.72 -11.03 -0.13
CA TYR D 46 36.16 -11.60 1.09
C TYR D 46 34.64 -11.60 0.97
N SER D 47 34.00 -12.28 1.90
CA SER D 47 32.55 -12.44 1.83
C SER D 47 31.91 -12.18 3.18
N VAL D 48 30.58 -11.99 3.12
CA VAL D 48 29.71 -11.88 4.28
C VAL D 48 28.46 -12.72 4.00
N ARG D 49 27.95 -13.40 5.01
CA ARG D 49 26.79 -14.26 4.87
C ARG D 49 25.69 -13.82 5.83
N MET D 50 24.47 -13.69 5.31
CA MET D 50 23.30 -13.41 6.15
C MET D 50 22.17 -14.35 5.73
N GLY D 51 21.78 -15.22 6.64
CA GLY D 51 20.82 -16.27 6.31
C GLY D 51 21.29 -17.05 5.09
N THR D 52 20.48 -17.01 4.04
CA THR D 52 20.80 -17.71 2.81
C THR D 52 21.61 -16.87 1.83
N LYS D 53 21.75 -15.58 2.10
CA LYS D 53 22.40 -14.64 1.17
C LYS D 53 23.90 -14.57 1.43
N THR D 54 24.69 -14.63 0.35
CA THR D 54 26.13 -14.40 0.43
C THR D 54 26.49 -13.26 -0.52
N THR D 55 27.34 -12.35 -0.04
CA THR D 55 27.91 -11.25 -0.80
C THR D 55 29.43 -11.39 -0.76
N VAL D 56 30.05 -11.21 -1.92
CA VAL D 56 31.50 -11.22 -2.09
C VAL D 56 31.90 -9.82 -2.56
N ILE D 57 32.90 -9.24 -1.91
CA ILE D 57 33.45 -7.93 -2.22
C ILE D 57 34.85 -8.13 -2.81
N VAL D 58 35.09 -7.54 -3.97
CA VAL D 58 36.30 -7.73 -4.75
C VAL D 58 37.02 -6.40 -4.89
N GLY D 59 38.29 -6.37 -4.47
CA GLY D 59 39.01 -5.10 -4.41
C GLY D 59 40.36 -5.09 -5.07
N HIS D 60 40.56 -5.98 -6.02
CA HIS D 60 41.80 -6.04 -6.76
C HIS D 60 41.51 -6.23 -8.24
N HIS D 61 42.32 -5.56 -9.08
CA HIS D 61 41.96 -5.43 -10.48
C HIS D 61 41.91 -6.77 -11.20
N GLN D 62 42.81 -7.69 -10.85
CA GLN D 62 42.84 -9.00 -11.51
C GLN D 62 41.57 -9.78 -11.22
N LEU D 63 41.20 -9.82 -9.94
CA LEU D 63 39.99 -10.53 -9.55
C LEU D 63 38.77 -9.86 -10.16
N ALA D 64 38.78 -8.53 -10.23
CA ALA D 64 37.66 -7.79 -10.81
C ALA D 64 37.52 -8.06 -12.29
N LYS D 65 38.65 -8.11 -13.01
CA LYS D 65 38.57 -8.40 -14.44
C LYS D 65 38.13 -9.84 -14.70
N GLU D 66 38.38 -10.75 -13.77
CA GLU D 66 37.80 -12.08 -13.96
C GLU D 66 36.28 -12.04 -13.83
N VAL D 67 35.75 -11.29 -12.86
CA VAL D 67 34.29 -11.17 -12.70
C VAL D 67 33.66 -10.47 -13.88
N LEU D 68 34.33 -9.43 -14.38
CA LEU D 68 33.74 -8.61 -15.43
C LEU D 68 34.01 -9.08 -16.86
N ILE D 69 35.18 -9.63 -17.09
CA ILE D 69 35.62 -10.03 -18.42
C ILE D 69 35.87 -11.50 -18.66
N LYS D 70 36.80 -12.12 -17.97
CA LYS D 70 37.12 -13.51 -18.25
C LYS D 70 35.94 -14.46 -18.04
N LYS D 71 35.21 -14.23 -16.99
CA LYS D 71 34.05 -15.02 -16.72
C LYS D 71 32.86 -14.10 -16.70
N GLY D 72 32.84 -13.07 -17.58
CA GLY D 72 31.84 -12.01 -17.57
C GLY D 72 30.44 -12.55 -17.61
N LYS D 73 30.22 -13.59 -18.41
CA LYS D 73 28.88 -14.11 -18.58
C LYS D 73 28.44 -14.94 -17.39
N ASP D 74 29.39 -15.44 -16.61
CA ASP D 74 29.03 -16.14 -15.37
C ASP D 74 28.50 -15.14 -14.33
N PHE D 75 29.00 -13.90 -14.36
CA PHE D 75 28.70 -12.94 -13.30
C PHE D 75 27.89 -11.76 -13.82
N SER D 76 27.23 -11.94 -14.95
CA SER D 76 26.51 -10.81 -15.55
C SER D 76 25.11 -10.66 -14.96
N GLY D 77 24.72 -11.44 -13.94
CA GLY D 77 23.42 -11.27 -13.34
C GLY D 77 23.40 -10.06 -12.42
N ARG D 78 22.20 -9.67 -12.03
CA ARG D 78 21.93 -8.62 -11.06
C ARG D 78 21.14 -9.22 -9.90
N PRO D 79 21.49 -8.91 -8.67
CA PRO D 79 20.67 -9.38 -7.55
C PRO D 79 19.33 -8.65 -7.54
N GLN D 80 18.34 -9.34 -7.01
CA GLN D 80 17.02 -8.74 -6.80
C GLN D 80 17.10 -7.96 -5.50
N MET D 81 16.59 -6.74 -5.52
CA MET D 81 16.56 -5.87 -4.36
C MET D 81 15.21 -5.18 -4.33
N ALA D 82 14.60 -5.08 -3.14
CA ALA D 82 13.27 -4.48 -3.07
C ALA D 82 13.27 -3.03 -3.59
N THR D 83 14.30 -2.25 -3.23
CA THR D 83 14.34 -0.86 -3.63
C THR D 83 14.48 -0.72 -5.15
N LEU D 84 15.25 -1.60 -5.77
CA LEU D 84 15.46 -1.57 -7.21
C LEU D 84 14.25 -2.08 -7.97
N ASP D 85 13.49 -3.04 -7.41
CA ASP D 85 12.25 -3.48 -8.04
C ASP D 85 11.30 -2.29 -8.24
N ILE D 86 11.27 -1.36 -7.30
CA ILE D 86 10.39 -0.22 -7.42
C ILE D 86 10.87 0.72 -8.52
N ALA D 87 12.16 1.05 -8.51
CA ALA D 87 12.69 1.94 -9.55
C ALA D 87 12.62 1.30 -10.92
N SER D 88 12.76 -0.03 -10.98
CA SER D 88 12.84 -0.74 -12.25
C SER D 88 11.52 -1.38 -12.69
N ASN D 89 10.41 -1.05 -12.03
CA ASN D 89 9.12 -1.67 -12.33
C ASN D 89 9.29 -3.20 -12.38
N ASN D 90 9.92 -3.76 -11.34
CA ASN D 90 10.20 -5.19 -11.20
C ASN D 90 11.20 -5.73 -12.22
N ARG D 91 12.37 -5.09 -12.28
CA ARG D 91 13.54 -5.65 -12.97
C ARG D 91 13.34 -5.65 -14.49
N LYS D 92 12.61 -4.67 -14.99
CA LYS D 92 12.60 -4.38 -16.41
C LYS D 92 13.73 -3.39 -16.68
N GLY D 93 13.82 -2.87 -17.91
CA GLY D 93 14.89 -1.95 -18.25
C GLY D 93 16.21 -2.66 -18.51
N ILE D 94 17.31 -1.98 -18.20
CA ILE D 94 18.64 -2.51 -18.51
C ILE D 94 19.52 -2.66 -17.27
N ALA D 95 19.71 -1.55 -16.53
CA ALA D 95 20.73 -1.55 -15.48
C ALA D 95 20.43 -2.53 -14.35
N PHE D 96 19.17 -2.60 -13.96
CA PHE D 96 18.75 -3.44 -12.84
C PHE D 96 18.03 -4.70 -13.29
N ALA D 97 17.96 -4.95 -14.59
CA ALA D 97 17.39 -6.18 -15.11
C ALA D 97 18.39 -7.31 -14.90
N ASP D 98 17.91 -8.48 -14.52
CA ASP D 98 18.76 -9.65 -14.45
C ASP D 98 19.21 -10.05 -15.86
N SER D 99 20.33 -10.77 -15.93
CA SER D 99 20.77 -11.35 -17.19
C SER D 99 19.68 -12.31 -17.64
N GLY D 100 19.39 -12.29 -18.93
CA GLY D 100 18.24 -12.99 -19.48
C GLY D 100 17.86 -12.32 -20.79
N ALA D 101 16.80 -12.86 -21.41
CA ALA D 101 16.44 -12.45 -22.77
C ALA D 101 16.05 -10.98 -22.82
N HIS D 102 15.29 -10.51 -21.83
CA HIS D 102 14.83 -9.13 -21.85
C HIS D 102 16.03 -8.19 -21.88
N TRP D 103 16.98 -8.41 -20.97
CA TRP D 103 18.16 -7.58 -20.83
C TRP D 103 18.96 -7.56 -22.11
N GLN D 104 19.15 -8.74 -22.66
CA GLN D 104 19.91 -8.86 -23.85
C GLN D 104 19.31 -8.07 -24.99
N LEU D 105 18.01 -8.16 -25.15
CA LEU D 105 17.35 -7.46 -26.21
C LEU D 105 17.39 -5.95 -26.03
N HIS D 106 17.05 -5.47 -24.83
CA HIS D 106 16.96 -4.03 -24.61
C HIS D 106 18.35 -3.39 -24.63
N ARG D 107 19.36 -4.08 -24.10
CA ARG D 107 20.71 -3.55 -24.19
C ARG D 107 21.18 -3.45 -25.64
N ARG D 108 20.91 -4.49 -26.44
CA ARG D 108 21.30 -4.45 -27.85
C ARG D 108 20.57 -3.33 -28.60
N LEU D 109 19.29 -3.11 -28.29
CA LEU D 109 18.57 -2.05 -28.99
C LEU D 109 19.06 -0.67 -28.57
N ALA D 110 19.43 -0.53 -27.30
CA ALA D 110 19.96 0.75 -26.88
C ALA D 110 21.29 1.02 -27.57
N MET D 111 22.23 0.06 -27.56
CA MET D 111 23.49 0.30 -28.27
C MET D 111 23.25 0.62 -29.77
N ALA D 112 22.30 -0.08 -30.39
CA ALA D 112 21.97 0.13 -31.82
C ALA D 112 21.47 1.54 -32.05
N THR D 113 20.76 2.10 -31.09
CA THR D 113 20.29 3.47 -31.22
C THR D 113 21.46 4.45 -31.28
N PHE D 114 22.49 4.22 -30.44
CA PHE D 114 23.65 5.10 -30.42
C PHE D 114 24.37 5.08 -31.74
N ALA D 115 24.16 4.03 -32.54
CA ALA D 115 24.72 3.97 -33.87
C ALA D 115 24.07 4.97 -34.82
N LEU D 116 22.80 5.30 -34.58
CA LEU D 116 22.09 6.28 -35.40
C LEU D 116 22.61 7.71 -35.23
N PHE D 117 23.48 7.96 -34.25
CA PHE D 117 23.94 9.31 -33.94
C PHE D 117 25.42 9.52 -34.24
N LYS D 118 26.00 8.71 -35.12
CA LYS D 118 27.42 8.83 -35.40
C LYS D 118 27.76 9.67 -36.65
N ASP D 119 26.86 9.92 -37.59
CA ASP D 119 27.26 10.71 -38.79
C ASP D 119 26.28 11.78 -39.27
N GLY D 120 26.76 12.70 -40.10
CA GLY D 120 25.95 13.74 -40.71
C GLY D 120 25.08 14.55 -39.78
N ASP D 121 23.84 14.84 -40.16
CA ASP D 121 23.00 15.56 -39.20
C ASP D 121 22.50 14.52 -38.21
N GLN D 122 22.32 14.98 -36.98
CA GLN D 122 22.01 14.22 -35.77
C GLN D 122 23.26 13.47 -35.36
N LYS D 123 24.44 13.97 -35.73
CA LYS D 123 25.67 13.40 -35.23
C LYS D 123 25.72 13.82 -33.79
N LEU D 124 26.27 12.98 -32.95
CA LEU D 124 26.26 13.22 -31.54
C LEU D 124 26.91 14.52 -31.15
N GLU D 125 28.03 14.85 -31.75
CA GLU D 125 28.74 16.08 -31.49
C GLU D 125 27.86 17.28 -31.78
N LYS D 126 27.09 17.23 -32.84
CA LYS D 126 26.21 18.32 -33.21
C LYS D 126 25.09 18.62 -32.18
N ILE D 127 24.46 17.55 -31.71
CA ILE D 127 23.41 17.65 -30.74
C ILE D 127 23.97 18.24 -29.48
N ILE D 128 25.10 17.71 -29.03
CA ILE D 128 25.71 18.17 -27.79
C ILE D 128 26.08 19.64 -27.90
N CYS D 129 26.81 20.03 -28.96
CA CYS D 129 27.28 21.42 -28.96
C CYS D 129 26.14 22.41 -29.07
N GLN D 130 25.02 22.02 -29.70
CA GLN D 130 23.92 22.96 -29.74
C GLN D 130 23.33 23.19 -28.35
N GLU D 131 23.30 22.14 -27.50
CA GLU D 131 22.80 22.32 -26.14
C GLU D 131 23.79 23.06 -25.27
N ILE D 132 25.09 22.87 -25.52
CA ILE D 132 26.10 23.63 -24.80
C ILE D 132 26.04 25.11 -25.20
N SER D 133 25.79 25.41 -26.46
CA SER D 133 25.64 26.81 -26.84
C SER D 133 24.55 27.48 -26.01
N THR D 134 23.42 26.78 -25.80
CA THR D 134 22.36 27.30 -24.94
C THR D 134 22.81 27.41 -23.50
N LEU D 135 23.52 26.39 -23.01
CA LEU D 135 24.07 26.43 -21.66
C LEU D 135 24.93 27.68 -21.46
N CYS D 136 25.86 27.94 -22.39
CA CYS D 136 26.75 29.07 -22.22
C CYS D 136 25.98 30.39 -22.23
N ASP D 137 25.01 30.55 -23.13
CA ASP D 137 24.21 31.76 -23.14
C ASP D 137 23.46 31.90 -21.81
N MET D 138 22.99 30.80 -21.27
CA MET D 138 22.26 30.76 -20.00
C MET D 138 23.20 31.24 -18.88
N LEU D 139 24.40 30.69 -18.82
CA LEU D 139 25.36 31.05 -17.79
C LEU D 139 25.77 32.51 -17.95
N ALA D 140 25.87 32.97 -19.21
CA ALA D 140 26.26 34.36 -19.45
C ALA D 140 25.28 35.34 -18.77
N THR D 141 24.01 34.95 -18.59
CA THR D 141 23.05 35.80 -17.89
C THR D 141 23.41 35.97 -16.43
N HIS D 142 24.21 35.07 -15.86
CA HIS D 142 24.68 35.21 -14.48
C HIS D 142 26.08 35.79 -14.40
N ASN D 143 26.54 36.47 -15.45
CA ASN D 143 27.85 37.11 -15.47
C ASN D 143 28.08 37.92 -14.21
N GLY D 144 29.20 37.61 -13.54
CA GLY D 144 29.57 38.28 -12.32
C GLY D 144 28.96 37.71 -11.08
N GLN D 145 28.07 36.72 -11.19
CA GLN D 145 27.38 36.17 -10.02
C GLN D 145 28.00 34.85 -9.60
N SER D 146 27.76 34.49 -8.35
CA SER D 146 28.11 33.19 -7.80
C SER D 146 26.85 32.37 -7.74
N ILE D 147 26.86 31.22 -8.43
CA ILE D 147 25.66 30.42 -8.62
C ILE D 147 26.00 28.95 -8.46
N ASP D 148 24.96 28.15 -8.25
CA ASP D 148 25.02 26.70 -8.36
C ASP D 148 24.68 26.40 -9.80
N ILE D 149 25.67 25.89 -10.55
CA ILE D 149 25.47 25.58 -11.94
C ILE D 149 24.79 24.27 -12.17
N SER D 150 24.27 23.64 -11.12
CA SER D 150 23.62 22.33 -11.25
C SER D 150 22.53 22.36 -12.30
N PHE D 151 21.57 23.31 -12.17
CA PHE D 151 20.39 23.28 -13.00
C PHE D 151 20.73 23.57 -14.46
N PRO D 152 21.45 24.66 -14.77
CA PRO D 152 21.80 24.89 -16.20
C PRO D 152 22.45 23.69 -16.87
N VAL D 153 23.38 23.00 -16.21
CA VAL D 153 24.00 21.81 -16.80
C VAL D 153 22.96 20.71 -16.97
N PHE D 154 22.16 20.48 -15.92
CA PHE D 154 21.09 19.48 -15.96
C PHE D 154 20.20 19.72 -17.18
N VAL D 155 19.88 20.99 -17.49
CA VAL D 155 19.01 21.24 -18.63
C VAL D 155 19.70 20.82 -19.93
N ALA D 156 20.99 21.13 -20.07
CA ALA D 156 21.70 20.78 -21.30
C ALA D 156 21.78 19.27 -21.50
N VAL D 157 22.15 18.52 -20.45
CA VAL D 157 22.26 17.08 -20.64
C VAL D 157 20.87 16.46 -20.73
N THR D 158 19.87 17.04 -20.05
CA THR D 158 18.52 16.49 -20.25
C THR D 158 18.07 16.62 -21.71
N ASN D 159 18.39 17.75 -22.34
CA ASN D 159 17.95 17.95 -23.73
C ASN D 159 18.72 17.04 -24.67
N VAL D 160 20.00 16.83 -24.40
CA VAL D 160 20.74 15.88 -25.23
C VAL D 160 20.06 14.50 -25.18
N ILE D 161 19.76 14.02 -23.97
CA ILE D 161 19.23 12.66 -23.88
C ILE D 161 17.78 12.60 -24.37
N SER D 162 17.03 13.70 -24.17
CA SER D 162 15.67 13.80 -24.71
C SER D 162 15.69 13.81 -26.25
N LEU D 163 16.69 14.44 -26.85
CA LEU D 163 16.77 14.36 -28.31
C LEU D 163 17.11 12.93 -28.76
N ILE D 164 17.98 12.24 -28.02
CA ILE D 164 18.34 10.88 -28.40
C ILE D 164 17.16 9.93 -28.20
N CYS D 165 16.38 10.15 -27.16
CA CYS D 165 15.28 9.21 -26.90
C CYS D 165 14.02 9.54 -27.69
N PHE D 166 13.69 10.83 -27.86
CA PHE D 166 12.40 11.19 -28.45
C PHE D 166 12.47 12.19 -29.61
N ASN D 167 13.64 12.72 -29.96
CA ASN D 167 13.79 13.85 -30.88
C ASN D 167 13.04 15.09 -30.39
N THR D 168 12.98 15.30 -29.07
CA THR D 168 12.44 16.51 -28.47
C THR D 168 13.43 17.12 -27.49
N SER D 169 13.31 18.43 -27.27
CA SER D 169 14.09 19.16 -26.29
C SER D 169 13.20 20.19 -25.61
N TYR D 170 13.66 20.68 -24.45
CA TYR D 170 12.93 21.65 -23.65
C TYR D 170 13.50 23.06 -23.79
N LYS D 171 12.61 24.04 -23.96
CA LYS D 171 13.02 25.44 -23.87
C LYS D 171 13.24 25.82 -22.41
N ASN D 172 14.10 26.81 -22.22
CA ASN D 172 14.34 27.36 -20.88
C ASN D 172 13.01 27.78 -20.26
N GLY D 173 12.82 27.40 -19.01
CA GLY D 173 11.62 27.79 -18.33
C GLY D 173 10.46 26.83 -18.44
N ASP D 174 10.54 25.82 -19.30
CA ASP D 174 9.53 24.77 -19.33
C ASP D 174 9.48 24.10 -17.97
N PRO D 175 8.34 24.14 -17.26
CA PRO D 175 8.29 23.54 -15.90
C PRO D 175 8.46 22.03 -15.85
N GLU D 176 8.31 21.33 -16.98
CA GLU D 176 8.59 19.90 -16.97
C GLU D 176 10.04 19.62 -16.57
N LEU D 177 10.95 20.54 -16.91
CA LEU D 177 12.34 20.38 -16.49
C LEU D 177 12.44 20.35 -14.97
N ASN D 178 11.65 21.20 -14.29
CA ASN D 178 11.65 21.17 -12.84
C ASN D 178 10.99 19.92 -12.29
N VAL D 179 9.99 19.39 -13.00
CA VAL D 179 9.38 18.13 -12.59
C VAL D 179 10.42 17.03 -12.59
N ILE D 180 11.19 16.94 -13.68
CA ILE D 180 12.18 15.90 -13.84
C ILE D 180 13.28 16.01 -12.80
N GLN D 181 13.84 17.22 -12.64
CA GLN D 181 14.90 17.40 -11.66
C GLN D 181 14.42 16.95 -10.29
N ASN D 182 13.18 17.24 -9.98
CA ASN D 182 12.62 16.90 -8.71
C ASN D 182 12.47 15.44 -8.46
N TYR D 183 11.91 14.71 -9.40
CA TYR D 183 11.82 13.29 -9.11
C TYR D 183 13.16 12.57 -9.29
N ASN D 184 14.09 13.16 -10.02
CA ASN D 184 15.41 12.60 -10.18
C ASN D 184 16.04 12.65 -8.80
N GLU D 185 16.01 13.81 -8.20
CA GLU D 185 16.57 13.98 -6.87
C GLU D 185 15.85 13.10 -5.85
N GLY D 186 14.53 13.01 -5.93
CA GLY D 186 13.80 12.22 -4.94
C GLY D 186 14.06 10.72 -5.08
N ILE D 187 14.16 10.23 -6.33
CA ILE D 187 14.41 8.80 -6.49
C ILE D 187 15.80 8.43 -5.99
N ILE D 188 16.83 9.19 -6.41
CA ILE D 188 18.19 8.91 -5.97
C ILE D 188 18.28 9.01 -4.46
N ASP D 189 17.66 10.04 -3.86
CA ASP D 189 17.80 10.24 -2.44
C ASP D 189 17.14 9.13 -1.64
N ASN D 190 16.07 8.52 -2.15
CA ASN D 190 15.39 7.51 -1.38
C ASN D 190 15.76 6.08 -1.78
N LEU D 191 16.46 5.89 -2.90
CA LEU D 191 16.81 4.56 -3.38
C LEU D 191 17.75 3.83 -2.44
N SER D 192 18.69 4.56 -1.83
CA SER D 192 19.65 3.95 -0.92
C SER D 192 20.30 5.08 -0.12
N LYS D 193 20.94 4.72 0.98
CA LYS D 193 21.76 5.64 1.76
C LYS D 193 23.25 5.53 1.49
N ASP D 194 23.68 4.59 0.65
CA ASP D 194 25.08 4.50 0.21
C ASP D 194 25.11 3.78 -1.13
N SER D 195 26.25 3.18 -1.51
CA SER D 195 26.26 2.35 -2.71
C SER D 195 25.33 1.16 -2.53
N LEU D 196 24.75 0.72 -3.65
CA LEU D 196 23.85 -0.43 -3.62
C LEU D 196 24.60 -1.70 -3.21
N VAL D 197 23.97 -2.51 -2.37
CA VAL D 197 24.48 -3.80 -1.93
C VAL D 197 23.26 -4.50 -1.33
N ASP D 198 22.96 -5.73 -1.78
CA ASP D 198 21.73 -6.45 -1.40
C ASP D 198 21.74 -6.96 0.04
N LEU D 199 22.90 -6.92 0.70
CA LEU D 199 22.95 -7.26 2.12
C LEU D 199 22.11 -6.27 2.93
N VAL D 200 21.95 -5.06 2.54
CA VAL D 200 21.28 -4.00 3.27
C VAL D 200 19.79 -3.95 2.85
N PRO D 201 18.83 -4.10 3.72
CA PRO D 201 17.40 -3.93 3.39
C PRO D 201 17.07 -2.43 3.47
N TRP D 202 17.44 -1.73 2.39
CA TRP D 202 17.43 -0.27 2.38
C TRP D 202 16.07 0.31 2.72
N LEU D 203 15.00 -0.34 2.30
CA LEU D 203 13.67 0.19 2.56
C LEU D 203 13.22 0.00 3.99
N LYS D 204 13.90 -0.88 4.74
CA LYS D 204 13.45 -1.35 6.05
C LYS D 204 14.37 -1.04 7.22
N ILE D 205 15.45 -0.31 7.03
CA ILE D 205 16.41 -0.17 8.13
C ILE D 205 16.04 0.94 9.10
N PHE D 206 15.37 2.00 8.62
CA PHE D 206 15.04 3.11 9.50
C PHE D 206 13.54 3.40 9.47
N PRO D 207 12.95 3.92 10.57
CA PRO D 207 11.55 4.34 10.53
C PRO D 207 11.39 5.72 9.93
N ASN D 208 11.43 5.78 8.59
CA ASN D 208 11.53 7.06 7.91
C ASN D 208 10.79 7.17 6.59
N LYS D 209 9.84 6.28 6.31
CA LYS D 209 8.96 6.46 5.15
C LYS D 209 9.72 6.45 3.81
N THR D 210 10.87 5.79 3.79
CA THR D 210 11.66 5.69 2.56
C THR D 210 10.84 5.03 1.46
N LEU D 211 10.16 3.93 1.78
CA LEU D 211 9.43 3.22 0.73
C LEU D 211 8.33 4.10 0.14
N GLU D 212 7.62 4.85 0.98
CA GLU D 212 6.52 5.67 0.48
C GLU D 212 7.03 6.86 -0.32
N LYS D 213 8.14 7.46 0.10
CA LYS D 213 8.71 8.54 -0.68
C LYS D 213 9.31 8.04 -1.99
N LEU D 214 9.97 6.89 -1.99
CA LEU D 214 10.47 6.37 -3.25
C LEU D 214 9.33 6.13 -4.25
N LYS D 215 8.26 5.48 -3.78
CA LYS D 215 7.13 5.17 -4.64
C LYS D 215 6.49 6.44 -5.17
N SER D 216 6.41 7.48 -4.34
CA SER D 216 5.75 8.68 -4.82
C SER D 216 6.56 9.36 -5.93
N HIS D 217 7.91 9.38 -5.84
CA HIS D 217 8.71 9.96 -6.94
C HIS D 217 8.72 9.06 -8.18
N VAL D 218 8.78 7.74 -7.97
CA VAL D 218 8.73 6.87 -9.13
C VAL D 218 7.37 6.98 -9.84
N LYS D 219 6.28 7.22 -9.10
CA LYS D 219 4.97 7.37 -9.74
C LYS D 219 4.94 8.56 -10.68
N ILE D 220 5.53 9.69 -10.25
CA ILE D 220 5.60 10.89 -11.10
C ILE D 220 6.40 10.62 -12.35
N ARG D 221 7.54 9.94 -12.21
CA ARG D 221 8.34 9.54 -13.37
C ARG D 221 7.55 8.64 -14.31
N ASN D 222 6.95 7.58 -13.77
CA ASN D 222 6.22 6.65 -14.60
C ASN D 222 5.05 7.35 -15.30
N ASP D 223 4.35 8.25 -14.60
CA ASP D 223 3.22 8.95 -15.21
C ASP D 223 3.67 9.79 -16.41
N LEU D 224 4.76 10.56 -16.25
CA LEU D 224 5.27 11.39 -17.33
C LEU D 224 5.71 10.55 -18.52
N LEU D 225 6.44 9.48 -18.26
CA LEU D 225 6.86 8.61 -19.34
C LEU D 225 5.68 7.95 -20.00
N ASN D 226 4.65 7.62 -19.22
CA ASN D 226 3.46 7.04 -19.84
C ASN D 226 2.77 8.06 -20.74
N LYS D 227 2.71 9.32 -20.28
CA LYS D 227 2.14 10.37 -21.12
C LYS D 227 2.94 10.51 -22.41
N ILE D 228 4.27 10.60 -22.30
CA ILE D 228 5.12 10.75 -23.50
C ILE D 228 4.86 9.61 -24.46
N LEU D 229 4.95 8.37 -23.98
CA LEU D 229 4.78 7.21 -24.84
C LEU D 229 3.41 7.21 -25.52
N GLU D 230 2.35 7.50 -24.77
CA GLU D 230 1.03 7.54 -25.39
C GLU D 230 0.99 8.59 -26.49
N ASN D 231 1.47 9.81 -26.21
CA ASN D 231 1.47 10.85 -27.22
C ASN D 231 2.29 10.48 -28.45
N TYR D 232 3.36 9.69 -28.26
CA TYR D 232 4.21 9.32 -29.39
C TYR D 232 3.62 8.21 -30.24
N LYS D 233 2.66 7.44 -29.72
CA LYS D 233 2.14 6.32 -30.49
C LYS D 233 1.46 6.80 -31.77
N GLU D 234 0.98 8.05 -31.79
CA GLU D 234 0.48 8.67 -33.00
C GLU D 234 1.57 9.20 -33.90
N LYS D 235 2.71 9.59 -33.35
CA LYS D 235 3.76 10.18 -34.17
C LYS D 235 4.62 9.12 -34.85
N PHE D 236 4.70 7.92 -34.28
CA PHE D 236 5.64 6.91 -34.76
C PHE D 236 5.38 6.59 -36.23
N ARG D 237 6.47 6.53 -37.00
CA ARG D 237 6.40 6.12 -38.40
C ARG D 237 7.53 5.14 -38.66
N SER D 238 7.18 3.95 -39.13
CA SER D 238 8.14 2.91 -39.43
C SER D 238 9.22 3.37 -40.42
N ASP D 239 8.90 4.34 -41.30
CA ASP D 239 9.87 4.72 -42.33
C ASP D 239 10.92 5.73 -41.84
N SER D 240 10.86 6.19 -40.59
CA SER D 240 11.86 7.15 -40.10
C SER D 240 12.22 6.79 -38.66
N ILE D 241 13.30 6.04 -38.49
CA ILE D 241 13.77 5.55 -37.20
C ILE D 241 14.95 6.41 -36.79
N THR D 242 14.72 7.38 -35.90
CA THR D 242 15.71 8.40 -35.57
C THR D 242 16.00 8.56 -34.07
N ASN D 243 15.40 7.77 -33.19
CA ASN D 243 15.65 7.93 -31.76
C ASN D 243 15.42 6.60 -31.07
N MET D 244 15.62 6.59 -29.75
CA MET D 244 15.52 5.34 -29.02
C MET D 244 14.11 4.77 -29.02
N LEU D 245 13.11 5.65 -28.84
CA LEU D 245 11.75 5.15 -28.80
C LEU D 245 11.33 4.54 -30.14
N ASP D 246 11.78 5.17 -31.24
CA ASP D 246 11.59 4.56 -32.56
C ASP D 246 12.21 3.16 -32.64
N THR D 247 13.44 3.03 -32.17
CA THR D 247 14.10 1.74 -32.26
C THR D 247 13.31 0.68 -31.49
N LEU D 248 12.79 1.04 -30.32
CA LEU D 248 12.03 0.08 -29.53
C LEU D 248 10.69 -0.26 -30.16
N MET D 249 9.99 0.74 -30.74
CA MET D 249 8.68 0.47 -31.33
C MET D 249 8.81 -0.33 -32.61
N GLN D 250 9.86 -0.05 -33.39
CA GLN D 250 10.12 -0.84 -34.59
C GLN D 250 10.39 -2.31 -34.25
N ALA D 251 11.20 -2.57 -33.21
CA ALA D 251 11.40 -3.95 -32.81
C ALA D 251 10.05 -4.60 -32.43
N LYS D 252 9.22 -3.90 -31.67
CA LYS D 252 7.92 -4.48 -31.34
C LYS D 252 7.13 -4.78 -32.61
N MET D 253 7.18 -3.88 -33.61
CA MET D 253 6.42 -4.07 -34.83
C MET D 253 6.89 -5.29 -35.59
N ASN D 254 8.22 -5.46 -35.71
CA ASN D 254 8.79 -6.57 -36.46
C ASN D 254 8.72 -7.91 -35.73
N SER D 255 8.19 -7.98 -34.51
CA SER D 255 8.01 -9.25 -33.83
C SER D 255 6.57 -9.76 -33.93
N ASP D 256 5.61 -8.87 -34.14
CA ASP D 256 4.21 -9.23 -34.40
C ASP D 256 4.00 -9.69 -35.85
N ASP D 265 10.20 -12.33 -29.22
CA ASP D 265 10.62 -11.00 -28.78
C ASP D 265 9.44 -10.12 -28.36
N SER D 266 8.23 -10.49 -28.81
CA SER D 266 7.06 -9.64 -28.63
C SER D 266 6.72 -9.44 -27.16
N GLU D 267 6.72 -10.53 -26.39
CA GLU D 267 6.47 -10.41 -24.95
C GLU D 267 7.48 -9.50 -24.27
N LEU D 268 8.72 -9.45 -24.79
CA LEU D 268 9.78 -8.65 -24.19
C LEU D 268 9.70 -7.16 -24.53
N LEU D 269 8.73 -6.74 -25.34
CA LEU D 269 8.65 -5.33 -25.75
C LEU D 269 7.29 -4.74 -25.41
N SER D 270 6.72 -5.17 -24.29
CA SER D 270 5.53 -4.53 -23.79
C SER D 270 5.80 -3.06 -23.53
N ASP D 271 4.73 -2.28 -23.39
CA ASP D 271 4.87 -0.86 -23.11
C ASP D 271 5.69 -0.63 -21.84
N ASN D 272 5.44 -1.40 -20.78
CA ASN D 272 6.18 -1.19 -19.54
C ASN D 272 7.65 -1.56 -19.70
N HIS D 273 7.96 -2.54 -20.53
CA HIS D 273 9.35 -2.79 -20.88
C HIS D 273 9.94 -1.62 -21.65
N ILE D 274 9.20 -1.10 -22.65
CA ILE D 274 9.73 0.02 -23.41
C ILE D 274 9.96 1.20 -22.48
N LEU D 275 8.96 1.50 -21.65
CA LEU D 275 9.04 2.67 -20.77
C LEU D 275 10.22 2.58 -19.80
N THR D 276 10.44 1.40 -19.21
CA THR D 276 11.49 1.26 -18.21
C THR D 276 12.89 1.40 -18.85
N THR D 277 13.08 0.84 -20.04
CA THR D 277 14.36 1.05 -20.73
C THR D 277 14.56 2.54 -21.04
N ILE D 278 13.53 3.22 -21.53
CA ILE D 278 13.68 4.64 -21.77
C ILE D 278 14.05 5.35 -20.48
N GLY D 279 13.39 4.99 -19.38
CA GLY D 279 13.71 5.59 -18.09
C GLY D 279 15.13 5.32 -17.64
N ASP D 280 15.65 4.14 -17.93
CA ASP D 280 17.04 3.86 -17.57
C ASP D 280 17.99 4.76 -18.34
N ILE D 281 17.77 4.86 -19.66
CA ILE D 281 18.65 5.67 -20.50
C ILE D 281 18.52 7.16 -20.15
N PHE D 282 17.28 7.63 -20.03
CA PHE D 282 17.04 9.02 -19.71
C PHE D 282 17.61 9.37 -18.36
N GLY D 283 17.36 8.54 -17.35
CA GLY D 283 17.85 8.86 -16.02
C GLY D 283 19.37 8.83 -15.98
N ALA D 284 19.98 7.81 -16.58
CA ALA D 284 21.45 7.75 -16.53
C ALA D 284 22.06 8.88 -17.31
N GLY D 285 21.48 9.22 -18.45
CA GLY D 285 22.07 10.24 -19.31
C GLY D 285 22.13 11.60 -18.65
N VAL D 286 21.29 11.84 -17.66
CA VAL D 286 21.22 13.12 -16.99
C VAL D 286 22.06 13.13 -15.72
N GLU D 287 21.88 12.13 -14.85
CA GLU D 287 22.47 12.22 -13.52
C GLU D 287 23.97 11.97 -13.52
N THR D 288 24.46 11.06 -14.37
CA THR D 288 25.89 10.75 -14.37
C THR D 288 26.72 11.92 -14.88
N THR D 289 26.37 12.45 -16.05
CA THR D 289 27.21 13.48 -16.64
C THR D 289 27.16 14.77 -15.85
N THR D 290 25.97 15.16 -15.39
CA THR D 290 25.88 16.35 -14.55
C THR D 290 26.77 16.22 -13.34
N SER D 291 26.75 15.04 -12.71
CA SER D 291 27.56 14.83 -11.52
C SER D 291 29.05 14.95 -11.84
N VAL D 292 29.49 14.36 -12.96
CA VAL D 292 30.91 14.44 -13.27
C VAL D 292 31.35 15.87 -13.61
N VAL D 293 30.50 16.64 -14.30
CA VAL D 293 30.85 18.04 -14.55
C VAL D 293 31.04 18.78 -13.24
N LYS D 294 30.14 18.54 -12.28
CA LYS D 294 30.21 19.24 -11.00
C LYS D 294 31.46 18.86 -10.23
N TRP D 295 31.79 17.57 -10.19
CA TRP D 295 33.03 17.16 -9.56
C TRP D 295 34.25 17.79 -10.23
N THR D 296 34.26 17.86 -11.56
CA THR D 296 35.43 18.42 -12.23
C THR D 296 35.63 19.88 -11.84
N LEU D 297 34.55 20.66 -11.87
CA LEU D 297 34.64 22.07 -11.52
C LEU D 297 35.07 22.23 -10.07
N ALA D 298 34.60 21.36 -9.19
CA ALA D 298 35.04 21.43 -7.79
C ALA D 298 36.53 21.17 -7.66
N PHE D 299 37.05 20.17 -8.39
CA PHE D 299 38.49 19.90 -8.32
C PHE D 299 39.29 21.07 -8.89
N LEU D 300 38.81 21.67 -9.97
CA LEU D 300 39.57 22.78 -10.56
C LEU D 300 39.61 23.98 -9.62
N LEU D 301 38.53 24.21 -8.85
CA LEU D 301 38.56 25.32 -7.90
C LEU D 301 39.54 25.05 -6.79
N HIS D 302 39.76 23.78 -6.44
CA HIS D 302 40.78 23.43 -5.45
C HIS D 302 42.18 23.44 -6.06
N ASN D 303 42.29 23.46 -7.39
CA ASN D 303 43.58 23.35 -8.08
C ASN D 303 43.69 24.45 -9.14
N PRO D 304 43.85 25.70 -8.71
CA PRO D 304 43.97 26.79 -9.69
C PRO D 304 45.15 26.61 -10.63
N GLN D 305 46.23 25.94 -10.21
CA GLN D 305 47.36 25.76 -11.13
C GLN D 305 47.00 24.85 -12.30
N VAL D 306 46.20 23.81 -12.06
CA VAL D 306 45.74 23.00 -13.18
C VAL D 306 44.79 23.81 -14.06
N LYS D 307 43.90 24.56 -13.44
CA LYS D 307 42.92 25.36 -14.18
C LYS D 307 43.60 26.36 -15.11
N LYS D 308 44.62 27.02 -14.64
CA LYS D 308 45.34 27.99 -15.43
C LYS D 308 45.97 27.31 -16.63
N LYS D 309 46.58 26.15 -16.44
CA LYS D 309 47.21 25.48 -17.56
C LYS D 309 46.16 25.02 -18.57
N LEU D 310 44.94 24.70 -18.12
CA LEU D 310 43.88 24.32 -19.05
C LEU D 310 43.46 25.51 -19.89
N TYR D 311 43.36 26.69 -19.27
CA TYR D 311 43.11 27.93 -20.02
C TYR D 311 44.20 28.16 -21.08
N GLU D 312 45.46 28.00 -20.68
CA GLU D 312 46.56 28.15 -21.64
C GLU D 312 46.42 27.16 -22.77
N GLU D 313 46.08 25.91 -22.43
CA GLU D 313 46.01 24.88 -23.46
C GLU D 313 44.94 25.20 -24.48
N ILE D 314 43.75 25.60 -24.01
CA ILE D 314 42.66 25.86 -24.95
C ILE D 314 42.95 27.14 -25.74
N ASP D 315 43.53 28.15 -25.10
CA ASP D 315 43.81 29.41 -25.80
C ASP D 315 44.87 29.22 -26.89
N GLN D 316 45.89 28.39 -26.62
CA GLN D 316 46.93 28.15 -27.60
C GLN D 316 46.50 27.18 -28.68
N ASN D 317 45.66 26.22 -28.33
CA ASN D 317 45.25 25.19 -29.26
C ASN D 317 43.94 25.41 -29.99
N VAL D 318 42.92 25.99 -29.36
CA VAL D 318 41.71 26.28 -30.09
C VAL D 318 41.59 27.76 -30.43
N GLY D 319 41.92 28.63 -29.48
CA GLY D 319 41.79 30.04 -29.65
C GLY D 319 40.34 30.43 -29.57
N PHE D 320 40.04 31.51 -30.25
CA PHE D 320 38.71 32.07 -30.24
C PHE D 320 38.15 32.22 -31.65
N SER D 321 38.82 31.68 -32.65
CA SER D 321 38.27 31.70 -34.00
C SER D 321 36.99 30.88 -34.11
N ARG D 322 36.84 29.87 -33.27
CA ARG D 322 35.73 28.92 -33.40
C ARG D 322 35.50 28.29 -32.03
N THR D 323 34.41 27.57 -31.91
CA THR D 323 34.13 26.84 -30.69
C THR D 323 34.77 25.47 -30.73
N PRO D 324 34.95 24.83 -29.56
CA PRO D 324 35.59 23.50 -29.53
C PRO D 324 34.80 22.40 -30.23
N THR D 325 35.54 21.42 -30.73
CA THR D 325 35.00 20.30 -31.38
C THR D 325 35.58 19.01 -30.78
N ILE D 326 35.08 17.85 -31.13
CA ILE D 326 35.46 16.51 -30.70
C ILE D 326 36.85 16.20 -31.20
N SER D 327 37.16 16.72 -32.38
CA SER D 327 38.48 16.54 -32.90
C SER D 327 39.53 17.27 -32.06
N ASP D 328 39.15 18.27 -31.27
CA ASP D 328 40.12 18.93 -30.39
C ASP D 328 40.61 18.01 -29.26
N ARG D 329 40.06 16.79 -29.14
CA ARG D 329 40.59 15.84 -28.16
C ARG D 329 42.05 15.49 -28.43
N ASN D 330 42.47 15.52 -29.69
CA ASN D 330 43.84 15.27 -30.10
C ASN D 330 44.81 16.35 -29.59
N ARG D 331 44.30 17.52 -29.28
CA ARG D 331 45.08 18.66 -28.85
C ARG D 331 44.94 19.06 -27.38
N LEU D 332 43.75 19.05 -26.81
CA LEU D 332 43.57 19.45 -25.42
C LEU D 332 43.81 18.27 -24.47
N LEU D 333 45.09 17.86 -24.41
CA LEU D 333 45.47 16.63 -23.69
C LEU D 333 45.29 16.79 -22.18
N LEU D 334 45.62 17.97 -21.66
CA LEU D 334 45.44 18.20 -20.24
C LEU D 334 43.96 18.15 -19.87
N LEU D 335 43.07 18.58 -20.75
CA LEU D 335 41.66 18.49 -20.45
C LEU D 335 41.22 17.03 -20.40
N GLU D 336 41.64 16.24 -21.38
CA GLU D 336 41.31 14.82 -21.36
C GLU D 336 41.90 14.14 -20.14
N ALA D 337 43.14 14.49 -19.77
CA ALA D 337 43.75 13.87 -18.58
C ALA D 337 43.01 14.24 -17.31
N THR D 338 42.55 15.49 -17.25
CA THR D 338 41.81 15.95 -16.08
C THR D 338 40.52 15.15 -15.90
N ILE D 339 39.78 14.93 -16.99
CA ILE D 339 38.54 14.17 -16.93
C ILE D 339 38.82 12.73 -16.52
N ARG D 340 39.88 12.14 -17.07
CA ARG D 340 40.28 10.81 -16.65
C ARG D 340 40.58 10.75 -15.17
N GLU D 341 41.21 11.81 -14.64
CA GLU D 341 41.60 11.83 -13.24
C GLU D 341 40.41 12.02 -12.31
N VAL D 342 39.43 12.82 -12.73
CA VAL D 342 38.18 12.90 -11.97
C VAL D 342 37.48 11.54 -11.98
N LEU D 343 37.41 10.88 -13.16
CA LEU D 343 36.75 9.58 -13.14
C LEU D 343 37.52 8.56 -12.30
N ARG D 344 38.82 8.78 -12.06
CA ARG D 344 39.55 7.92 -11.13
C ARG D 344 39.23 8.27 -9.67
N LEU D 345 39.39 9.54 -9.31
CA LEU D 345 39.32 9.96 -7.92
C LEU D 345 37.90 9.83 -7.35
N ARG D 346 36.91 10.15 -8.14
CA ARG D 346 35.53 10.18 -7.70
C ARG D 346 34.70 9.44 -8.74
N PRO D 347 34.80 8.11 -8.80
CA PRO D 347 34.05 7.39 -9.81
C PRO D 347 32.56 7.61 -9.61
N VAL D 348 31.86 7.74 -10.74
CA VAL D 348 30.41 7.88 -10.71
C VAL D 348 29.79 6.73 -9.93
N ALA D 349 30.29 5.52 -10.13
CA ALA D 349 29.81 4.32 -9.48
C ALA D 349 30.97 3.65 -8.77
N PRO D 350 31.26 4.06 -7.54
CA PRO D 350 32.44 3.52 -6.83
C PRO D 350 32.36 2.04 -6.48
N MET D 351 31.18 1.42 -6.57
CA MET D 351 31.01 -0.03 -6.43
C MET D 351 30.24 -0.59 -7.63
N LEU D 352 30.43 0.00 -8.80
CA LEU D 352 29.71 -0.38 -10.02
C LEU D 352 28.22 -0.46 -9.65
N ILE D 353 27.52 -1.42 -10.22
CA ILE D 353 26.19 -1.89 -9.84
C ILE D 353 26.43 -3.34 -9.42
N PRO D 354 25.72 -3.87 -8.44
CA PRO D 354 25.98 -5.24 -8.01
C PRO D 354 25.81 -6.24 -9.14
N HIS D 355 26.76 -7.18 -9.20
CA HIS D 355 26.73 -8.35 -10.08
C HIS D 355 26.20 -9.52 -9.28
N LYS D 356 25.90 -10.60 -9.98
CA LYS D 356 25.38 -11.82 -9.37
C LYS D 356 25.90 -13.01 -10.18
N ALA D 357 26.29 -14.05 -9.47
CA ALA D 357 26.72 -15.29 -10.10
C ALA D 357 25.51 -15.99 -10.70
N ASN D 358 25.52 -16.22 -12.00
CA ASN D 358 24.42 -16.92 -12.66
C ASN D 358 24.50 -18.42 -12.52
N VAL D 359 25.69 -18.94 -12.24
CA VAL D 359 26.03 -20.35 -12.15
C VAL D 359 27.10 -20.48 -11.08
N ASP D 360 27.32 -21.70 -10.62
CA ASP D 360 28.49 -21.99 -9.79
C ASP D 360 29.75 -21.66 -10.60
N SER D 361 30.64 -20.85 -10.04
CA SER D 361 31.81 -20.41 -10.78
C SER D 361 32.94 -20.16 -9.79
N SER D 362 33.87 -19.27 -10.14
CA SER D 362 34.99 -19.03 -9.24
C SER D 362 35.59 -17.67 -9.58
N ILE D 363 36.28 -17.12 -8.59
CA ILE D 363 37.06 -15.90 -8.73
C ILE D 363 38.44 -16.23 -8.17
N GLY D 364 39.46 -16.10 -9.00
CA GLY D 364 40.77 -16.56 -8.57
C GLY D 364 40.65 -18.00 -8.17
N GLU D 365 41.23 -18.36 -7.03
CA GLU D 365 41.17 -19.74 -6.56
C GLU D 365 39.94 -20.04 -5.72
N PHE D 366 39.03 -19.09 -5.58
CA PHE D 366 37.87 -19.24 -4.68
C PHE D 366 36.59 -19.64 -5.41
N ALA D 367 35.86 -20.56 -4.77
CA ALA D 367 34.54 -20.97 -5.25
C ALA D 367 33.52 -19.88 -4.95
N VAL D 368 32.59 -19.69 -5.88
CA VAL D 368 31.46 -18.77 -5.70
C VAL D 368 30.22 -19.52 -6.16
N ASP D 369 29.27 -19.69 -5.26
CA ASP D 369 28.08 -20.42 -5.62
C ASP D 369 27.11 -19.57 -6.42
N LYS D 370 26.29 -20.23 -7.24
CA LYS D 370 25.21 -19.56 -7.97
C LYS D 370 24.34 -18.75 -7.02
N GLY D 371 23.95 -17.54 -7.46
CA GLY D 371 23.11 -16.65 -6.69
C GLY D 371 23.87 -15.72 -5.76
N THR D 372 25.17 -15.93 -5.59
CA THR D 372 25.96 -15.05 -4.76
C THR D 372 26.02 -13.67 -5.39
N GLU D 373 25.84 -12.65 -4.57
CA GLU D 373 26.05 -11.28 -5.00
C GLU D 373 27.57 -10.98 -4.97
N VAL D 374 28.05 -10.34 -6.04
CA VAL D 374 29.44 -9.97 -6.21
C VAL D 374 29.49 -8.46 -6.45
N ILE D 375 30.27 -7.76 -5.63
CA ILE D 375 30.45 -6.32 -5.70
C ILE D 375 31.89 -6.02 -6.06
N ILE D 376 32.11 -5.23 -7.08
CA ILE D 376 33.45 -4.75 -7.40
C ILE D 376 33.65 -3.41 -6.69
N ASN D 377 34.68 -3.35 -5.88
CA ASN D 377 34.99 -2.09 -5.19
C ASN D 377 35.91 -1.27 -6.08
N LEU D 378 35.29 -0.50 -6.98
CA LEU D 378 36.06 0.30 -7.93
C LEU D 378 36.90 1.35 -7.23
N TRP D 379 36.41 1.90 -6.11
CA TRP D 379 37.21 2.82 -5.34
C TRP D 379 38.53 2.19 -4.95
N ALA D 380 38.50 0.96 -4.45
CA ALA D 380 39.73 0.31 -4.04
C ALA D 380 40.67 0.14 -5.23
N LEU D 381 40.14 -0.17 -6.40
CA LEU D 381 40.97 -0.28 -7.59
C LEU D 381 41.64 1.05 -7.91
N HIS D 382 40.91 2.16 -7.79
CA HIS D 382 41.37 3.47 -8.19
C HIS D 382 42.24 4.16 -7.14
N HIS D 383 42.30 3.66 -5.90
CA HIS D 383 43.08 4.30 -4.84
C HIS D 383 44.15 3.41 -4.23
N ASN D 384 44.35 2.20 -4.76
CA ASN D 384 45.32 1.25 -4.20
C ASN D 384 46.73 1.80 -4.38
N GLU D 385 47.45 1.94 -3.27
CA GLU D 385 48.77 2.59 -3.27
C GLU D 385 49.78 1.85 -4.12
N LYS D 386 49.61 0.55 -4.29
CA LYS D 386 50.55 -0.20 -5.11
C LYS D 386 50.32 0.00 -6.59
N GLU D 387 49.15 0.50 -6.95
CA GLU D 387 48.82 0.66 -8.36
C GLU D 387 48.96 2.06 -8.86
N TRP D 388 49.02 3.03 -7.96
CA TRP D 388 49.04 4.43 -8.30
C TRP D 388 50.04 5.14 -7.43
N HIS D 389 50.68 6.17 -7.99
CA HIS D 389 51.52 7.07 -7.20
C HIS D 389 50.65 8.17 -6.59
N GLN D 390 50.66 8.25 -5.25
CA GLN D 390 49.86 9.19 -4.45
C GLN D 390 48.40 9.21 -4.90
N PRO D 391 47.67 8.10 -4.70
CA PRO D 391 46.30 8.03 -5.23
C PRO D 391 45.35 9.01 -4.61
N ASP D 392 45.67 9.53 -3.43
CA ASP D 392 44.80 10.49 -2.75
C ASP D 392 44.82 11.86 -3.42
N GLN D 393 45.75 12.12 -4.33
CA GLN D 393 45.98 13.46 -4.84
C GLN D 393 45.40 13.64 -6.24
N PHE D 394 44.83 14.81 -6.48
CA PHE D 394 44.39 15.17 -7.82
C PHE D 394 45.60 15.54 -8.65
N MET D 395 45.97 14.67 -9.56
CA MET D 395 47.14 14.89 -10.41
C MET D 395 46.83 14.44 -11.80
N PRO D 396 46.18 15.27 -12.62
CA PRO D 396 45.91 14.92 -13.99
C PRO D 396 47.14 14.50 -14.77
N GLU D 397 48.33 14.95 -14.33
CA GLU D 397 49.56 14.67 -15.08
C GLU D 397 49.89 13.18 -15.12
N ARG D 398 49.33 12.38 -14.22
CA ARG D 398 49.59 10.94 -14.25
C ARG D 398 49.09 10.28 -15.52
N PHE D 399 48.18 10.92 -16.26
CA PHE D 399 47.65 10.40 -17.51
C PHE D 399 48.36 10.96 -18.73
N LEU D 400 49.46 11.69 -18.53
CA LEU D 400 50.27 12.19 -19.63
C LEU D 400 51.71 11.74 -19.43
N ASN D 401 52.42 11.51 -20.54
CA ASN D 401 53.85 11.24 -20.45
C ASN D 401 54.56 12.42 -19.79
N PRO D 402 55.80 12.22 -19.33
CA PRO D 402 56.49 13.32 -18.62
C PRO D 402 56.59 14.62 -19.41
N ALA D 403 56.60 14.53 -20.74
CA ALA D 403 56.66 15.72 -21.59
C ALA D 403 55.33 16.44 -21.76
N GLY D 404 54.21 15.83 -21.35
CA GLY D 404 52.92 16.42 -21.63
C GLY D 404 52.48 16.35 -23.09
N THR D 405 53.07 15.45 -23.86
CA THR D 405 52.78 15.40 -25.29
C THR D 405 51.87 14.26 -25.72
N GLN D 406 51.60 13.30 -24.84
CA GLN D 406 50.80 12.14 -25.18
C GLN D 406 50.01 11.69 -23.96
N LEU D 407 48.79 11.22 -24.19
CA LEU D 407 48.00 10.58 -23.15
C LEU D 407 48.52 9.16 -22.96
N ILE D 408 48.54 8.71 -21.71
CA ILE D 408 48.98 7.36 -21.39
C ILE D 408 47.97 6.69 -20.48
N SER D 409 48.14 5.37 -20.33
CA SER D 409 47.44 4.55 -19.35
C SER D 409 48.42 4.20 -18.25
N PRO D 410 48.48 4.97 -17.16
CA PRO D 410 49.50 4.70 -16.12
C PRO D 410 49.25 3.44 -15.34
N SER D 411 48.05 2.87 -15.40
CA SER D 411 47.75 1.77 -14.49
C SER D 411 46.74 0.83 -15.11
N VAL D 412 46.90 -0.47 -14.81
CA VAL D 412 45.91 -1.47 -15.20
C VAL D 412 44.72 -1.56 -14.26
N SER D 413 44.75 -0.85 -13.14
CA SER D 413 43.69 -0.88 -12.12
C SER D 413 42.76 0.32 -12.25
N TYR D 414 42.16 0.47 -13.44
CA TYR D 414 41.41 1.68 -13.81
C TYR D 414 40.27 1.23 -14.72
N LEU D 415 39.05 1.34 -14.21
CA LEU D 415 37.91 0.82 -14.95
C LEU D 415 36.68 1.69 -14.71
N PRO D 416 36.76 2.99 -15.05
CA PRO D 416 35.65 3.89 -14.70
C PRO D 416 34.31 3.51 -15.28
N PHE D 417 34.28 2.84 -16.44
CA PHE D 417 33.04 2.45 -17.10
C PHE D 417 32.79 0.95 -17.02
N GLY D 418 33.47 0.25 -16.12
CA GLY D 418 33.28 -1.17 -16.07
C GLY D 418 33.90 -1.82 -17.29
N ALA D 419 33.44 -3.03 -17.57
CA ALA D 419 33.96 -3.85 -18.64
C ALA D 419 33.10 -5.09 -18.76
N GLY D 420 33.12 -5.68 -19.95
CA GLY D 420 32.45 -6.93 -20.20
C GLY D 420 30.97 -6.74 -20.45
N PRO D 421 30.21 -7.81 -20.24
CA PRO D 421 28.78 -7.79 -20.53
C PRO D 421 27.96 -6.71 -19.88
N ARG D 422 28.25 -6.30 -18.65
CA ARG D 422 27.49 -5.27 -18.00
C ARG D 422 28.19 -3.90 -18.05
N SER D 423 29.12 -3.65 -18.99
CA SER D 423 29.82 -2.38 -19.08
C SER D 423 28.84 -1.28 -19.49
N CYS D 424 29.25 -0.05 -19.23
CA CYS D 424 28.42 1.10 -19.50
C CYS D 424 28.15 1.27 -21.00
N ILE D 425 26.88 1.40 -21.34
CA ILE D 425 26.54 1.58 -22.74
C ILE D 425 26.53 3.05 -23.13
N GLY D 426 26.65 3.97 -22.16
CA GLY D 426 26.67 5.39 -22.48
C GLY D 426 28.06 6.01 -22.47
N GLU D 427 29.09 5.16 -22.50
CA GLU D 427 30.45 5.67 -22.35
C GLU D 427 30.77 6.69 -23.45
N ILE D 428 30.45 6.37 -24.70
CA ILE D 428 30.79 7.28 -25.78
C ILE D 428 30.09 8.62 -25.60
N LEU D 429 28.79 8.58 -25.36
CA LEU D 429 28.05 9.81 -25.10
C LEU D 429 28.63 10.57 -23.91
N ALA D 430 28.95 9.85 -22.82
CA ALA D 430 29.45 10.51 -21.62
C ALA D 430 30.77 11.23 -21.91
N ARG D 431 31.70 10.53 -22.55
CA ARG D 431 33.01 11.12 -22.82
C ARG D 431 32.90 12.34 -23.75
N GLN D 432 32.02 12.31 -24.76
CA GLN D 432 31.88 13.48 -25.63
C GLN D 432 31.21 14.63 -24.89
N GLU D 433 30.14 14.34 -24.13
CA GLU D 433 29.53 15.39 -23.33
C GLU D 433 30.54 16.01 -22.37
N LEU D 434 31.31 15.19 -21.65
CA LEU D 434 32.21 15.75 -20.64
C LEU D 434 33.27 16.66 -21.27
N PHE D 435 33.87 16.20 -22.37
CA PHE D 435 34.92 16.97 -23.00
C PHE D 435 34.38 18.27 -23.54
N LEU D 436 33.29 18.21 -24.28
CA LEU D 436 32.78 19.42 -24.93
C LEU D 436 32.26 20.42 -23.91
N ILE D 437 31.59 19.94 -22.87
CA ILE D 437 31.10 20.87 -21.86
C ILE D 437 32.27 21.61 -21.23
N MET D 438 33.30 20.86 -20.82
CA MET D 438 34.43 21.50 -20.16
C MET D 438 35.21 22.38 -21.14
N ALA D 439 35.33 21.95 -22.41
CA ALA D 439 36.05 22.77 -23.38
C ALA D 439 35.33 24.08 -23.65
N TRP D 440 34.02 24.03 -23.88
CA TRP D 440 33.28 25.27 -24.11
C TRP D 440 33.31 26.17 -22.87
N LEU D 441 33.15 25.58 -21.69
CA LEU D 441 33.12 26.37 -20.46
C LEU D 441 34.44 27.08 -20.23
N LEU D 442 35.57 26.38 -20.42
CA LEU D 442 36.87 26.99 -20.18
C LEU D 442 37.23 28.00 -21.28
N GLN D 443 36.80 27.75 -22.50
CA GLN D 443 37.06 28.73 -23.54
C GLN D 443 36.41 30.06 -23.19
N ARG D 444 35.24 30.05 -22.54
CA ARG D 444 34.41 31.24 -22.44
C ARG D 444 34.35 31.86 -21.06
N PHE D 445 34.56 31.09 -19.99
CA PHE D 445 34.25 31.57 -18.65
C PHE D 445 35.43 31.46 -17.73
N ASP D 446 35.61 32.50 -16.91
CA ASP D 446 36.42 32.40 -15.69
C ASP D 446 35.56 31.71 -14.65
N LEU D 447 36.10 30.68 -14.01
CA LEU D 447 35.37 29.90 -13.02
C LEU D 447 36.17 29.98 -11.74
N GLU D 448 35.65 30.70 -10.75
CA GLU D 448 36.43 31.07 -9.58
C GLU D 448 35.68 30.79 -8.30
N VAL D 449 36.43 30.73 -7.20
CA VAL D 449 35.78 30.62 -5.90
C VAL D 449 34.91 31.84 -5.69
N PRO D 450 33.70 31.75 -5.07
CA PRO D 450 32.98 32.96 -4.72
C PRO D 450 33.76 33.97 -3.84
N ASP D 451 33.21 35.18 -3.74
CA ASP D 451 33.87 36.27 -3.01
C ASP D 451 34.16 35.94 -1.56
N ASP D 452 33.23 35.23 -0.93
CA ASP D 452 33.38 34.70 0.43
C ASP D 452 34.50 33.67 0.63
N GLY D 453 35.00 33.05 -0.42
CA GLY D 453 36.11 32.16 -0.28
C GLY D 453 35.73 30.75 0.06
N GLN D 454 34.46 30.42 0.02
CA GLN D 454 34.07 29.08 0.37
C GLN D 454 34.39 28.05 -0.73
N LEU D 455 35.18 27.04 -0.42
CA LEU D 455 35.53 26.00 -1.37
C LEU D 455 34.53 24.84 -1.29
N PRO D 456 34.29 24.16 -2.41
CA PRO D 456 33.38 23.00 -2.36
C PRO D 456 34.00 21.87 -1.57
N SER D 457 33.18 21.19 -0.81
CA SER D 457 33.58 19.96 -0.16
C SER D 457 33.68 18.84 -1.19
N LEU D 458 34.81 18.11 -1.16
CA LEU D 458 35.07 16.96 -2.03
C LEU D 458 34.80 15.61 -1.34
N GLU D 459 34.16 15.61 -0.19
CA GLU D 459 33.92 14.37 0.53
C GLU D 459 32.95 13.48 -0.23
N GLY D 460 31.93 14.08 -0.84
CA GLY D 460 31.00 13.33 -1.66
C GLY D 460 29.88 12.71 -0.86
N ILE D 461 28.86 12.30 -1.60
CA ILE D 461 27.65 11.68 -1.07
C ILE D 461 27.41 10.38 -1.83
N PRO D 462 27.78 9.21 -1.31
CA PRO D 462 27.55 7.95 -2.05
C PRO D 462 26.07 7.64 -2.15
N LYS D 463 25.56 7.61 -3.37
CA LYS D 463 24.21 7.17 -3.66
C LYS D 463 24.33 6.15 -4.77
N VAL D 464 23.25 5.90 -5.51
CA VAL D 464 23.38 5.08 -6.71
C VAL D 464 24.38 5.69 -7.69
N VAL D 465 24.54 7.02 -7.65
CA VAL D 465 25.61 7.78 -8.28
C VAL D 465 26.36 8.47 -7.14
N PHE D 466 27.68 8.64 -7.31
CA PHE D 466 28.53 9.29 -6.29
C PHE D 466 28.41 10.79 -6.42
N LEU D 467 27.58 11.42 -5.60
CA LEU D 467 27.27 12.85 -5.77
C LEU D 467 28.21 13.74 -5.01
N ILE D 468 28.27 15.02 -5.43
CA ILE D 468 29.00 16.02 -4.65
C ILE D 468 27.99 16.93 -3.98
N ASP D 469 28.36 17.44 -2.80
CA ASP D 469 27.52 18.43 -2.14
C ASP D 469 27.40 19.63 -3.05
N SER D 470 26.24 20.26 -3.02
CA SER D 470 26.00 21.48 -3.78
C SER D 470 27.01 22.55 -3.40
N PHE D 471 27.46 23.29 -4.39
CA PHE D 471 28.43 24.36 -4.17
C PHE D 471 28.19 25.45 -5.19
N LYS D 472 28.77 26.61 -4.94
CA LYS D 472 28.67 27.76 -5.84
C LYS D 472 30.01 28.12 -6.43
N VAL D 473 29.95 28.71 -7.62
CA VAL D 473 31.12 29.14 -8.37
C VAL D 473 30.83 30.54 -8.89
N LYS D 474 31.84 31.40 -8.84
CA LYS D 474 31.75 32.71 -9.48
C LYS D 474 32.09 32.56 -10.95
N ILE D 475 31.18 33.00 -11.81
CA ILE D 475 31.31 32.83 -13.25
C ILE D 475 31.32 34.20 -13.90
N LYS D 476 32.32 34.42 -14.77
CA LYS D 476 32.52 35.63 -15.54
C LYS D 476 32.98 35.28 -16.95
N VAL D 477 32.50 36.05 -17.94
CA VAL D 477 33.04 35.92 -19.29
C VAL D 477 34.49 36.36 -19.25
N ARG D 478 35.36 35.55 -19.85
CA ARG D 478 36.79 35.80 -19.82
C ARG D 478 37.15 37.08 -20.60
N GLN D 479 38.18 37.77 -20.11
CA GLN D 479 38.73 38.89 -20.87
C GLN D 479 39.15 38.44 -22.26
N ALA D 480 39.95 37.37 -22.34
CA ALA D 480 40.37 36.86 -23.65
C ALA D 480 39.17 36.64 -24.57
N TRP D 481 38.05 36.15 -24.04
CA TRP D 481 36.87 35.93 -24.88
C TRP D 481 36.30 37.26 -25.35
N ARG D 482 36.11 38.21 -24.42
CA ARG D 482 35.57 39.52 -24.77
C ARG D 482 36.40 40.19 -25.85
N GLU D 483 37.71 40.33 -25.59
CA GLU D 483 38.61 40.99 -26.52
C GLU D 483 38.57 40.32 -27.88
N ALA D 484 38.45 38.99 -27.90
CA ALA D 484 38.44 38.30 -29.18
C ALA D 484 37.14 38.53 -29.93
N GLN D 485 36.11 39.04 -29.27
CA GLN D 485 34.85 39.32 -29.93
C GLN D 485 34.87 40.64 -30.70
N ALA D 486 35.95 41.42 -30.59
CA ALA D 486 36.03 42.73 -31.26
C ALA D 486 36.51 42.58 -32.70
#